data_7PO7
#
_entry.id   7PO7
#
_cell.length_a   84.262
_cell.length_b   91.197
_cell.length_c   101.317
_cell.angle_alpha   103.457
_cell.angle_beta   89.980
_cell.angle_gamma   104.632
#
_symmetry.space_group_name_H-M   'P 1'
#
loop_
_entity.id
_entity.type
_entity.pdbx_description
1 polymer 'Glycerol-3-phosphate phosphatase'
2 non-polymer 'ACETATE ION'
3 non-polymer 'SULFATE ION'
4 non-polymer GLYCEROL
5 non-polymer 'CALCIUM ION'
6 water water
#
_entity_poly.entity_id   1
_entity_poly.type   'polypeptide(L)'
_entity_poly.pdbx_seq_one_letter_code
;MAEAEAGGDEARCVRLSAERAKLLLAEVDTLLFNCDGVLWRGETAVPGAPETLRALRARGKRLGFITNNSSKTRTAYAEK
LRRLGFGGPVGPEAGLEVFGTAYCSALYLRQRLAGVPDPKAYVLGSPALAAELEAVGVTSVGVGPDVLHGDGPSDWLAVP
LEPDVRAVVVGFDPHFSYMKLTKAVRYLQQPDCLLVGTNMDNRLPLENGRFIAGTGCLVRAVEMAAQRQADIIGKPSRFI
FDCVSQEYGINPERTVMVGDRLDTDILLGSTCSLKTILTLTGVSSLEDVKSNQESDSMFKKKMVPDFYVDSIADLLPALQ
G
;
_entity_poly.pdbx_strand_id   A,B,C,D,E,F,G,H
#
loop_
_chem_comp.id
_chem_comp.type
_chem_comp.name
_chem_comp.formula
ACT non-polymer 'ACETATE ION' 'C2 H3 O2 -1'
CA non-polymer 'CALCIUM ION' 'Ca 2'
GOL non-polymer GLYCEROL 'C3 H8 O3'
SO4 non-polymer 'SULFATE ION' 'O4 S -2'
#
# COMPACT_ATOMS: atom_id res chain seq x y z
N ARG A 12 49.23 10.39 -34.81
CA ARG A 12 50.28 11.38 -35.03
C ARG A 12 50.46 12.27 -33.81
N CYS A 13 50.74 11.67 -32.66
CA CYS A 13 50.85 12.41 -31.40
C CYS A 13 52.01 13.39 -31.44
N VAL A 14 51.68 14.68 -31.31
CA VAL A 14 52.68 15.75 -31.25
C VAL A 14 53.09 15.95 -29.79
N ARG A 15 54.37 16.20 -29.58
CA ARG A 15 54.85 16.58 -28.25
C ARG A 15 54.64 18.08 -28.09
N LEU A 16 53.98 18.49 -26.99
CA LEU A 16 53.59 19.88 -26.83
C LEU A 16 54.73 20.72 -26.29
N SER A 17 54.99 21.85 -26.96
CA SER A 17 55.96 22.84 -26.52
C SER A 17 55.23 24.17 -26.32
N ALA A 18 55.90 25.09 -25.63
CA ALA A 18 55.26 26.36 -25.29
C ALA A 18 54.73 27.07 -26.53
N GLU A 19 55.46 27.00 -27.63
CA GLU A 19 55.01 27.62 -28.89
C GLU A 19 53.74 26.94 -29.40
N ARG A 20 53.74 25.62 -29.46
CA ARG A 20 52.55 24.88 -29.88
C ARG A 20 51.38 25.15 -28.93
N ALA A 21 51.67 25.25 -27.63
CA ALA A 21 50.62 25.53 -26.66
C ALA A 21 49.98 26.88 -26.91
N LYS A 22 50.79 27.90 -27.22
CA LYS A 22 50.25 29.21 -27.56
C LYS A 22 49.35 29.12 -28.80
N LEU A 23 49.83 28.40 -29.81
CA LEU A 23 49.06 28.24 -31.04
C LEU A 23 47.69 27.61 -30.76
N LEU A 24 47.68 26.52 -29.99
CA LEU A 24 46.41 25.88 -29.68
C LEU A 24 45.51 26.80 -28.85
N LEU A 25 46.08 27.47 -27.84
CA LEU A 25 45.26 28.31 -26.97
C LEU A 25 44.52 29.38 -27.77
N ALA A 26 45.17 29.92 -28.81
CA ALA A 26 44.44 30.85 -29.66
C ALA A 26 43.23 30.18 -30.32
N GLU A 27 43.37 28.91 -30.69
CA GLU A 27 42.33 28.18 -31.42
C GLU A 27 41.18 27.71 -30.53
N VAL A 28 41.39 27.57 -29.22
CA VAL A 28 40.40 26.96 -28.33
C VAL A 28 39.83 28.00 -27.37
N ASP A 29 38.50 27.92 -27.16
CA ASP A 29 37.84 28.74 -26.15
C ASP A 29 37.36 27.96 -24.93
N THR A 30 37.22 26.64 -25.03
CA THR A 30 36.71 25.81 -23.95
C THR A 30 37.67 24.66 -23.70
N LEU A 31 38.01 24.43 -22.44
CA LEU A 31 38.88 23.34 -22.04
C LEU A 31 38.12 22.44 -21.07
N LEU A 32 38.04 21.15 -21.40
CA LEU A 32 37.36 20.17 -20.57
C LEU A 32 38.42 19.23 -20.00
N PHE A 33 38.44 19.09 -18.67
CA PHE A 33 39.52 18.39 -17.98
C PHE A 33 38.94 17.19 -17.24
N ASN A 34 39.66 16.08 -17.21
CA ASN A 34 39.40 15.05 -16.21
C ASN A 34 40.08 15.48 -14.92
N CYS A 35 39.48 15.15 -13.78
CA CYS A 35 39.97 15.70 -12.52
C CYS A 35 41.09 14.84 -11.93
N ASP A 36 40.86 13.53 -11.82
CA ASP A 36 41.83 12.63 -11.23
C ASP A 36 42.87 12.19 -12.24
N GLY A 37 44.15 12.36 -11.88
CA GLY A 37 45.25 12.06 -12.77
C GLY A 37 45.70 13.20 -13.65
N VAL A 38 44.92 14.27 -13.69
CA VAL A 38 45.19 15.45 -14.53
C VAL A 38 45.36 16.66 -13.63
N LEU A 39 44.32 16.99 -12.87
CA LEU A 39 44.38 18.12 -11.96
C LEU A 39 44.89 17.71 -10.58
N TRP A 40 44.52 16.52 -10.11
CA TRP A 40 44.97 16.05 -8.81
C TRP A 40 45.02 14.53 -8.76
N ARG A 41 45.84 14.02 -7.83
CA ARG A 41 45.80 12.61 -7.41
C ARG A 41 45.48 12.58 -5.93
N GLY A 42 44.34 11.97 -5.59
CA GLY A 42 43.83 12.04 -4.24
C GLY A 42 43.39 13.45 -3.91
N GLU A 43 43.81 13.95 -2.75
CA GLU A 43 43.49 15.30 -2.32
C GLU A 43 44.64 16.27 -2.55
N THR A 44 45.70 15.85 -3.23
CA THR A 44 46.87 16.66 -3.45
C THR A 44 46.93 17.09 -4.91
N ALA A 45 47.07 18.39 -5.14
CA ALA A 45 47.05 18.95 -6.48
C ALA A 45 48.35 18.69 -7.23
N VAL A 46 48.24 18.59 -8.55
CA VAL A 46 49.40 18.48 -9.44
C VAL A 46 50.19 19.77 -9.41
N PRO A 47 51.52 19.73 -9.34
CA PRO A 47 52.29 20.98 -9.20
C PRO A 47 52.01 21.93 -10.35
N GLY A 48 51.60 23.15 -9.99
CA GLY A 48 51.34 24.19 -10.98
C GLY A 48 49.95 24.18 -11.57
N ALA A 49 49.17 23.12 -11.33
CA ALA A 49 47.85 23.01 -11.97
C ALA A 49 46.87 24.06 -11.49
N PRO A 50 46.74 24.34 -10.19
CA PRO A 50 45.79 25.39 -9.78
C PRO A 50 46.09 26.73 -10.42
N GLU A 51 47.36 27.12 -10.43
CA GLU A 51 47.73 28.40 -11.03
C GLU A 51 47.45 28.44 -12.53
N THR A 52 47.75 27.36 -13.25
CA THR A 52 47.50 27.38 -14.69
C THR A 52 46.01 27.48 -14.98
N LEU A 53 45.16 26.80 -14.18
CA LEU A 53 43.73 26.93 -14.45
C LEU A 53 43.24 28.34 -14.11
N ARG A 54 43.74 28.93 -13.02
CA ARG A 54 43.40 30.32 -12.71
C ARG A 54 43.82 31.25 -13.83
N ALA A 55 45.00 31.03 -14.39
CA ALA A 55 45.49 31.84 -15.49
C ALA A 55 44.62 31.67 -16.73
N LEU A 56 44.21 30.45 -17.04
CA LEU A 56 43.32 30.22 -18.17
C LEU A 56 42.01 30.97 -17.98
N ARG A 57 41.47 30.96 -16.76
CA ARG A 57 40.26 31.72 -16.49
C ARG A 57 40.50 33.21 -16.72
N ALA A 58 41.66 33.72 -16.30
CA ALA A 58 41.98 35.13 -16.52
C ALA A 58 42.12 35.46 -18.00
N ARG A 59 42.64 34.52 -18.80
CA ARG A 59 42.78 34.75 -20.24
C ARG A 59 41.46 34.62 -20.99
N GLY A 60 40.37 34.30 -20.29
CA GLY A 60 39.07 34.20 -20.90
C GLY A 60 38.66 32.81 -21.35
N LYS A 61 39.46 31.79 -21.05
CA LYS A 61 39.11 30.42 -21.41
C LYS A 61 38.03 29.88 -20.48
N ARG A 62 37.10 29.11 -21.06
CA ARG A 62 36.04 28.47 -20.30
C ARG A 62 36.49 27.07 -19.91
N LEU A 63 36.33 26.72 -18.64
CA LEU A 63 36.84 25.47 -18.11
C LEU A 63 35.68 24.56 -17.72
N GLY A 64 35.77 23.30 -18.15
CA GLY A 64 34.82 22.29 -17.76
C GLY A 64 35.56 21.05 -17.26
N PHE A 65 34.86 20.24 -16.49
CA PHE A 65 35.45 19.08 -15.82
C PHE A 65 34.54 17.88 -16.03
N ILE A 66 35.11 16.75 -16.45
CA ILE A 66 34.32 15.55 -16.73
C ILE A 66 34.93 14.40 -15.91
N THR A 67 34.08 13.70 -15.14
CA THR A 67 34.57 12.59 -14.33
C THR A 67 33.63 11.39 -14.42
N ASN A 68 34.22 10.19 -14.32
CA ASN A 68 33.47 8.95 -14.31
C ASN A 68 33.08 8.48 -12.91
N ASN A 69 33.47 9.20 -11.87
CA ASN A 69 33.14 8.81 -10.51
C ASN A 69 31.80 9.38 -10.07
N SER A 70 31.01 8.53 -9.41
CA SER A 70 29.65 8.87 -9.00
C SER A 70 29.53 9.14 -7.51
N SER A 71 30.65 9.34 -6.80
CA SER A 71 30.61 9.43 -5.34
C SER A 71 30.45 10.84 -4.80
N LYS A 72 30.70 11.88 -5.59
CA LYS A 72 30.58 13.25 -5.14
C LYS A 72 29.54 14.00 -5.97
N THR A 73 28.87 14.97 -5.35
CA THR A 73 27.91 15.81 -6.06
C THR A 73 28.67 16.90 -6.82
N ARG A 74 27.97 17.59 -7.73
CA ARG A 74 28.61 18.67 -8.47
C ARG A 74 29.15 19.73 -7.50
N THR A 75 28.35 20.10 -6.51
CA THR A 75 28.77 21.15 -5.58
C THR A 75 30.00 20.71 -4.78
N ALA A 76 30.07 19.41 -4.45
CA ALA A 76 31.23 18.89 -3.72
C ALA A 76 32.49 18.97 -4.57
N TYR A 77 32.40 18.56 -5.84
CA TYR A 77 33.56 18.67 -6.72
C TYR A 77 33.98 20.14 -6.87
N ALA A 78 33.00 21.03 -6.99
CA ALA A 78 33.31 22.45 -7.12
C ALA A 78 34.00 23.00 -5.87
N GLU A 79 33.55 22.57 -4.69
CA GLU A 79 34.20 23.01 -3.46
C GLU A 79 35.62 22.47 -3.38
N LYS A 80 35.83 21.22 -3.78
CA LYS A 80 37.19 20.68 -3.80
C LYS A 80 38.08 21.47 -4.76
N LEU A 81 37.54 21.83 -5.93
CA LEU A 81 38.29 22.65 -6.87
C LEU A 81 38.65 24.00 -6.25
N ARG A 82 37.68 24.62 -5.55
CA ARG A 82 37.93 25.93 -4.95
C ARG A 82 38.97 25.85 -3.84
N ARG A 83 38.88 24.82 -2.98
CA ARG A 83 39.83 24.70 -1.86
C ARG A 83 41.25 24.45 -2.35
N LEU A 84 41.41 23.68 -3.43
CA LEU A 84 42.75 23.41 -3.96
C LEU A 84 43.26 24.52 -4.87
N GLY A 85 42.50 25.59 -5.06
CA GLY A 85 42.98 26.74 -5.79
C GLY A 85 42.68 26.73 -7.27
N PHE A 86 41.86 25.79 -7.74
CA PHE A 86 41.55 25.73 -9.17
C PHE A 86 40.51 26.77 -9.56
N GLY A 87 39.85 27.39 -8.59
CA GLY A 87 38.92 28.45 -8.89
C GLY A 87 37.48 27.98 -8.93
N GLY A 88 36.64 28.88 -9.43
CA GLY A 88 35.23 28.62 -9.59
C GLY A 88 34.73 29.40 -10.77
N PRO A 89 33.47 29.18 -11.17
CA PRO A 89 32.88 29.89 -12.31
C PRO A 89 33.04 31.40 -12.25
N LEU A 96 27.18 25.23 -13.32
CA LEU A 96 28.42 24.64 -12.81
C LEU A 96 29.26 24.03 -13.93
N GLU A 97 30.54 23.82 -13.61
CA GLU A 97 31.55 23.40 -14.56
C GLU A 97 31.87 21.92 -14.48
N VAL A 98 31.34 21.20 -13.48
CA VAL A 98 31.68 19.80 -13.25
C VAL A 98 30.54 18.92 -13.74
N PHE A 99 30.87 17.91 -14.52
CA PHE A 99 29.92 16.94 -15.07
C PHE A 99 30.43 15.55 -14.68
N GLY A 100 29.80 14.97 -13.66
CA GLY A 100 30.12 13.64 -13.21
C GLY A 100 28.99 12.67 -13.56
N THR A 101 29.29 11.37 -13.38
CA THR A 101 28.34 10.35 -13.75
C THR A 101 27.10 10.38 -12.86
N ALA A 102 27.19 10.96 -11.66
CA ALA A 102 26.01 11.11 -10.82
C ALA A 102 25.01 12.06 -11.46
N TYR A 103 25.46 13.28 -11.79
CA TYR A 103 24.57 14.27 -12.40
C TYR A 103 24.06 13.80 -13.75
N CYS A 104 24.96 13.28 -14.59
CA CYS A 104 24.56 12.87 -15.92
CA CYS A 104 24.57 12.86 -15.92
C CYS A 104 23.69 11.62 -15.89
N SER A 105 23.88 10.74 -14.91
CA SER A 105 22.95 9.63 -14.72
C SER A 105 21.56 10.15 -14.35
N ALA A 106 21.51 11.15 -13.46
CA ALA A 106 20.23 11.75 -13.13
C ALA A 106 19.55 12.32 -14.36
N LEU A 107 20.32 12.99 -15.22
CA LEU A 107 19.75 13.54 -16.45
C LEU A 107 19.25 12.44 -17.38
N TYR A 108 20.02 11.35 -17.52
CA TYR A 108 19.59 10.25 -18.37
C TYR A 108 18.26 9.69 -17.88
N LEU A 109 18.14 9.50 -16.56
CA LEU A 109 16.92 8.93 -16.00
C LEU A 109 15.75 9.90 -16.16
N ARG A 110 16.01 11.20 -16.05
CA ARG A 110 14.99 12.20 -16.35
C ARG A 110 14.46 12.00 -17.76
N GLN A 111 15.38 11.85 -18.72
CA GLN A 111 14.96 11.79 -20.12
C GLN A 111 14.20 10.50 -20.42
N ARG A 112 14.71 9.37 -19.92
CA ARG A 112 14.09 8.08 -20.23
C ARG A 112 12.87 7.78 -19.38
N LEU A 113 12.66 8.53 -18.30
CA LEU A 113 11.47 8.38 -17.46
C LEU A 113 10.61 9.63 -17.46
N ALA A 114 10.60 10.38 -18.56
CA ALA A 114 9.88 11.64 -18.60
C ALA A 114 8.38 11.44 -18.44
N GLY A 115 7.83 10.35 -18.97
CA GLY A 115 6.41 10.10 -18.88
C GLY A 115 5.94 9.51 -17.57
N VAL A 116 6.86 9.00 -16.76
CA VAL A 116 6.49 8.35 -15.48
C VAL A 116 6.08 9.42 -14.48
N PRO A 117 4.96 9.25 -13.77
CA PRO A 117 4.52 10.28 -12.81
C PRO A 117 5.36 10.36 -11.55
N ASP A 118 5.68 9.23 -10.91
CA ASP A 118 6.47 9.20 -9.68
C ASP A 118 7.59 8.18 -9.80
N PRO A 119 8.60 8.47 -10.63
CA PRO A 119 9.64 7.47 -10.89
C PRO A 119 10.45 7.14 -9.65
N LYS A 120 10.72 5.84 -9.47
CA LYS A 120 11.56 5.33 -8.40
C LYS A 120 12.61 4.43 -9.03
N ALA A 121 13.80 4.44 -8.44
CA ALA A 121 14.92 3.68 -8.97
C ALA A 121 15.64 2.98 -7.83
N TYR A 122 16.09 1.75 -8.09
CA TYR A 122 16.91 1.01 -7.14
C TYR A 122 18.37 1.34 -7.43
N VAL A 123 19.02 2.02 -6.51
CA VAL A 123 20.36 2.57 -6.71
C VAL A 123 21.34 1.74 -5.91
N LEU A 124 22.17 0.98 -6.61
CA LEU A 124 23.36 0.35 -6.04
C LEU A 124 24.51 1.35 -6.16
N GLY A 125 24.46 2.38 -5.33
CA GLY A 125 25.37 3.49 -5.51
C GLY A 125 25.44 4.40 -4.31
N SER A 126 26.09 5.54 -4.52
CA SER A 126 26.44 6.48 -3.47
C SER A 126 25.25 7.35 -3.08
N PRO A 127 25.32 8.00 -1.91
CA PRO A 127 24.32 9.02 -1.59
C PRO A 127 24.28 10.17 -2.59
N ALA A 128 25.43 10.52 -3.17
CA ALA A 128 25.46 11.61 -4.16
C ALA A 128 24.62 11.26 -5.39
N LEU A 129 24.74 10.02 -5.88
CA LEU A 129 23.93 9.60 -7.02
C LEU A 129 22.45 9.71 -6.70
N ALA A 130 22.05 9.28 -5.50
CA ALA A 130 20.65 9.38 -5.09
C ALA A 130 20.21 10.83 -4.98
N ALA A 131 21.08 11.70 -4.47
CA ALA A 131 20.74 13.12 -4.37
C ALA A 131 20.53 13.73 -5.75
N GLU A 132 21.43 13.43 -6.69
CA GLU A 132 21.29 13.97 -8.05
C GLU A 132 20.00 13.47 -8.68
N LEU A 133 19.65 12.20 -8.45
CA LEU A 133 18.37 11.69 -8.95
C LEU A 133 17.20 12.40 -8.28
N GLU A 134 17.32 12.69 -6.98
CA GLU A 134 16.25 13.39 -6.27
C GLU A 134 16.02 14.77 -6.86
N ALA A 135 17.10 15.46 -7.24
CA ALA A 135 16.97 16.81 -7.79
C ALA A 135 16.19 16.82 -9.10
N VAL A 136 16.31 15.77 -9.92
CA VAL A 136 15.60 15.72 -11.20
C VAL A 136 14.26 15.03 -11.04
N GLY A 137 13.88 14.71 -9.80
CA GLY A 137 12.57 14.16 -9.52
C GLY A 137 12.49 12.65 -9.43
N VAL A 138 13.61 11.95 -9.39
CA VAL A 138 13.63 10.49 -9.30
C VAL A 138 13.94 10.11 -7.87
N THR A 139 12.99 9.42 -7.22
CA THR A 139 13.22 8.88 -5.89
C THR A 139 14.11 7.65 -6.00
N SER A 140 15.03 7.51 -5.05
CA SER A 140 15.98 6.41 -5.05
C SER A 140 15.82 5.58 -3.77
N VAL A 141 15.90 4.26 -3.94
CA VAL A 141 15.85 3.31 -2.83
C VAL A 141 17.01 2.34 -3.01
N GLY A 142 17.56 1.88 -1.89
CA GLY A 142 18.60 0.86 -1.92
C GLY A 142 20.00 1.38 -1.72
N VAL A 143 20.18 2.68 -1.47
CA VAL A 143 21.50 3.19 -1.11
C VAL A 143 21.84 2.73 0.30
N GLY A 144 23.07 2.24 0.48
CA GLY A 144 23.51 1.78 1.78
C GLY A 144 23.59 0.28 1.88
N PRO A 145 23.84 -0.22 3.09
CA PRO A 145 24.02 -1.67 3.27
C PRO A 145 22.74 -2.46 3.08
N ASP A 146 22.90 -3.69 2.56
CA ASP A 146 21.85 -4.71 2.52
C ASP A 146 22.54 -6.07 2.71
N VAL A 147 22.89 -6.38 3.97
CA VAL A 147 23.61 -7.60 4.26
C VAL A 147 22.68 -8.80 4.13
N LEU A 148 23.29 -9.97 3.90
CA LEU A 148 22.52 -11.17 3.64
C LEU A 148 21.67 -11.56 4.85
N HIS A 149 20.43 -11.94 4.58
CA HIS A 149 19.52 -12.49 5.58
C HIS A 149 18.77 -13.66 4.94
N GLY A 150 18.43 -14.63 5.77
CA GLY A 150 17.83 -15.87 5.33
C GLY A 150 18.90 -16.90 4.97
N ASP A 151 18.50 -18.17 4.99
CA ASP A 151 19.45 -19.26 4.80
C ASP A 151 19.41 -19.88 3.42
N GLY A 152 18.45 -19.52 2.57
CA GLY A 152 18.34 -20.12 1.26
C GLY A 152 17.67 -19.24 0.24
N PRO A 153 17.63 -19.70 -1.01
CA PRO A 153 17.04 -18.87 -2.07
C PRO A 153 15.58 -18.49 -1.82
N SER A 154 14.79 -19.40 -1.23
CA SER A 154 13.39 -19.08 -0.99
C SER A 154 13.25 -17.87 -0.07
N ASP A 155 14.09 -17.81 0.97
CA ASP A 155 14.09 -16.64 1.84
C ASP A 155 14.59 -15.40 1.11
N TRP A 156 15.63 -15.54 0.28
CA TRP A 156 16.18 -14.39 -0.41
C TRP A 156 15.20 -13.84 -1.44
N LEU A 157 14.49 -14.72 -2.16
CA LEU A 157 13.55 -14.29 -3.18
C LEU A 157 12.20 -13.86 -2.61
N ALA A 158 11.97 -14.08 -1.32
CA ALA A 158 10.72 -13.68 -0.68
C ALA A 158 10.78 -12.30 -0.04
N VAL A 159 11.95 -11.67 0.03
CA VAL A 159 12.05 -10.36 0.67
C VAL A 159 11.23 -9.34 -0.10
N PRO A 160 10.40 -8.52 0.57
CA PRO A 160 9.57 -7.56 -0.17
C PRO A 160 10.39 -6.46 -0.82
N LEU A 161 9.95 -6.05 -2.00
CA LEU A 161 10.58 -5.00 -2.81
C LEU A 161 9.69 -3.75 -2.84
N GLU A 162 10.33 -2.61 -3.12
CA GLU A 162 9.62 -1.34 -3.20
C GLU A 162 8.70 -1.31 -4.41
N PRO A 163 7.55 -0.65 -4.29
CA PRO A 163 6.62 -0.58 -5.43
C PRO A 163 7.06 0.45 -6.45
N ASP A 164 6.67 0.21 -7.70
CA ASP A 164 6.82 1.19 -8.77
C ASP A 164 8.28 1.59 -9.00
N VAL A 165 9.17 0.60 -9.02
CA VAL A 165 10.57 0.83 -9.36
C VAL A 165 10.72 0.69 -10.87
N ARG A 166 11.18 1.75 -11.53
CA ARG A 166 11.24 1.76 -12.98
C ARG A 166 12.65 1.70 -13.53
N ALA A 167 13.66 1.67 -12.68
CA ALA A 167 15.04 1.60 -13.16
C ALA A 167 15.93 1.03 -12.08
N VAL A 168 17.02 0.42 -12.52
CA VAL A 168 18.09 -0.04 -11.63
C VAL A 168 19.36 0.68 -12.06
N VAL A 169 19.96 1.43 -11.15
CA VAL A 169 21.17 2.20 -11.41
C VAL A 169 22.30 1.55 -10.64
N VAL A 170 23.34 1.13 -11.36
CA VAL A 170 24.50 0.52 -10.73
C VAL A 170 25.61 1.57 -10.75
N GLY A 171 25.97 2.06 -9.58
CA GLY A 171 27.08 2.98 -9.45
C GLY A 171 28.16 2.34 -8.63
N PHE A 172 29.07 3.13 -8.09
CA PHE A 172 30.08 2.59 -7.20
C PHE A 172 29.40 2.26 -5.87
N ASP A 173 29.16 0.99 -5.62
CA ASP A 173 28.50 0.55 -4.39
C ASP A 173 29.49 -0.24 -3.55
N PRO A 174 30.14 0.37 -2.56
CA PRO A 174 31.00 -0.42 -1.67
C PRO A 174 30.20 -1.35 -0.78
N HIS A 175 28.88 -1.21 -0.75
CA HIS A 175 28.00 -2.10 -0.02
C HIS A 175 27.41 -3.19 -0.90
N PHE A 176 27.93 -3.36 -2.11
CA PHE A 176 27.42 -4.37 -3.02
C PHE A 176 27.44 -5.74 -2.35
N SER A 177 26.33 -6.46 -2.48
CA SER A 177 26.18 -7.76 -1.84
C SER A 177 25.36 -8.64 -2.75
N TYR A 178 25.32 -9.94 -2.42
CA TYR A 178 24.46 -10.84 -3.17
C TYR A 178 22.99 -10.45 -3.03
N MET A 179 22.60 -9.86 -1.89
CA MET A 179 21.22 -9.41 -1.73
C MET A 179 20.88 -8.29 -2.71
N LYS A 180 21.80 -7.33 -2.89
CA LYS A 180 21.54 -6.26 -3.85
C LYS A 180 21.51 -6.80 -5.27
N LEU A 181 22.37 -7.76 -5.59
CA LEU A 181 22.32 -8.39 -6.91
C LEU A 181 20.99 -9.10 -7.11
N THR A 182 20.51 -9.80 -6.08
CA THR A 182 19.24 -10.52 -6.17
C THR A 182 18.07 -9.55 -6.36
N LYS A 183 18.03 -8.49 -5.55
CA LYS A 183 16.96 -7.51 -5.69
C LYS A 183 17.02 -6.82 -7.05
N ALA A 184 18.22 -6.51 -7.54
CA ALA A 184 18.36 -5.87 -8.84
C ALA A 184 17.84 -6.78 -9.94
N VAL A 185 18.21 -8.06 -9.90
CA VAL A 185 17.74 -9.01 -10.91
C VAL A 185 16.23 -9.12 -10.84
N ARG A 186 15.67 -9.14 -9.64
CA ARG A 186 14.21 -9.23 -9.50
C ARG A 186 13.52 -7.99 -10.06
N TYR A 187 14.05 -6.80 -9.79
CA TYR A 187 13.48 -5.60 -10.37
C TYR A 187 13.56 -5.67 -11.90
N LEU A 188 14.66 -6.20 -12.42
CA LEU A 188 14.88 -6.27 -13.86
C LEU A 188 14.10 -7.39 -14.53
N GLN A 189 13.44 -8.27 -13.77
CA GLN A 189 12.54 -9.23 -14.38
C GLN A 189 11.33 -8.55 -15.02
N GLN A 190 10.97 -7.35 -14.58
CA GLN A 190 9.95 -6.55 -15.27
C GLN A 190 10.55 -5.94 -16.52
N PRO A 191 9.96 -6.17 -17.70
CA PRO A 191 10.59 -5.69 -18.94
C PRO A 191 10.73 -4.18 -19.02
N ASP A 192 9.77 -3.43 -18.47
CA ASP A 192 9.84 -1.97 -18.53
C ASP A 192 11.04 -1.41 -17.77
N CYS A 193 11.53 -2.14 -16.76
CA CYS A 193 12.59 -1.61 -15.91
C CYS A 193 13.85 -1.34 -16.71
N LEU A 194 14.46 -0.19 -16.44
CA LEU A 194 15.70 0.22 -17.09
C LEU A 194 16.91 -0.28 -16.30
N LEU A 195 18.02 -0.49 -17.00
CA LEU A 195 19.31 -0.81 -16.38
C LEU A 195 20.32 0.25 -16.82
N VAL A 196 20.88 0.96 -15.85
CA VAL A 196 21.84 2.03 -16.10
C VAL A 196 23.11 1.79 -15.29
N GLY A 197 24.25 1.97 -15.92
CA GLY A 197 25.54 1.88 -15.25
C GLY A 197 26.28 3.20 -15.36
N THR A 198 26.87 3.63 -14.24
CA THR A 198 27.59 4.90 -14.23
C THR A 198 28.83 4.84 -15.11
N ASN A 199 29.54 3.73 -15.10
CA ASN A 199 30.69 3.53 -15.99
C ASN A 199 30.92 2.02 -16.11
N MET A 200 31.89 1.65 -16.95
CA MET A 200 32.24 0.25 -17.17
C MET A 200 33.73 0.00 -16.91
N ASP A 201 34.32 0.80 -16.03
CA ASP A 201 35.75 0.69 -15.73
C ASP A 201 36.05 -0.57 -14.94
N ASN A 202 37.13 -1.26 -15.32
CA ASN A 202 37.55 -2.45 -14.58
C ASN A 202 38.18 -2.07 -13.25
N ARG A 203 38.81 -0.91 -13.17
CA ARG A 203 39.52 -0.50 -11.96
C ARG A 203 39.29 0.99 -11.71
N LEU A 204 39.25 1.34 -10.44
CA LEU A 204 39.20 2.72 -9.99
C LEU A 204 40.60 3.14 -9.58
N PRO A 205 41.21 4.12 -10.26
CA PRO A 205 42.57 4.54 -9.90
C PRO A 205 42.61 5.21 -8.54
N LEU A 206 43.66 4.91 -7.78
CA LEU A 206 43.89 5.49 -6.47
C LEU A 206 45.29 6.07 -6.40
N GLU A 207 45.60 6.70 -5.26
CA GLU A 207 46.92 7.28 -5.08
C GLU A 207 47.98 6.18 -5.03
N ASN A 208 49.20 6.55 -5.42
CA ASN A 208 50.36 5.67 -5.36
C ASN A 208 50.27 4.54 -6.36
N GLY A 209 49.50 4.70 -7.44
CA GLY A 209 49.40 3.64 -8.42
C GLY A 209 48.54 2.48 -7.99
N ARG A 210 47.93 2.54 -6.81
CA ARG A 210 47.06 1.48 -6.33
C ARG A 210 45.69 1.60 -7.00
N PHE A 211 44.92 0.50 -6.95
CA PHE A 211 43.62 0.48 -7.61
C PHE A 211 42.65 -0.36 -6.79
N ILE A 212 41.35 -0.11 -7.02
CA ILE A 212 40.31 -0.97 -6.45
C ILE A 212 39.34 -1.34 -7.56
N ALA A 213 38.44 -2.28 -7.26
CA ALA A 213 37.51 -2.77 -8.28
C ALA A 213 36.61 -1.64 -8.77
N GLY A 214 36.41 -1.58 -10.08
CA GLY A 214 35.60 -0.52 -10.66
C GLY A 214 34.13 -0.87 -10.68
N THR A 215 33.32 0.15 -10.99
CA THR A 215 31.89 -0.05 -11.11
C THR A 215 31.53 -1.04 -12.22
N GLY A 216 32.39 -1.15 -13.23
CA GLY A 216 32.11 -2.06 -14.33
C GLY A 216 31.96 -3.51 -13.88
N CYS A 217 32.72 -3.91 -12.86
CA CYS A 217 32.60 -5.27 -12.34
C CYS A 217 31.18 -5.51 -11.81
N LEU A 218 30.68 -4.58 -11.01
CA LEU A 218 29.34 -4.69 -10.45
C LEU A 218 28.29 -4.68 -11.55
N VAL A 219 28.44 -3.76 -12.51
CA VAL A 219 27.48 -3.66 -13.60
C VAL A 219 27.45 -4.95 -14.41
N ARG A 220 28.62 -5.54 -14.67
CA ARG A 220 28.66 -6.77 -15.47
C ARG A 220 28.03 -7.93 -14.70
N ALA A 221 28.24 -7.99 -13.39
CA ALA A 221 27.53 -9.00 -12.61
C ALA A 221 26.02 -8.87 -12.79
N VAL A 222 25.51 -7.63 -12.66
CA VAL A 222 24.06 -7.44 -12.81
C VAL A 222 23.61 -7.79 -14.23
N GLU A 223 24.40 -7.39 -15.23
CA GLU A 223 24.05 -7.67 -16.62
C GLU A 223 23.95 -9.18 -16.86
N MET A 224 24.95 -9.93 -16.38
CA MET A 224 24.97 -11.37 -16.60
C MET A 224 23.80 -12.04 -15.91
N ALA A 225 23.54 -11.66 -14.64
CA ALA A 225 22.44 -12.30 -13.93
C ALA A 225 21.09 -11.94 -14.54
N ALA A 226 20.95 -10.71 -15.01
CA ALA A 226 19.71 -10.23 -15.61
C ALA A 226 19.62 -10.52 -17.10
N GLN A 227 20.67 -11.06 -17.71
CA GLN A 227 20.68 -11.33 -19.14
C GLN A 227 20.28 -10.07 -19.90
N ARG A 228 20.94 -8.96 -19.54
CA ARG A 228 20.66 -7.64 -20.08
C ARG A 228 21.96 -6.94 -20.44
N GLN A 229 21.86 -5.93 -21.30
CA GLN A 229 22.97 -5.02 -21.58
C GLN A 229 22.60 -3.63 -21.05
N ALA A 230 23.42 -3.09 -20.16
CA ALA A 230 23.14 -1.81 -19.53
C ALA A 230 23.55 -0.65 -20.42
N ASP A 231 22.91 0.51 -20.19
CA ASP A 231 23.30 1.75 -20.84
C ASP A 231 24.35 2.42 -19.96
N ILE A 232 25.53 2.71 -20.53
CA ILE A 232 26.65 3.24 -19.78
C ILE A 232 26.66 4.75 -19.95
N ILE A 233 26.72 5.48 -18.83
CA ILE A 233 26.66 6.93 -18.85
C ILE A 233 28.04 7.56 -19.03
N GLY A 234 29.06 7.03 -18.35
CA GLY A 234 30.36 7.68 -18.30
C GLY A 234 31.21 7.45 -19.53
N LYS A 235 32.35 8.14 -19.56
CA LYS A 235 33.31 7.92 -20.63
C LYS A 235 33.61 6.42 -20.73
N PRO A 236 33.73 5.86 -21.93
CA PRO A 236 33.83 6.49 -23.24
C PRO A 236 32.50 6.75 -23.93
N SER A 237 31.39 6.50 -23.22
CA SER A 237 30.07 6.66 -23.83
C SER A 237 29.84 8.11 -24.24
N ARG A 238 29.14 8.29 -25.37
CA ARG A 238 28.87 9.62 -25.86
C ARG A 238 27.88 10.35 -24.96
N PHE A 239 27.18 9.62 -24.09
CA PHE A 239 26.16 10.25 -23.25
C PHE A 239 26.76 11.33 -22.36
N ILE A 240 27.97 11.11 -21.84
CA ILE A 240 28.59 12.09 -20.96
C ILE A 240 28.94 13.36 -21.74
N PHE A 241 29.41 13.22 -22.98
CA PHE A 241 29.64 14.39 -23.82
C PHE A 241 28.34 15.14 -24.11
N ASP A 242 27.26 14.40 -24.40
CA ASP A 242 25.98 15.05 -24.63
C ASP A 242 25.49 15.79 -23.39
N CYS A 243 25.74 15.22 -22.20
CA CYS A 243 25.36 15.86 -20.95
CA CYS A 243 25.36 15.88 -20.96
C CYS A 243 26.16 17.16 -20.74
N VAL A 244 27.43 17.16 -21.11
CA VAL A 244 28.20 18.39 -21.06
C VAL A 244 27.67 19.41 -22.07
N SER A 245 27.39 18.95 -23.30
CA SER A 245 26.99 19.86 -24.37
C SER A 245 25.62 20.48 -24.15
N GLN A 246 24.69 19.75 -23.54
CA GLN A 246 23.37 20.33 -23.27
C GLN A 246 23.44 21.62 -22.47
N GLU A 247 24.45 21.77 -21.61
CA GLU A 247 24.63 23.00 -20.85
C GLU A 247 25.65 23.94 -21.48
N TYR A 248 26.72 23.41 -22.07
CA TYR A 248 27.78 24.26 -22.57
C TYR A 248 27.56 24.71 -24.01
N GLY A 249 26.92 23.89 -24.84
CA GLY A 249 26.84 24.20 -26.24
C GLY A 249 28.24 24.13 -26.81
N ILE A 250 28.83 22.93 -26.81
CA ILE A 250 30.23 22.77 -27.14
C ILE A 250 30.42 22.93 -28.64
N ASN A 251 31.47 23.64 -29.03
CA ASN A 251 31.90 23.70 -30.41
C ASN A 251 33.08 22.75 -30.58
N PRO A 252 32.91 21.61 -31.26
CA PRO A 252 34.01 20.63 -31.28
C PRO A 252 35.31 21.22 -31.81
N GLU A 253 35.22 22.11 -32.79
CA GLU A 253 36.42 22.66 -33.41
C GLU A 253 37.22 23.55 -32.47
N ARG A 254 36.56 24.26 -31.56
CA ARG A 254 37.24 25.17 -30.64
C ARG A 254 37.22 24.66 -29.20
N THR A 255 37.17 23.34 -29.01
CA THR A 255 37.15 22.76 -27.67
C THR A 255 38.19 21.65 -27.58
N VAL A 256 38.87 21.61 -26.42
CA VAL A 256 39.93 20.64 -26.17
C VAL A 256 39.60 19.84 -24.90
N MET A 257 39.93 18.56 -24.93
CA MET A 257 39.77 17.63 -23.83
C MET A 257 41.15 17.20 -23.33
N VAL A 258 41.41 17.43 -22.04
CA VAL A 258 42.67 17.12 -21.40
C VAL A 258 42.43 15.96 -20.43
N GLY A 259 43.21 14.88 -20.58
CA GLY A 259 42.93 13.70 -19.77
C GLY A 259 44.14 12.83 -19.49
N ASP A 260 43.96 11.90 -18.54
CA ASP A 260 45.04 11.00 -18.13
C ASP A 260 44.89 9.56 -18.60
N ARG A 261 43.71 9.15 -19.06
CA ARG A 261 43.44 7.76 -19.40
C ARG A 261 43.03 7.65 -20.87
N LEU A 262 43.72 6.79 -21.62
CA LEU A 262 43.48 6.69 -23.05
C LEU A 262 42.13 6.05 -23.37
N ASP A 263 41.74 5.00 -22.65
CA ASP A 263 40.51 4.29 -22.99
C ASP A 263 39.25 5.10 -22.72
N THR A 264 39.32 6.09 -21.83
CA THR A 264 38.14 6.86 -21.46
C THR A 264 38.24 8.29 -22.00
N ASP A 265 39.18 9.09 -21.52
CA ASP A 265 39.19 10.52 -21.85
C ASP A 265 39.54 10.74 -23.32
N ILE A 266 40.68 10.21 -23.78
CA ILE A 266 41.14 10.49 -25.13
C ILE A 266 40.20 9.89 -26.17
N LEU A 267 39.68 8.68 -25.91
CA LEU A 267 38.73 8.09 -26.84
C LEU A 267 37.47 8.94 -26.93
N LEU A 268 37.01 9.46 -25.79
CA LEU A 268 35.85 10.35 -25.82
C LEU A 268 36.14 11.56 -26.69
N GLY A 269 37.34 12.15 -26.54
CA GLY A 269 37.70 13.29 -27.36
C GLY A 269 37.71 12.97 -28.84
N SER A 270 38.29 11.82 -29.20
CA SER A 270 38.36 11.45 -30.62
C SER A 270 36.99 11.16 -31.20
N THR A 271 36.14 10.44 -30.46
CA THR A 271 34.81 10.12 -30.97
C THR A 271 33.94 11.36 -31.12
N CYS A 272 34.13 12.36 -30.27
CA CYS A 272 33.33 13.58 -30.31
C CYS A 272 34.03 14.71 -31.07
N SER A 273 35.14 14.41 -31.77
CA SER A 273 35.81 15.37 -32.64
C SER A 273 36.27 16.61 -31.87
N LEU A 274 36.87 16.37 -30.71
CA LEU A 274 37.47 17.39 -29.85
C LEU A 274 38.99 17.27 -29.90
N LYS A 275 39.70 18.38 -29.74
CA LYS A 275 41.15 18.30 -29.68
C LYS A 275 41.57 17.56 -28.42
N THR A 276 42.61 16.73 -28.51
CA THR A 276 42.99 15.84 -27.42
C THR A 276 44.38 16.16 -26.90
N ILE A 277 44.50 16.30 -25.58
CA ILE A 277 45.78 16.43 -24.90
C ILE A 277 45.86 15.34 -23.83
N LEU A 278 46.98 14.61 -23.84
CA LEU A 278 47.26 13.57 -22.85
C LEU A 278 48.22 14.13 -21.81
N THR A 279 47.85 14.03 -20.55
CA THR A 279 48.71 14.42 -19.45
C THR A 279 49.26 13.13 -18.84
N LEU A 280 50.57 13.10 -18.63
CA LEU A 280 51.28 11.92 -18.18
C LEU A 280 51.36 11.85 -16.66
N THR A 281 50.63 12.72 -15.96
CA THR A 281 50.56 12.68 -14.50
C THR A 281 49.70 11.55 -13.97
N GLY A 282 48.99 10.82 -14.83
CA GLY A 282 48.07 9.80 -14.37
C GLY A 282 48.32 8.41 -14.92
N VAL A 283 47.24 7.68 -15.16
CA VAL A 283 47.33 6.25 -15.47
C VAL A 283 48.09 6.02 -16.76
N SER A 284 47.70 6.68 -17.85
CA SER A 284 48.27 6.34 -19.14
C SER A 284 49.63 6.99 -19.32
N SER A 285 50.47 6.34 -20.14
CA SER A 285 51.84 6.77 -20.39
C SER A 285 52.11 6.71 -21.88
N LEU A 286 53.25 7.26 -22.29
CA LEU A 286 53.60 7.28 -23.71
C LEU A 286 53.77 5.87 -24.29
N GLU A 287 54.21 4.91 -23.47
CA GLU A 287 54.39 3.54 -23.96
C GLU A 287 53.05 2.95 -24.42
N ASP A 288 51.98 3.23 -23.66
CA ASP A 288 50.66 2.78 -24.03
C ASP A 288 50.25 3.37 -25.37
N VAL A 289 50.58 4.65 -25.57
CA VAL A 289 50.27 5.30 -26.84
C VAL A 289 51.07 4.64 -27.96
N LYS A 290 52.29 4.19 -27.66
CA LYS A 290 53.09 3.54 -28.69
C LYS A 290 52.42 2.26 -29.17
N SER A 291 51.95 1.43 -28.23
CA SER A 291 51.23 0.23 -28.64
C SER A 291 49.99 0.60 -29.44
N ASN A 292 49.29 1.66 -29.03
CA ASN A 292 48.08 2.07 -29.74
C ASN A 292 48.40 2.55 -31.16
N GLN A 293 49.56 3.18 -31.36
CA GLN A 293 49.94 3.68 -32.67
C GLN A 293 50.23 2.56 -33.64
N GLU A 294 50.59 1.39 -33.12
CA GLU A 294 50.78 0.21 -33.95
C GLU A 294 49.39 -0.32 -34.28
N SER A 295 49.10 -0.55 -35.56
CA SER A 295 47.73 -0.90 -35.92
C SER A 295 47.45 -2.37 -35.64
N ASP A 296 46.96 -2.63 -34.43
CA ASP A 296 46.32 -3.89 -34.11
C ASP A 296 44.84 -3.78 -34.46
N SER A 297 44.29 -2.59 -34.28
CA SER A 297 42.91 -2.27 -34.57
C SER A 297 42.85 -0.79 -34.90
N MET A 298 41.90 -0.43 -35.75
CA MET A 298 41.65 0.98 -36.06
C MET A 298 41.18 1.72 -34.82
N PHE A 299 40.44 1.05 -33.93
CA PHE A 299 39.99 1.65 -32.68
C PHE A 299 41.18 2.12 -31.83
N LYS A 300 42.23 1.31 -31.76
CA LYS A 300 43.37 1.70 -30.94
C LYS A 300 43.97 3.01 -31.45
N LYS A 301 43.88 3.27 -32.76
CA LYS A 301 44.32 4.56 -33.28
C LYS A 301 43.45 5.67 -32.73
N LYS A 302 42.16 5.41 -32.50
CA LYS A 302 41.31 6.38 -31.81
C LYS A 302 41.85 6.65 -30.41
N MET A 303 42.53 5.68 -29.80
CA MET A 303 43.11 5.96 -28.48
C MET A 303 44.53 6.55 -28.57
N VAL A 304 44.74 7.60 -29.37
CA VAL A 304 46.03 8.30 -29.39
C VAL A 304 45.83 9.81 -29.30
N PRO A 305 46.53 10.51 -28.42
CA PRO A 305 46.29 11.95 -28.26
C PRO A 305 46.92 12.78 -29.38
N ASP A 306 46.28 13.92 -29.66
CA ASP A 306 46.85 14.87 -30.60
C ASP A 306 48.12 15.51 -30.03
N PHE A 307 48.11 15.84 -28.74
CA PHE A 307 49.27 16.41 -28.08
C PHE A 307 49.47 15.72 -26.74
N TYR A 308 50.68 15.83 -26.21
CA TYR A 308 50.99 15.24 -24.91
C TYR A 308 51.78 16.26 -24.10
N VAL A 309 51.56 16.23 -22.80
CA VAL A 309 52.22 17.12 -21.85
C VAL A 309 52.60 16.28 -20.64
N ASP A 310 53.74 16.60 -20.03
CA ASP A 310 54.15 15.93 -18.81
C ASP A 310 53.24 16.32 -17.66
N SER A 311 52.86 17.59 -17.60
CA SER A 311 51.94 18.11 -16.61
C SER A 311 51.19 19.27 -17.23
N ILE A 312 50.03 19.59 -16.63
CA ILE A 312 49.24 20.70 -17.12
C ILE A 312 49.92 22.03 -16.85
N ALA A 313 50.82 22.07 -15.87
CA ALA A 313 51.59 23.28 -15.63
C ALA A 313 52.41 23.65 -16.85
N ASP A 314 52.63 22.70 -17.77
CA ASP A 314 53.34 22.99 -19.01
C ASP A 314 52.61 24.00 -19.89
N LEU A 315 51.35 24.32 -19.58
CA LEU A 315 50.68 25.37 -20.35
C LEU A 315 51.00 26.75 -19.81
N LEU A 316 51.63 26.82 -18.62
CA LEU A 316 51.96 28.12 -18.02
C LEU A 316 52.96 28.94 -18.84
N PRO A 317 53.97 28.36 -19.48
CA PRO A 317 54.85 29.19 -20.32
C PRO A 317 54.12 29.96 -21.39
N ALA A 318 53.10 29.36 -22.01
CA ALA A 318 52.32 30.03 -23.03
C ALA A 318 51.28 30.97 -22.47
N LEU A 319 50.94 30.83 -21.18
CA LEU A 319 49.93 31.65 -20.54
C LEU A 319 50.56 32.80 -19.75
N ALA B 11 22.96 -39.39 -32.62
CA ALA B 11 23.06 -37.96 -32.89
C ALA B 11 21.75 -37.40 -33.44
N ARG B 12 20.77 -38.28 -33.63
CA ARG B 12 19.46 -37.87 -34.13
C ARG B 12 18.41 -37.80 -33.04
N CYS B 13 18.83 -37.51 -31.80
CA CYS B 13 17.92 -37.48 -30.66
C CYS B 13 16.79 -38.48 -30.81
N VAL B 14 17.08 -39.75 -30.62
CA VAL B 14 16.09 -40.82 -30.79
C VAL B 14 15.35 -40.99 -29.46
N ARG B 15 14.04 -41.20 -29.53
CA ARG B 15 13.28 -41.49 -28.33
C ARG B 15 13.65 -42.88 -27.87
N LEU B 16 13.98 -43.03 -26.59
CA LEU B 16 14.44 -44.32 -26.09
C LEU B 16 13.23 -45.18 -25.79
N SER B 17 12.99 -46.17 -26.64
CA SER B 17 11.93 -47.14 -26.41
C SER B 17 12.52 -48.27 -25.57
N ALA B 18 11.64 -49.04 -24.93
CA ALA B 18 12.12 -50.05 -23.99
C ALA B 18 13.11 -51.00 -24.66
N GLU B 19 12.86 -51.36 -25.92
CA GLU B 19 13.78 -52.22 -26.66
C GLU B 19 15.12 -51.52 -26.89
N ARG B 20 15.08 -50.28 -27.38
CA ARG B 20 16.31 -49.51 -27.57
C ARG B 20 17.04 -49.34 -26.24
N ALA B 21 16.27 -49.13 -25.16
CA ALA B 21 16.87 -48.98 -23.84
C ALA B 21 17.58 -50.26 -23.42
N LYS B 22 17.00 -51.43 -23.72
CA LYS B 22 17.66 -52.69 -23.40
C LYS B 22 18.98 -52.81 -24.17
N LEU B 23 18.97 -52.40 -25.45
CA LEU B 23 20.22 -52.42 -26.21
C LEU B 23 21.27 -51.56 -25.50
N LEU B 24 20.88 -50.36 -25.05
CA LEU B 24 21.81 -49.51 -24.32
C LEU B 24 22.31 -50.20 -23.06
N LEU B 25 21.42 -50.83 -22.29
CA LEU B 25 21.84 -51.48 -21.05
C LEU B 25 22.88 -52.54 -21.31
N ALA B 26 22.73 -53.32 -22.38
CA ALA B 26 23.76 -54.29 -22.73
C ALA B 26 25.06 -53.58 -23.11
N GLU B 27 24.96 -52.43 -23.80
CA GLU B 27 26.16 -51.77 -24.28
C GLU B 27 26.97 -51.04 -23.21
N VAL B 28 26.33 -50.60 -22.13
CA VAL B 28 26.99 -49.76 -21.13
C VAL B 28 27.12 -50.52 -19.81
N ASP B 29 28.26 -50.34 -19.14
CA ASP B 29 28.49 -50.86 -17.80
C ASP B 29 28.47 -49.78 -16.73
N THR B 30 28.64 -48.51 -17.11
CA THR B 30 28.66 -47.40 -16.17
C THR B 30 27.72 -46.30 -16.62
N LEU B 31 26.93 -45.80 -15.67
CA LEU B 31 25.97 -44.72 -15.90
C LEU B 31 26.32 -43.55 -14.99
N LEU B 32 26.52 -42.37 -15.58
CA LEU B 32 26.82 -41.15 -14.84
C LEU B 32 25.62 -40.22 -14.96
N PHE B 33 25.11 -39.75 -13.82
CA PHE B 33 23.88 -38.98 -13.76
C PHE B 33 24.17 -37.59 -13.24
N ASN B 34 23.50 -36.59 -13.82
CA ASN B 34 23.37 -35.29 -13.17
C ASN B 34 22.24 -35.38 -12.16
N CYS B 35 22.37 -34.61 -11.08
CA CYS B 35 21.44 -34.77 -9.96
C CYS B 35 20.21 -33.89 -10.07
N ASP B 36 20.38 -32.59 -10.30
CA ASP B 36 19.25 -31.68 -10.33
C ASP B 36 18.62 -31.70 -11.72
N GLY B 37 17.31 -31.96 -11.77
CA GLY B 37 16.61 -32.09 -13.02
C GLY B 37 16.56 -33.50 -13.59
N VAL B 38 17.33 -34.43 -13.02
CA VAL B 38 17.39 -35.80 -13.50
C VAL B 38 16.88 -36.72 -12.40
N LEU B 39 17.55 -36.68 -11.24
CA LEU B 39 17.20 -37.51 -10.10
C LEU B 39 16.19 -36.85 -9.18
N TRP B 40 16.32 -35.54 -8.95
CA TRP B 40 15.44 -34.85 -8.03
C TRP B 40 15.27 -33.39 -8.45
N ARG B 41 14.19 -32.79 -7.95
CA ARG B 41 13.94 -31.36 -8.07
C ARG B 41 13.87 -30.78 -6.66
N GLY B 42 14.84 -29.93 -6.32
CA GLY B 42 14.93 -29.44 -4.95
C GLY B 42 15.21 -30.57 -4.00
N GLU B 43 14.39 -30.69 -2.96
CA GLU B 43 14.49 -31.76 -1.98
C GLU B 43 13.50 -32.89 -2.27
N THR B 44 12.78 -32.82 -3.38
CA THR B 44 11.77 -33.81 -3.75
C THR B 44 12.25 -34.62 -4.95
N ALA B 45 12.18 -35.93 -4.83
CA ALA B 45 12.68 -36.82 -5.89
C ALA B 45 11.76 -36.82 -7.10
N VAL B 46 12.35 -37.00 -8.27
CA VAL B 46 11.57 -37.19 -9.50
C VAL B 46 10.84 -38.52 -9.43
N PRO B 47 9.55 -38.59 -9.77
CA PRO B 47 8.81 -39.85 -9.57
C PRO B 47 9.44 -41.00 -10.34
N GLY B 48 9.72 -42.10 -9.63
CA GLY B 48 10.23 -43.32 -10.24
C GLY B 48 11.72 -43.42 -10.38
N ALA B 49 12.47 -42.34 -10.16
CA ALA B 49 13.92 -42.35 -10.31
C ALA B 49 14.61 -43.25 -9.28
N PRO B 50 14.22 -43.16 -8.00
CA PRO B 50 14.88 -44.03 -7.01
C PRO B 50 14.78 -45.50 -7.35
N GLU B 51 13.60 -45.94 -7.78
CA GLU B 51 13.41 -47.33 -8.17
C GLU B 51 14.30 -47.69 -9.34
N THR B 52 14.44 -46.80 -10.32
CA THR B 52 15.24 -47.09 -11.49
C THR B 52 16.70 -47.28 -11.13
N LEU B 53 17.24 -46.40 -10.28
CA LEU B 53 18.64 -46.52 -9.91
C LEU B 53 18.88 -47.73 -9.00
N ARG B 54 17.93 -48.04 -8.11
CA ARG B 54 18.07 -49.25 -7.32
C ARG B 54 18.12 -50.49 -8.21
N ALA B 55 17.26 -50.52 -9.25
CA ALA B 55 17.27 -51.64 -10.19
C ALA B 55 18.59 -51.70 -10.95
N LEU B 56 19.11 -50.55 -11.36
CA LEU B 56 20.40 -50.52 -12.05
C LEU B 56 21.50 -51.10 -11.16
N ARG B 57 21.49 -50.77 -9.88
CA ARG B 57 22.47 -51.35 -8.97
C ARG B 57 22.29 -52.86 -8.89
N ALA B 58 21.05 -53.34 -8.85
CA ALA B 58 20.81 -54.77 -8.79
C ALA B 58 21.30 -55.48 -10.05
N ARG B 59 21.21 -54.82 -11.21
CA ARG B 59 21.70 -55.40 -12.46
C ARG B 59 23.21 -55.37 -12.57
N GLY B 60 23.92 -54.79 -11.59
CA GLY B 60 25.35 -54.76 -11.60
C GLY B 60 25.98 -53.55 -12.26
N LYS B 61 25.17 -52.59 -12.71
CA LYS B 61 25.70 -51.39 -13.34
C LYS B 61 26.29 -50.46 -12.28
N ARG B 62 27.40 -49.81 -12.63
CA ARG B 62 28.07 -48.87 -11.73
C ARG B 62 27.54 -47.47 -11.98
N LEU B 63 27.15 -46.77 -10.91
CA LEU B 63 26.50 -45.47 -11.00
C LEU B 63 27.39 -44.39 -10.40
N GLY B 64 27.53 -43.27 -11.13
CA GLY B 64 28.24 -42.12 -10.63
C GLY B 64 27.38 -40.88 -10.79
N PHE B 65 27.71 -39.83 -10.02
CA PHE B 65 26.89 -38.62 -9.99
C PHE B 65 27.77 -37.38 -10.13
N ILE B 66 27.36 -36.47 -11.02
CA ILE B 66 28.11 -35.25 -11.32
C ILE B 66 27.22 -34.04 -11.07
N THR B 67 27.72 -33.08 -10.30
CA THR B 67 26.99 -31.87 -9.93
C THR B 67 27.87 -30.64 -10.07
N ASN B 68 27.28 -29.52 -10.51
CA ASN B 68 28.01 -28.25 -10.58
C ASN B 68 27.83 -27.38 -9.34
N ASN B 69 27.04 -27.82 -8.37
CA ASN B 69 26.82 -27.07 -7.13
C ASN B 69 27.90 -27.43 -6.12
N SER B 70 28.44 -26.41 -5.46
CA SER B 70 29.58 -26.56 -4.57
C SER B 70 29.21 -26.50 -3.09
N SER B 71 27.93 -26.61 -2.75
CA SER B 71 27.49 -26.37 -1.39
C SER B 71 27.44 -27.61 -0.50
N LYS B 72 27.51 -28.82 -1.07
CA LYS B 72 27.49 -30.03 -0.27
C LYS B 72 28.76 -30.85 -0.51
N THR B 73 29.20 -31.56 0.53
CA THR B 73 30.35 -32.45 0.44
C THR B 73 29.92 -33.77 -0.22
N ARG B 74 30.90 -34.58 -0.61
CA ARG B 74 30.58 -35.86 -1.24
C ARG B 74 29.71 -36.71 -0.32
N THR B 75 30.13 -36.84 0.93
CA THR B 75 29.41 -37.70 1.87
C THR B 75 28.01 -37.16 2.13
N ALA B 76 27.86 -35.83 2.15
CA ALA B 76 26.54 -35.22 2.32
C ALA B 76 25.62 -35.55 1.15
N TYR B 77 26.14 -35.45 -0.08
CA TYR B 77 25.35 -35.83 -1.24
C TYR B 77 24.94 -37.30 -1.16
N ALA B 78 25.87 -38.15 -0.71
CA ALA B 78 25.54 -39.57 -0.56
C ALA B 78 24.40 -39.76 0.44
N GLU B 79 24.40 -38.98 1.52
CA GLU B 79 23.28 -39.06 2.47
C GLU B 79 21.97 -38.64 1.82
N LYS B 80 21.99 -37.58 1.00
CA LYS B 80 20.76 -37.19 0.32
C LYS B 80 20.28 -38.29 -0.63
N LEU B 81 21.20 -38.91 -1.37
CA LEU B 81 20.83 -40.01 -2.26
C LEU B 81 20.23 -41.16 -1.48
N ARG B 82 20.84 -41.54 -0.35
CA ARG B 82 20.33 -42.65 0.45
C ARG B 82 18.97 -42.31 1.03
N ARG B 83 18.79 -41.07 1.50
CA ARG B 83 17.52 -40.66 2.10
C ARG B 83 16.39 -40.72 1.07
N LEU B 84 16.68 -40.36 -0.17
CA LEU B 84 15.67 -40.30 -1.21
C LEU B 84 15.46 -41.66 -1.89
N GLY B 85 16.19 -42.69 -1.47
CA GLY B 85 15.99 -44.04 -1.95
C GLY B 85 16.86 -44.46 -3.12
N PHE B 86 17.86 -43.67 -3.50
CA PHE B 86 18.69 -43.98 -4.66
C PHE B 86 19.79 -45.00 -4.37
N GLY B 87 20.05 -45.33 -3.11
CA GLY B 87 21.05 -46.33 -2.78
C GLY B 87 22.37 -45.70 -2.37
N GLY B 88 23.36 -46.56 -2.16
CA GLY B 88 24.68 -46.12 -1.77
C GLY B 88 25.77 -47.13 -2.03
N PRO B 89 27.02 -46.74 -1.82
CA PRO B 89 28.14 -47.68 -1.94
C PRO B 89 27.90 -48.93 -1.08
N VAL B 90 28.24 -50.08 -1.66
CA VAL B 90 27.77 -51.36 -1.13
C VAL B 90 28.38 -51.63 0.25
N GLY B 91 29.71 -51.67 0.33
CA GLY B 91 30.38 -52.08 1.54
C GLY B 91 31.71 -51.41 1.76
N PRO B 92 32.66 -52.10 2.42
CA PRO B 92 33.95 -51.46 2.71
C PRO B 92 34.78 -51.18 1.48
N GLU B 93 34.76 -52.08 0.49
CA GLU B 93 35.56 -51.87 -0.70
C GLU B 93 35.01 -50.74 -1.56
N ALA B 94 33.69 -50.65 -1.67
CA ALA B 94 33.06 -49.67 -2.54
C ALA B 94 33.48 -48.25 -2.16
N GLY B 95 33.52 -47.38 -3.17
CA GLY B 95 33.97 -46.02 -2.99
C GLY B 95 32.87 -45.01 -3.29
N LEU B 96 33.16 -43.74 -2.96
CA LEU B 96 32.17 -42.68 -3.09
C LEU B 96 31.78 -42.49 -4.55
N GLU B 97 30.51 -42.12 -4.77
CA GLU B 97 29.95 -42.07 -6.12
C GLU B 97 29.66 -40.66 -6.61
N VAL B 98 29.74 -39.64 -5.76
CA VAL B 98 29.34 -38.27 -6.09
C VAL B 98 30.57 -37.40 -6.33
N PHE B 99 30.57 -36.68 -7.45
CA PHE B 99 31.65 -35.77 -7.83
C PHE B 99 31.05 -34.39 -8.07
N GLY B 100 31.18 -33.50 -7.07
CA GLY B 100 30.69 -32.14 -7.16
C GLY B 100 31.82 -31.13 -7.30
N THR B 101 31.45 -29.88 -7.57
CA THR B 101 32.46 -28.85 -7.82
C THR B 101 33.32 -28.57 -6.60
N ALA B 102 32.83 -28.83 -5.39
CA ALA B 102 33.67 -28.66 -4.22
C ALA B 102 34.81 -29.66 -4.23
N TYR B 103 34.49 -30.95 -4.36
CA TYR B 103 35.51 -31.99 -4.38
C TYR B 103 36.46 -31.82 -5.55
N CYS B 104 35.91 -31.60 -6.74
CA CYS B 104 36.76 -31.52 -7.93
C CYS B 104 37.57 -30.23 -7.96
N SER B 105 37.06 -29.15 -7.36
CA SER B 105 37.88 -27.95 -7.17
C SER B 105 39.05 -28.26 -6.24
N ALA B 106 38.79 -29.01 -5.16
CA ALA B 106 39.87 -29.41 -4.28
C ALA B 106 40.91 -30.23 -5.03
N LEU B 107 40.47 -31.16 -5.87
CA LEU B 107 41.42 -31.96 -6.64
C LEU B 107 42.21 -31.09 -7.61
N TYR B 108 41.54 -30.12 -8.25
CA TYR B 108 42.22 -29.22 -9.17
C TYR B 108 43.33 -28.46 -8.46
N LEU B 109 43.03 -27.89 -7.29
CA LEU B 109 44.08 -27.16 -6.57
C LEU B 109 45.15 -28.12 -6.03
N ARG B 110 44.78 -29.33 -5.64
CA ARG B 110 45.78 -30.31 -5.24
C ARG B 110 46.81 -30.50 -6.35
N GLN B 111 46.34 -30.71 -7.58
CA GLN B 111 47.28 -30.94 -8.68
C GLN B 111 48.01 -29.65 -9.04
N ARG B 112 47.32 -28.52 -9.06
CA ARG B 112 47.96 -27.29 -9.52
C ARG B 112 48.78 -26.62 -8.42
N LEU B 113 48.66 -27.05 -7.17
CA LEU B 113 49.51 -26.55 -6.10
C LEU B 113 50.44 -27.64 -5.59
N ALA B 114 50.79 -28.58 -6.46
CA ALA B 114 51.70 -29.66 -6.10
C ALA B 114 53.07 -29.05 -5.84
N GLY B 115 53.69 -29.44 -4.73
CA GLY B 115 54.97 -28.92 -4.35
C GLY B 115 54.92 -27.68 -3.48
N VAL B 116 53.78 -27.01 -3.40
CA VAL B 116 53.67 -25.84 -2.53
C VAL B 116 53.68 -26.34 -1.09
N PRO B 117 54.48 -25.76 -0.18
CA PRO B 117 54.66 -26.40 1.13
C PRO B 117 53.41 -26.45 2.00
N ASP B 118 52.70 -25.34 2.15
CA ASP B 118 51.48 -25.29 2.98
C ASP B 118 50.46 -24.40 2.29
N PRO B 119 49.86 -24.91 1.21
CA PRO B 119 49.00 -24.04 0.39
C PRO B 119 47.83 -23.49 1.18
N LYS B 120 47.57 -22.20 0.95
CA LYS B 120 46.43 -21.50 1.52
C LYS B 120 45.67 -20.87 0.37
N ALA B 121 44.35 -20.80 0.51
CA ALA B 121 43.49 -20.27 -0.54
C ALA B 121 42.47 -19.34 0.08
N TYR B 122 42.21 -18.22 -0.61
CA TYR B 122 41.15 -17.30 -0.22
C TYR B 122 39.89 -17.75 -0.95
N VAL B 123 38.89 -18.20 -0.20
CA VAL B 123 37.73 -18.88 -0.75
C VAL B 123 36.51 -17.97 -0.64
N LEU B 124 36.01 -17.51 -1.79
CA LEU B 124 34.68 -16.89 -1.84
C LEU B 124 33.66 -17.99 -2.11
N GLY B 125 33.42 -18.79 -1.08
CA GLY B 125 32.64 -20.00 -1.27
C GLY B 125 32.12 -20.59 0.03
N SER B 126 31.57 -21.81 -0.11
CA SER B 126 30.83 -22.50 0.92
C SER B 126 31.73 -23.20 1.94
N PRO B 127 31.17 -23.53 3.11
CA PRO B 127 31.91 -24.40 4.05
C PRO B 127 32.26 -25.76 3.47
N ALA B 128 31.42 -26.31 2.59
CA ALA B 128 31.72 -27.61 1.99
C ALA B 128 32.98 -27.54 1.14
N LEU B 129 33.14 -26.45 0.38
CA LEU B 129 34.35 -26.28 -0.43
C LEU B 129 35.58 -26.23 0.46
N ALA B 130 35.48 -25.53 1.60
CA ALA B 130 36.60 -25.47 2.52
C ALA B 130 36.91 -26.85 3.11
N ALA B 131 35.87 -27.64 3.41
CA ALA B 131 36.08 -28.98 3.94
C ALA B 131 36.80 -29.86 2.93
N GLU B 132 36.35 -29.82 1.67
CA GLU B 132 36.99 -30.63 0.63
C GLU B 132 38.44 -30.20 0.42
N LEU B 133 38.70 -28.88 0.45
CA LEU B 133 40.07 -28.40 0.32
C LEU B 133 40.93 -28.86 1.48
N GLU B 134 40.37 -28.85 2.70
CA GLU B 134 41.13 -29.37 3.83
C GLU B 134 41.48 -30.83 3.60
N ALA B 135 40.55 -31.60 3.03
CA ALA B 135 40.83 -33.00 2.77
C ALA B 135 41.99 -33.15 1.80
N VAL B 136 42.16 -32.23 0.84
CA VAL B 136 43.28 -32.38 -0.08
C VAL B 136 44.51 -31.59 0.39
N GLY B 137 44.45 -31.02 1.59
CA GLY B 137 45.61 -30.37 2.16
C GLY B 137 45.70 -28.87 1.94
N VAL B 138 44.65 -28.24 1.45
CA VAL B 138 44.66 -26.80 1.20
C VAL B 138 43.90 -26.12 2.32
N THR B 139 44.59 -25.25 3.06
CA THR B 139 43.97 -24.45 4.10
C THR B 139 43.16 -23.34 3.45
N SER B 140 42.02 -23.01 4.03
CA SER B 140 41.12 -22.01 3.48
C SER B 140 40.97 -20.83 4.43
N VAL B 141 40.95 -19.63 3.86
CA VAL B 141 40.71 -18.39 4.60
C VAL B 141 39.64 -17.60 3.85
N GLY B 142 38.81 -16.89 4.61
CA GLY B 142 37.87 -15.95 4.03
C GLY B 142 36.47 -16.47 3.81
N VAL B 143 36.18 -17.70 4.23
CA VAL B 143 34.82 -18.22 4.12
C VAL B 143 33.90 -17.46 5.08
N GLY B 144 32.72 -17.09 4.59
CA GLY B 144 31.75 -16.40 5.40
C GLY B 144 31.65 -14.91 5.11
N PRO B 145 30.88 -14.20 5.93
CA PRO B 145 30.66 -12.77 5.69
C PRO B 145 31.91 -11.94 5.94
N ASP B 146 32.01 -10.84 5.17
CA ASP B 146 33.01 -9.80 5.37
C ASP B 146 32.31 -8.47 5.04
N VAL B 147 31.55 -7.97 6.01
CA VAL B 147 30.73 -6.78 5.79
C VAL B 147 31.62 -5.54 5.70
N LEU B 148 31.10 -4.51 5.02
CA LEU B 148 31.89 -3.31 4.75
C LEU B 148 32.18 -2.56 6.04
N HIS B 149 33.41 -2.05 6.14
CA HIS B 149 33.88 -1.25 7.26
C HIS B 149 34.70 -0.09 6.73
N GLY B 150 34.77 0.99 7.50
CA GLY B 150 35.58 2.12 7.10
C GLY B 150 34.84 3.12 6.23
N ASP B 151 35.47 4.28 6.08
CA ASP B 151 34.87 5.39 5.35
C ASP B 151 35.40 5.53 3.92
N GLY B 152 36.50 4.87 3.58
CA GLY B 152 37.13 5.05 2.29
C GLY B 152 38.05 3.94 1.87
N PRO B 153 38.65 4.09 0.67
CA PRO B 153 39.57 3.06 0.16
C PRO B 153 40.77 2.80 1.06
N SER B 154 41.33 3.83 1.70
CA SER B 154 42.50 3.61 2.54
C SER B 154 42.19 2.66 3.69
N ASP B 155 41.00 2.80 4.30
CA ASP B 155 40.61 1.87 5.35
C ASP B 155 40.42 0.47 4.80
N TRP B 156 39.83 0.33 3.60
CA TRP B 156 39.60 -0.98 3.03
C TRP B 156 40.92 -1.68 2.69
N LEU B 157 41.88 -0.92 2.17
CA LEU B 157 43.17 -1.44 1.75
C LEU B 157 44.14 -1.59 2.92
N ALA B 158 43.78 -1.13 4.11
CA ALA B 158 44.62 -1.28 5.28
C ALA B 158 44.35 -2.59 6.02
N VAL B 159 43.32 -3.32 5.62
CA VAL B 159 43.01 -4.59 6.27
C VAL B 159 44.17 -5.56 6.05
N PRO B 160 44.68 -6.21 7.09
CA PRO B 160 45.82 -7.12 6.88
C PRO B 160 45.38 -8.36 6.11
N LEU B 161 46.24 -8.82 5.21
CA LEU B 161 45.97 -10.01 4.43
C LEU B 161 46.85 -11.16 4.90
N GLU B 162 46.35 -12.36 4.71
CA GLU B 162 47.07 -13.54 5.18
C GLU B 162 48.29 -13.81 4.28
N PRO B 163 49.39 -14.27 4.84
CA PRO B 163 50.57 -14.56 4.02
C PRO B 163 50.45 -15.91 3.33
N ASP B 164 51.18 -16.03 2.22
CA ASP B 164 51.33 -17.30 1.51
C ASP B 164 49.98 -17.84 1.02
N VAL B 165 49.14 -16.95 0.48
CA VAL B 165 47.92 -17.36 -0.18
C VAL B 165 48.24 -17.56 -1.66
N ARG B 166 48.05 -18.78 -2.15
CA ARG B 166 48.44 -19.15 -3.50
C ARG B 166 47.27 -19.39 -4.42
N ALA B 167 46.03 -19.23 -3.97
CA ALA B 167 44.89 -19.42 -4.85
C ALA B 167 43.70 -18.63 -4.33
N VAL B 168 42.84 -18.23 -5.26
CA VAL B 168 41.54 -17.64 -4.97
C VAL B 168 40.50 -18.55 -5.62
N VAL B 169 39.58 -19.07 -4.82
CA VAL B 169 38.53 -19.97 -5.30
C VAL B 169 37.20 -19.25 -5.19
N VAL B 170 36.51 -19.10 -6.32
CA VAL B 170 35.21 -18.45 -6.37
C VAL B 170 34.16 -19.52 -6.62
N GLY B 171 33.32 -19.78 -5.62
CA GLY B 171 32.19 -20.67 -5.76
C GLY B 171 30.91 -19.89 -5.53
N PHE B 172 29.80 -20.56 -5.23
CA PHE B 172 28.59 -19.83 -4.91
C PHE B 172 28.75 -19.19 -3.53
N ASP B 173 28.96 -17.88 -3.52
CA ASP B 173 29.14 -17.14 -2.27
C ASP B 173 27.98 -16.18 -2.07
N PRO B 174 26.95 -16.54 -1.31
CA PRO B 174 25.91 -15.56 -0.99
C PRO B 174 26.38 -14.46 -0.05
N HIS B 175 27.58 -14.60 0.53
CA HIS B 175 28.20 -13.56 1.33
C HIS B 175 29.15 -12.70 0.52
N PHE B 176 29.12 -12.83 -0.80
CA PHE B 176 29.97 -12.02 -1.66
C PHE B 176 29.72 -10.55 -1.37
N SER B 177 30.80 -9.79 -1.25
CA SER B 177 30.72 -8.37 -0.90
C SER B 177 31.84 -7.64 -1.64
N TYR B 178 31.76 -6.31 -1.65
CA TYR B 178 32.84 -5.53 -2.23
C TYR B 178 34.13 -5.77 -1.44
N MET B 179 34.03 -6.02 -0.13
CA MET B 179 35.21 -6.32 0.66
C MET B 179 35.88 -7.61 0.19
N LYS B 180 35.09 -8.65 -0.07
CA LYS B 180 35.67 -9.91 -0.51
C LYS B 180 36.28 -9.78 -1.90
N LEU B 181 35.63 -9.01 -2.79
CA LEU B 181 36.21 -8.73 -4.11
C LEU B 181 37.54 -7.99 -3.97
N THR B 182 37.59 -7.01 -3.05
CA THR B 182 38.82 -6.24 -2.84
C THR B 182 39.94 -7.14 -2.34
N LYS B 183 39.64 -8.00 -1.36
CA LYS B 183 40.65 -8.93 -0.87
C LYS B 183 41.09 -9.89 -1.96
N ALA B 184 40.15 -10.34 -2.79
CA ALA B 184 40.51 -11.26 -3.87
C ALA B 184 41.48 -10.62 -4.84
N VAL B 185 41.21 -9.38 -5.26
CA VAL B 185 42.12 -8.71 -6.19
C VAL B 185 43.48 -8.50 -5.52
N ARG B 186 43.49 -8.15 -4.23
CA ARG B 186 44.77 -7.94 -3.56
C ARG B 186 45.59 -9.23 -3.55
N TYR B 187 44.96 -10.36 -3.24
CA TYR B 187 45.67 -11.63 -3.29
C TYR B 187 46.14 -11.95 -4.71
N LEU B 188 45.31 -11.64 -5.71
CA LEU B 188 45.62 -11.97 -7.09
C LEU B 188 46.65 -11.03 -7.70
N GLN B 189 47.01 -9.95 -7.01
CA GLN B 189 48.11 -9.10 -7.46
C GLN B 189 49.42 -9.86 -7.41
N GLN B 190 49.51 -10.92 -6.62
CA GLN B 190 50.66 -11.81 -6.63
C GLN B 190 50.58 -12.69 -7.88
N PRO B 191 51.60 -12.73 -8.73
CA PRO B 191 51.47 -13.48 -9.99
C PRO B 191 51.29 -14.98 -9.79
N ASP B 192 51.94 -15.55 -8.78
CA ASP B 192 51.84 -16.99 -8.55
C ASP B 192 50.42 -17.42 -8.18
N CYS B 193 49.63 -16.51 -7.61
CA CYS B 193 48.30 -16.84 -7.13
C CYS B 193 47.41 -17.32 -8.28
N LEU B 194 46.68 -18.41 -8.04
CA LEU B 194 45.75 -18.95 -9.01
C LEU B 194 44.36 -18.36 -8.81
N LEU B 195 43.59 -18.31 -9.89
CA LEU B 195 42.18 -17.94 -9.84
C LEU B 195 41.36 -19.10 -10.40
N VAL B 196 40.47 -19.64 -9.58
CA VAL B 196 39.68 -20.81 -9.95
C VAL B 196 38.21 -20.48 -9.75
N GLY B 197 37.38 -20.89 -10.71
CA GLY B 197 35.94 -20.76 -10.61
C GLY B 197 35.27 -22.11 -10.67
N THR B 198 34.29 -22.32 -9.78
CA THR B 198 33.58 -23.61 -9.76
C THR B 198 32.74 -23.80 -11.01
N ASN B 199 32.07 -22.74 -11.47
CA ASN B 199 31.29 -22.79 -12.69
C ASN B 199 31.14 -21.36 -13.19
N MET B 200 30.70 -21.23 -14.44
CA MET B 200 30.51 -19.91 -15.05
C MET B 200 29.05 -19.66 -15.41
N ASP B 201 28.13 -20.37 -14.77
CA ASP B 201 26.71 -20.20 -15.07
C ASP B 201 26.27 -18.81 -14.63
N ASN B 202 25.52 -18.13 -15.50
CA ASN B 202 25.03 -16.80 -15.15
C ASN B 202 23.90 -16.86 -14.14
N ARG B 203 23.16 -17.97 -14.11
CA ARG B 203 22.02 -18.12 -13.23
C ARG B 203 22.02 -19.52 -12.65
N LEU B 204 21.52 -19.61 -11.42
CA LEU B 204 21.27 -20.88 -10.76
C LEU B 204 19.79 -21.20 -10.90
N PRO B 205 19.43 -22.25 -11.65
CA PRO B 205 18.02 -22.60 -11.80
C PRO B 205 17.43 -23.09 -10.49
N LEU B 206 16.18 -22.71 -10.25
CA LEU B 206 15.45 -23.10 -9.06
C LEU B 206 14.12 -23.72 -9.48
N GLU B 207 13.36 -24.17 -8.49
CA GLU B 207 12.08 -24.81 -8.77
C GLU B 207 11.08 -23.80 -9.33
N ASN B 208 10.16 -24.32 -10.14
CA ASN B 208 9.04 -23.54 -10.66
C ASN B 208 9.49 -22.46 -11.63
N GLY B 209 10.62 -22.67 -12.31
CA GLY B 209 11.10 -21.70 -13.26
C GLY B 209 11.78 -20.50 -12.64
N ARG B 210 11.92 -20.46 -11.32
CA ARG B 210 12.63 -19.38 -10.67
C ARG B 210 14.13 -19.58 -10.75
N PHE B 211 14.87 -18.49 -10.53
CA PHE B 211 16.33 -18.55 -10.59
C PHE B 211 16.91 -17.49 -9.65
N ILE B 212 18.18 -17.70 -9.30
CA ILE B 212 18.95 -16.68 -8.59
C ILE B 212 20.28 -16.50 -9.32
N ALA B 213 21.03 -15.47 -8.93
CA ALA B 213 22.27 -15.18 -9.64
C ALA B 213 23.27 -16.32 -9.47
N GLY B 214 23.94 -16.67 -10.59
CA GLY B 214 24.88 -17.78 -10.59
C GLY B 214 26.28 -17.37 -10.19
N THR B 215 27.13 -18.38 -9.97
CA THR B 215 28.52 -18.13 -9.62
C THR B 215 29.28 -17.38 -10.72
N GLY B 216 28.85 -17.51 -11.97
CA GLY B 216 29.56 -16.84 -13.05
C GLY B 216 29.65 -15.34 -12.89
N CYS B 217 28.63 -14.72 -12.30
CA CYS B 217 28.66 -13.28 -12.08
C CYS B 217 29.80 -12.90 -11.15
N LEU B 218 29.95 -13.64 -10.04
CA LEU B 218 31.02 -13.35 -9.08
C LEU B 218 32.38 -13.58 -9.71
N VAL B 219 32.53 -14.68 -10.45
CA VAL B 219 33.79 -14.99 -11.11
C VAL B 219 34.14 -13.88 -12.10
N ARG B 220 33.16 -13.40 -12.86
CA ARG B 220 33.41 -12.37 -13.85
C ARG B 220 33.84 -11.06 -13.18
N ALA B 221 33.20 -10.70 -12.07
CA ALA B 221 33.61 -9.49 -11.36
C ALA B 221 35.08 -9.60 -10.96
N VAL B 222 35.48 -10.74 -10.38
CA VAL B 222 36.87 -10.89 -9.97
C VAL B 222 37.79 -10.87 -11.19
N GLU B 223 37.39 -11.54 -12.28
CA GLU B 223 38.21 -11.56 -13.49
C GLU B 223 38.47 -10.16 -14.01
N MET B 224 37.41 -9.34 -14.10
CA MET B 224 37.56 -7.99 -14.63
C MET B 224 38.45 -7.14 -13.74
N ALA B 225 38.22 -7.20 -12.42
CA ALA B 225 39.02 -6.35 -11.54
C ALA B 225 40.47 -6.80 -11.50
N ALA B 226 40.72 -8.11 -11.55
CA ALA B 226 42.06 -8.66 -11.53
C ALA B 226 42.69 -8.74 -12.92
N GLN B 227 41.93 -8.42 -13.97
CA GLN B 227 42.43 -8.51 -15.34
C GLN B 227 43.06 -9.88 -15.57
N ARG B 228 42.30 -10.91 -15.15
CA ARG B 228 42.71 -12.31 -15.22
C ARG B 228 41.56 -13.13 -15.77
N GLN B 229 41.89 -14.31 -16.28
CA GLN B 229 40.90 -15.28 -16.75
C GLN B 229 40.87 -16.46 -15.78
N ALA B 230 39.69 -16.76 -15.26
CA ALA B 230 39.56 -17.82 -14.26
C ALA B 230 39.54 -19.20 -14.92
N ASP B 231 40.01 -20.20 -14.18
CA ASP B 231 39.94 -21.59 -14.62
C ASP B 231 38.66 -22.20 -14.07
N ILE B 232 37.80 -22.72 -14.94
CA ILE B 232 36.49 -23.22 -14.53
C ILE B 232 36.53 -24.73 -14.39
N ILE B 233 36.08 -25.23 -13.24
CA ILE B 233 36.11 -26.65 -12.92
C ILE B 233 34.86 -27.35 -13.43
N GLY B 234 33.69 -26.72 -13.31
CA GLY B 234 32.44 -27.41 -13.53
C GLY B 234 32.10 -27.58 -14.99
N LYS B 235 31.04 -28.35 -15.23
CA LYS B 235 30.53 -28.54 -16.57
C LYS B 235 30.27 -27.18 -17.19
N PRO B 236 30.61 -26.97 -18.48
CA PRO B 236 30.99 -27.93 -19.50
C PRO B 236 32.47 -28.28 -19.56
N SER B 237 33.27 -27.75 -18.63
CA SER B 237 34.70 -28.03 -18.65
C SER B 237 34.94 -29.51 -18.42
N ARG B 238 35.90 -30.06 -19.15
CA ARG B 238 36.23 -31.48 -19.07
C ARG B 238 36.98 -31.88 -17.80
N PHE B 239 37.36 -30.94 -16.93
CA PHE B 239 38.07 -31.36 -15.73
C PHE B 239 37.17 -32.18 -14.81
N ILE B 240 35.87 -31.87 -14.77
CA ILE B 240 34.97 -32.62 -13.90
C ILE B 240 34.90 -34.07 -14.36
N PHE B 241 34.92 -34.29 -15.68
CA PHE B 241 34.99 -35.65 -16.21
C PHE B 241 36.29 -36.35 -15.81
N ASP B 242 37.41 -35.63 -15.89
CA ASP B 242 38.68 -36.20 -15.46
C ASP B 242 38.68 -36.50 -13.97
N CYS B 243 37.98 -35.67 -13.19
CA CYS B 243 37.84 -35.87 -11.75
C CYS B 243 37.06 -37.14 -11.47
N VAL B 244 36.02 -37.40 -12.26
CA VAL B 244 35.29 -38.66 -12.14
C VAL B 244 36.20 -39.84 -12.53
N SER B 245 36.91 -39.70 -13.64
CA SER B 245 37.70 -40.81 -14.16
C SER B 245 38.89 -41.15 -13.25
N GLN B 246 39.44 -40.16 -12.54
CA GLN B 246 40.55 -40.45 -11.65
C GLN B 246 40.20 -41.57 -10.67
N GLU B 247 38.95 -41.64 -10.24
CA GLU B 247 38.52 -42.70 -9.33
C GLU B 247 37.81 -43.85 -10.03
N TYR B 248 37.06 -43.58 -11.10
CA TYR B 248 36.26 -44.61 -11.73
C TYR B 248 37.02 -45.39 -12.79
N GLY B 249 37.92 -44.75 -13.53
CA GLY B 249 38.61 -45.41 -14.61
C GLY B 249 37.63 -45.78 -15.71
N ILE B 250 36.98 -44.77 -16.29
CA ILE B 250 35.89 -44.99 -17.22
C ILE B 250 36.44 -45.29 -18.61
N ASN B 251 35.77 -46.21 -19.32
CA ASN B 251 35.99 -46.41 -20.75
C ASN B 251 34.87 -45.70 -21.49
N PRO B 252 35.15 -44.62 -22.23
CA PRO B 252 34.05 -43.75 -22.71
C PRO B 252 32.95 -44.43 -23.50
N GLU B 253 33.26 -45.37 -24.39
CA GLU B 253 32.22 -45.97 -25.22
C GLU B 253 31.27 -46.84 -24.41
N ARG B 254 31.71 -47.35 -23.27
CA ARG B 254 30.91 -48.23 -22.43
C ARG B 254 30.33 -47.50 -21.22
N THR B 255 30.20 -46.18 -21.32
CA THR B 255 29.67 -45.33 -20.25
C THR B 255 28.64 -44.38 -20.87
N VAL B 256 27.54 -44.14 -20.16
CA VAL B 256 26.50 -43.24 -20.65
C VAL B 256 26.33 -42.10 -19.65
N MET B 257 26.12 -40.89 -20.17
CA MET B 257 25.90 -39.68 -19.37
C MET B 257 24.46 -39.24 -19.54
N VAL B 258 23.75 -39.14 -18.41
CA VAL B 258 22.34 -38.74 -18.36
C VAL B 258 22.28 -37.36 -17.75
N GLY B 259 21.64 -36.42 -18.44
CA GLY B 259 21.60 -35.04 -18.00
C GLY B 259 20.33 -34.35 -18.44
N ASP B 260 20.08 -33.18 -17.85
CA ASP B 260 18.88 -32.41 -18.13
C ASP B 260 19.14 -31.12 -18.92
N ARG B 261 20.38 -30.68 -19.00
CA ARG B 261 20.75 -29.38 -19.56
C ARG B 261 21.72 -29.57 -20.73
N LEU B 262 21.38 -28.99 -21.88
CA LEU B 262 22.19 -29.21 -23.08
C LEU B 262 23.55 -28.52 -23.00
N ASP B 263 23.61 -27.28 -22.52
CA ASP B 263 24.87 -26.55 -22.54
C ASP B 263 25.90 -27.11 -21.57
N THR B 264 25.48 -27.85 -20.55
CA THR B 264 26.40 -28.37 -19.54
C THR B 264 26.54 -29.89 -19.64
N ASP B 265 25.47 -30.65 -19.35
CA ASP B 265 25.60 -32.10 -19.22
C ASP B 265 25.87 -32.75 -20.58
N ILE B 266 24.99 -32.49 -21.56
CA ILE B 266 25.09 -33.15 -22.86
C ILE B 266 26.38 -32.74 -23.56
N LEU B 267 26.78 -31.48 -23.41
CA LEU B 267 28.03 -31.02 -24.01
C LEU B 267 29.22 -31.77 -23.44
N LEU B 268 29.25 -31.97 -22.11
CA LEU B 268 30.32 -32.75 -21.50
C LEU B 268 30.33 -34.16 -22.06
N GLY B 269 29.15 -34.77 -22.21
CA GLY B 269 29.09 -36.11 -22.77
C GLY B 269 29.65 -36.18 -24.18
N SER B 270 29.28 -35.22 -25.04
CA SER B 270 29.74 -35.25 -26.42
C SER B 270 31.25 -34.99 -26.52
N THR B 271 31.76 -34.01 -25.77
CA THR B 271 33.18 -33.69 -25.87
C THR B 271 34.05 -34.82 -25.32
N CYS B 272 33.54 -35.58 -24.36
CA CYS B 272 34.29 -36.66 -23.74
C CYS B 272 33.96 -38.02 -24.34
N SER B 273 33.24 -38.06 -25.46
CA SER B 273 32.94 -39.30 -26.18
C SER B 273 32.15 -40.27 -25.30
N LEU B 274 31.15 -39.75 -24.60
CA LEU B 274 30.23 -40.56 -23.82
C LEU B 274 28.89 -40.57 -24.53
N LYS B 275 28.20 -41.70 -24.51
CA LYS B 275 26.84 -41.72 -25.04
C LYS B 275 25.95 -40.87 -24.14
N THR B 276 25.05 -40.11 -24.76
CA THR B 276 24.28 -39.08 -24.07
C THR B 276 22.80 -39.43 -24.10
N ILE B 277 22.15 -39.30 -22.95
CA ILE B 277 20.71 -39.43 -22.83
C ILE B 277 20.23 -38.11 -22.22
N LEU B 278 19.24 -37.49 -22.85
CA LEU B 278 18.67 -36.24 -22.34
C LEU B 278 17.35 -36.55 -21.65
N THR B 279 17.20 -36.11 -20.41
CA THR B 279 15.97 -36.27 -19.67
C THR B 279 15.25 -34.93 -19.66
N LEU B 280 13.95 -34.94 -19.94
CA LEU B 280 13.16 -33.73 -20.11
C LEU B 280 12.53 -33.26 -18.82
N THR B 281 12.92 -33.83 -17.67
CA THR B 281 12.42 -33.38 -16.38
C THR B 281 13.05 -32.07 -15.91
N GLY B 282 14.04 -31.54 -16.63
CA GLY B 282 14.74 -30.36 -16.18
C GLY B 282 14.69 -29.19 -17.14
N VAL B 283 15.79 -28.44 -17.19
CA VAL B 283 15.81 -27.15 -17.90
C VAL B 283 15.52 -27.34 -19.38
N SER B 284 16.23 -28.26 -20.03
CA SER B 284 16.16 -28.33 -21.48
C SER B 284 14.89 -29.03 -21.96
N SER B 285 14.49 -28.70 -23.19
CA SER B 285 13.30 -29.23 -23.82
C SER B 285 13.64 -29.68 -25.23
N LEU B 286 12.75 -30.46 -25.83
CA LEU B 286 12.96 -30.89 -27.21
C LEU B 286 12.96 -29.70 -28.16
N GLU B 287 12.25 -28.62 -27.81
CA GLU B 287 12.31 -27.40 -28.62
C GLU B 287 13.72 -26.82 -28.67
N ASP B 288 14.43 -26.81 -27.53
CA ASP B 288 15.80 -26.31 -27.53
C ASP B 288 16.73 -27.17 -28.37
N VAL B 289 16.61 -28.50 -28.27
CA VAL B 289 17.44 -29.35 -29.12
C VAL B 289 17.04 -29.15 -30.57
N LYS B 290 15.77 -28.84 -30.84
CA LYS B 290 15.33 -28.53 -32.20
C LYS B 290 16.07 -27.32 -32.73
N SER B 291 16.13 -26.25 -31.92
CA SER B 291 16.86 -25.05 -32.32
C SER B 291 18.33 -25.37 -32.55
N ASN B 292 18.93 -26.18 -31.68
CA ASN B 292 20.33 -26.55 -31.81
C ASN B 292 20.57 -27.42 -33.04
N GLN B 293 19.58 -28.25 -33.41
CA GLN B 293 19.71 -29.12 -34.58
C GLN B 293 19.70 -28.29 -35.85
N GLU B 294 19.08 -27.11 -35.81
CA GLU B 294 19.21 -26.12 -36.86
C GLU B 294 20.56 -25.45 -36.62
N SER B 295 21.45 -25.48 -37.61
CA SER B 295 22.80 -24.97 -37.36
C SER B 295 22.76 -23.44 -37.37
N ASP B 296 22.57 -22.88 -36.18
CA ASP B 296 22.78 -21.47 -35.97
C ASP B 296 24.24 -21.24 -35.62
N SER B 297 24.79 -22.15 -34.82
CA SER B 297 26.17 -22.15 -34.38
C SER B 297 26.77 -23.53 -34.59
N MET B 298 28.08 -23.56 -34.81
CA MET B 298 28.80 -24.84 -34.92
C MET B 298 28.75 -25.60 -33.59
N PHE B 299 28.87 -24.87 -32.48
CA PHE B 299 28.83 -25.46 -31.15
C PHE B 299 27.51 -26.14 -30.85
N LYS B 300 26.39 -25.60 -31.36
CA LYS B 300 25.09 -26.20 -31.08
C LYS B 300 24.99 -27.65 -31.57
N LYS B 301 25.70 -28.00 -32.64
CA LYS B 301 25.70 -29.40 -33.07
C LYS B 301 26.27 -30.31 -31.98
N LYS B 302 27.27 -29.84 -31.23
CA LYS B 302 27.81 -30.65 -30.15
C LYS B 302 26.77 -30.90 -29.05
N MET B 303 25.84 -29.97 -28.88
CA MET B 303 24.81 -30.06 -27.84
C MET B 303 23.56 -30.80 -28.32
N VAL B 304 23.72 -32.01 -28.83
CA VAL B 304 22.56 -32.81 -29.23
C VAL B 304 22.63 -34.20 -28.62
N PRO B 305 21.56 -34.68 -27.97
CA PRO B 305 21.60 -36.00 -27.33
C PRO B 305 21.49 -37.13 -28.34
N ASP B 306 22.15 -38.25 -28.00
CA ASP B 306 21.97 -39.45 -28.80
C ASP B 306 20.58 -40.04 -28.60
N PHE B 307 20.09 -40.03 -27.36
CA PHE B 307 18.79 -40.59 -27.01
C PHE B 307 18.08 -39.61 -26.07
N TYR B 308 16.75 -39.71 -26.00
CA TYR B 308 15.98 -38.85 -25.10
C TYR B 308 14.86 -39.62 -24.42
N VAL B 309 14.57 -39.21 -23.17
CA VAL B 309 13.50 -39.79 -22.36
C VAL B 309 12.83 -38.66 -21.58
N ASP B 310 11.53 -38.83 -21.31
CA ASP B 310 10.83 -37.85 -20.48
C ASP B 310 11.33 -37.90 -19.03
N SER B 311 11.58 -39.10 -18.52
CA SER B 311 12.10 -39.29 -17.17
C SER B 311 12.94 -40.55 -17.16
N ILE B 312 13.85 -40.65 -16.18
CA ILE B 312 14.65 -41.87 -16.07
C ILE B 312 13.78 -43.04 -15.65
N ALA B 313 12.62 -42.76 -15.06
CA ALA B 313 11.69 -43.84 -14.74
C ALA B 313 11.27 -44.59 -16.00
N ASP B 314 11.41 -43.95 -17.16
CA ASP B 314 11.08 -44.60 -18.42
C ASP B 314 11.98 -45.80 -18.71
N LEU B 315 13.10 -45.91 -18.01
CA LEU B 315 13.98 -47.06 -18.17
C LEU B 315 13.59 -48.23 -17.28
N LEU B 316 12.63 -48.07 -16.36
CA LEU B 316 12.29 -49.17 -15.46
C LEU B 316 11.75 -50.40 -16.19
N PRO B 317 10.94 -50.29 -17.24
CA PRO B 317 10.50 -51.51 -17.94
C PRO B 317 11.63 -52.36 -18.48
N ALA B 318 12.70 -51.73 -18.97
CA ALA B 318 13.82 -52.47 -19.53
C ALA B 318 14.75 -53.05 -18.48
N LEU B 319 14.64 -52.59 -17.23
CA LEU B 319 15.50 -53.09 -16.17
C LEU B 319 14.90 -54.30 -15.49
N GLN B 320 13.58 -54.41 -15.49
CA GLN B 320 12.92 -55.61 -15.02
C GLN B 320 13.16 -56.75 -15.99
N ALA C 11 16.94 19.27 19.48
CA ALA C 11 17.36 18.88 20.82
C ALA C 11 18.82 18.43 20.80
N ARG C 12 19.69 19.21 21.44
CA ARG C 12 21.12 18.93 21.42
C ARG C 12 21.70 18.77 22.82
N CYS C 13 20.87 18.34 23.78
CA CYS C 13 21.27 18.26 25.18
C CYS C 13 22.38 19.24 25.49
N VAL C 14 22.07 20.53 25.50
CA VAL C 14 23.03 21.58 25.76
C VAL C 14 23.13 21.80 27.26
N ARG C 15 24.34 22.05 27.76
CA ARG C 15 24.50 22.32 29.18
C ARG C 15 23.92 23.70 29.47
N LEU C 16 22.99 23.76 30.43
CA LEU C 16 22.31 25.01 30.72
C LEU C 16 23.23 25.77 31.69
N SER C 17 23.93 26.76 31.15
CA SER C 17 24.76 27.64 31.95
C SER C 17 23.93 28.83 32.40
N ALA C 18 24.45 29.58 33.36
CA ALA C 18 23.67 30.66 33.95
C ALA C 18 23.13 31.60 32.87
N GLU C 19 23.93 31.88 31.85
CA GLU C 19 23.48 32.73 30.74
C GLU C 19 22.34 32.06 29.98
N ARG C 20 22.54 30.80 29.56
CA ARG C 20 21.50 30.08 28.84
C ARG C 20 20.24 29.95 29.68
N ALA C 21 20.40 29.68 30.99
CA ALA C 21 19.24 29.56 31.86
C ALA C 21 18.49 30.89 31.97
N LYS C 22 19.21 32.01 32.07
CA LYS C 22 18.54 33.30 32.15
C LYS C 22 17.73 33.57 30.89
N LEU C 23 18.32 33.29 29.71
CA LEU C 23 17.59 33.47 28.45
C LEU C 23 16.35 32.57 28.41
N LEU C 24 16.52 31.29 28.76
CA LEU C 24 15.40 30.35 28.78
C LEU C 24 14.30 30.81 29.71
N LEU C 25 14.65 31.19 30.94
CA LEU C 25 13.64 31.63 31.89
C LEU C 25 12.93 32.87 31.40
N ALA C 26 13.65 33.77 30.70
CA ALA C 26 12.98 34.91 30.10
C ALA C 26 11.92 34.45 29.11
N GLU C 27 12.20 33.35 28.39
CA GLU C 27 11.23 32.88 27.40
C GLU C 27 10.03 32.12 27.99
N VAL C 28 10.13 31.55 29.19
CA VAL C 28 9.09 30.68 29.73
C VAL C 28 8.37 31.33 30.90
N ASP C 29 7.05 31.14 30.95
CA ASP C 29 6.21 31.57 32.06
C ASP C 29 5.74 30.42 32.94
N THR C 30 5.81 29.18 32.46
CA THR C 30 5.36 28.01 33.22
C THR C 30 6.43 26.93 33.20
N LEU C 31 6.69 26.35 34.37
CA LEU C 31 7.63 25.25 34.54
C LEU C 31 6.88 24.07 35.13
N LEU C 32 6.96 22.92 34.47
CA LEU C 32 6.31 21.69 34.89
C LEU C 32 7.38 20.69 35.31
N PHE C 33 7.27 20.15 36.52
CA PHE C 33 8.31 19.34 37.13
C PHE C 33 7.82 17.92 37.37
N ASN C 34 8.71 16.96 37.14
CA ASN C 34 8.56 15.63 37.71
C ASN C 34 9.07 15.69 39.14
N CYS C 35 8.45 14.91 40.03
CA CYS C 35 8.75 15.08 41.45
C CYS C 35 9.91 14.21 41.94
N ASP C 36 9.85 12.90 41.72
CA ASP C 36 10.86 12.01 42.27
C ASP C 36 12.08 12.02 41.37
N GLY C 37 13.25 12.28 41.96
CA GLY C 37 14.49 12.41 41.22
C GLY C 37 14.80 13.82 40.74
N VAL C 38 13.86 14.75 40.88
CA VAL C 38 14.05 16.13 40.46
C VAL C 38 13.94 17.01 41.70
N LEU C 39 12.78 16.95 42.37
CA LEU C 39 12.54 17.75 43.56
C LEU C 39 12.95 17.03 44.83
N TRP C 40 12.73 15.72 44.91
CA TRP C 40 13.07 14.97 46.12
C TRP C 40 13.41 13.52 45.77
N ARG C 41 14.15 12.89 46.66
CA ARG C 41 14.42 11.46 46.59
C ARG C 41 13.81 10.86 47.85
N GLY C 42 12.74 10.09 47.69
CA GLY C 42 12.00 9.63 48.85
C GLY C 42 11.37 10.80 49.59
N GLU C 43 11.63 10.88 50.89
CA GLU C 43 11.14 11.94 51.75
C GLU C 43 12.16 13.06 51.95
N THR C 44 13.29 13.00 51.26
CA THR C 44 14.36 13.97 51.40
C THR C 44 14.45 14.81 50.14
N ALA C 45 14.45 16.13 50.30
CA ALA C 45 14.47 17.03 49.15
C ALA C 45 15.85 17.04 48.52
N VAL C 46 15.88 17.26 47.21
CA VAL C 46 17.15 17.43 46.49
C VAL C 46 17.80 18.72 46.96
N PRO C 47 19.08 18.73 47.31
CA PRO C 47 19.68 19.95 47.89
C PRO C 47 19.56 21.13 46.93
N GLY C 48 19.03 22.23 47.46
CA GLY C 48 18.87 23.44 46.69
C GLY C 48 17.58 23.53 45.91
N ALA C 49 16.82 22.43 45.80
CA ALA C 49 15.58 22.46 45.02
C ALA C 49 14.51 23.31 45.69
N PRO C 50 14.27 23.22 47.01
CA PRO C 50 13.24 24.08 47.62
C PRO C 50 13.53 25.55 47.39
N GLU C 51 14.79 25.96 47.56
CA GLU C 51 15.16 27.34 47.30
C GLU C 51 14.88 27.71 45.84
N THR C 52 15.17 26.78 44.93
CA THR C 52 15.03 27.08 43.51
C THR C 52 13.57 27.33 43.16
N LEU C 53 12.67 26.48 43.66
CA LEU C 53 11.26 26.64 43.34
C LEU C 53 10.65 27.85 44.04
N ARG C 54 11.06 28.12 45.28
CA ARG C 54 10.57 29.35 45.92
C ARG C 54 11.01 30.57 45.12
N ALA C 55 12.25 30.57 44.61
CA ALA C 55 12.72 31.69 43.80
C ALA C 55 11.92 31.80 42.51
N LEU C 56 11.62 30.67 41.86
CA LEU C 56 10.80 30.70 40.66
C LEU C 56 9.43 31.31 40.95
N ARG C 57 8.84 30.96 42.08
CA ARG C 57 7.56 31.53 42.47
C ARG C 57 7.66 33.03 42.68
N ALA C 58 8.74 33.50 43.33
CA ALA C 58 8.90 34.93 43.56
C ALA C 58 9.06 35.70 42.25
N ARG C 59 9.71 35.08 41.26
CA ARG C 59 9.91 35.73 39.97
C ARG C 59 8.68 35.71 39.08
N GLY C 60 7.57 35.13 39.55
CA GLY C 60 6.34 35.11 38.81
C GLY C 60 6.12 33.91 37.93
N LYS C 61 6.99 32.92 37.97
CA LYS C 61 6.82 31.72 37.17
C LYS C 61 5.75 30.83 37.78
N ARG C 62 4.93 30.21 36.92
CA ARG C 62 3.89 29.30 37.37
C ARG C 62 4.42 27.87 37.38
N LEU C 63 4.18 27.16 38.48
CA LEU C 63 4.74 25.83 38.67
C LEU C 63 3.64 24.78 38.65
N GLY C 64 3.89 23.70 37.91
CA GLY C 64 3.03 22.55 37.92
C GLY C 64 3.88 21.32 38.16
N PHE C 65 3.24 20.26 38.63
CA PHE C 65 3.96 19.03 38.98
C PHE C 65 3.22 17.84 38.37
N ILE C 66 3.98 16.98 37.70
CA ILE C 66 3.44 15.82 36.98
C ILE C 66 4.12 14.58 37.52
N THR C 67 3.31 13.59 37.91
CA THR C 67 3.78 12.33 38.45
C THR C 67 3.02 11.17 37.82
N ASN C 68 3.72 10.06 37.64
CA ASN C 68 3.11 8.84 37.14
C ASN C 68 2.63 7.92 38.27
N ASN C 69 2.86 8.33 39.53
CA ASN C 69 2.50 7.53 40.69
C ASN C 69 1.08 7.84 41.14
N SER C 70 0.32 6.77 41.44
CA SER C 70 -1.10 6.88 41.76
C SER C 70 -1.41 6.64 43.23
N SER C 71 -0.41 6.68 44.12
CA SER C 71 -0.62 6.32 45.51
C SER C 71 -0.97 7.50 46.41
N LYS C 72 -0.77 8.74 45.96
CA LYS C 72 -1.06 9.93 46.74
C LYS C 72 -2.05 10.85 46.04
N THR C 73 -2.86 11.56 46.84
CA THR C 73 -3.81 12.53 46.34
C THR C 73 -3.10 13.85 46.00
N ARG C 74 -3.80 14.72 45.27
CA ARG C 74 -3.24 16.03 44.95
C ARG C 74 -2.92 16.80 46.20
N THR C 75 -3.85 16.85 47.15
CA THR C 75 -3.65 17.61 48.37
C THR C 75 -2.53 17.00 49.21
N ALA C 76 -2.38 15.67 49.17
CA ALA C 76 -1.28 15.02 49.86
C ALA C 76 0.06 15.45 49.27
N TYR C 77 0.15 15.48 47.93
CA TYR C 77 1.35 15.98 47.28
C TYR C 77 1.61 17.44 47.65
N ALA C 78 0.55 18.24 47.71
CA ALA C 78 0.70 19.64 48.09
C ALA C 78 1.26 19.74 49.50
N GLU C 79 0.81 18.85 50.40
CA GLU C 79 1.31 18.86 51.77
C GLU C 79 2.79 18.49 51.78
N LYS C 80 3.20 17.50 50.99
CA LYS C 80 4.61 17.13 50.94
C LYS C 80 5.46 18.27 50.37
N LEU C 81 4.96 18.94 49.33
CA LEU C 81 5.69 20.08 48.77
C LEU C 81 5.84 21.20 49.80
N ARG C 82 4.75 21.53 50.51
CA ARG C 82 4.82 22.60 51.51
C ARG C 82 5.74 22.23 52.67
N ARG C 83 5.62 21.01 53.17
CA ARG C 83 6.41 20.56 54.31
C ARG C 83 7.89 20.57 53.99
N LEU C 84 8.26 20.29 52.74
CA LEU C 84 9.66 20.25 52.32
C LEU C 84 10.18 21.61 51.86
N GLY C 85 9.36 22.67 51.93
CA GLY C 85 9.80 24.02 51.63
C GLY C 85 9.60 24.49 50.21
N PHE C 86 8.89 23.72 49.38
CA PHE C 86 8.69 24.10 47.99
C PHE C 86 7.61 25.15 47.79
N GLY C 87 6.79 25.41 48.80
CA GLY C 87 5.76 26.43 48.67
C GLY C 87 4.41 25.82 48.33
N GLY C 88 3.46 26.72 48.05
CA GLY C 88 2.12 26.31 47.68
C GLY C 88 1.39 27.41 46.95
N PRO C 89 0.19 27.09 46.45
CA PRO C 89 -0.64 28.11 45.81
C PRO C 89 -0.84 29.32 46.71
N VAL C 90 -0.84 30.51 46.10
CA VAL C 90 -0.75 31.75 46.88
C VAL C 90 -2.07 32.08 47.56
N GLY C 91 -3.20 31.90 46.86
CA GLY C 91 -4.49 32.25 47.40
C GLY C 91 -5.59 31.39 46.82
N PRO C 92 -6.84 31.68 47.17
CA PRO C 92 -7.95 30.91 46.59
C PRO C 92 -8.02 30.98 45.08
N GLU C 93 -7.53 32.06 44.47
CA GLU C 93 -7.59 32.20 43.02
C GLU C 93 -6.78 31.10 42.34
N ALA C 94 -5.65 30.72 42.92
CA ALA C 94 -4.79 29.71 42.34
C ALA C 94 -5.26 28.32 42.75
N GLY C 95 -5.26 27.40 41.80
CA GLY C 95 -5.72 26.05 42.04
C GLY C 95 -4.56 25.10 42.35
N LEU C 96 -4.93 23.84 42.60
CA LEU C 96 -3.95 22.82 42.94
C LEU C 96 -2.89 22.75 41.85
N GLU C 97 -1.67 22.37 42.26
CA GLU C 97 -0.53 22.41 41.34
C GLU C 97 -0.04 21.03 40.91
N VAL C 98 -0.49 19.96 41.55
CA VAL C 98 0.01 18.62 41.31
C VAL C 98 -1.00 17.82 40.50
N PHE C 99 -0.51 17.19 39.44
CA PHE C 99 -1.30 16.36 38.55
C PHE C 99 -0.65 14.99 38.53
N GLY C 100 -1.21 14.06 39.31
CA GLY C 100 -0.74 12.70 39.37
C GLY C 100 -1.71 11.77 38.67
N THR C 101 -1.29 10.51 38.53
CA THR C 101 -2.11 9.56 37.78
C THR C 101 -3.41 9.22 38.49
N ALA C 102 -3.51 9.40 39.81
CA ALA C 102 -4.79 9.18 40.48
C ALA C 102 -5.81 10.21 40.02
N TYR C 103 -5.47 11.50 40.17
CA TYR C 103 -6.39 12.55 39.73
C TYR C 103 -6.65 12.46 38.24
N CYS C 104 -5.60 12.32 37.43
CA CYS C 104 -5.80 12.35 35.99
C CYS C 104 -6.54 11.11 35.51
N SER C 105 -6.41 9.97 36.21
CA SER C 105 -7.28 8.83 35.93
C SER C 105 -8.74 9.19 36.19
N ALA C 106 -8.99 9.88 37.31
CA ALA C 106 -10.35 10.32 37.60
C ALA C 106 -10.88 11.23 36.49
N LEU C 107 -10.05 12.17 36.04
CA LEU C 107 -10.47 13.11 35.00
C LEU C 107 -10.75 12.37 33.69
N TYR C 108 -9.90 11.40 33.35
CA TYR C 108 -10.11 10.60 32.15
C TYR C 108 -11.44 9.87 32.20
N LEU C 109 -11.75 9.24 33.34
CA LEU C 109 -13.00 8.49 33.42
C LEU C 109 -14.20 9.43 33.41
N ARG C 110 -14.07 10.61 34.03
CA ARG C 110 -15.13 11.62 33.93
C ARG C 110 -15.41 11.94 32.47
N GLN C 111 -14.35 12.15 31.68
CA GLN C 111 -14.54 12.52 30.29
C GLN C 111 -15.08 11.37 29.45
N ARG C 112 -14.55 10.16 29.64
CA ARG C 112 -14.91 9.04 28.79
C ARG C 112 -16.19 8.32 29.22
N LEU C 113 -16.69 8.57 30.43
CA LEU C 113 -17.95 7.98 30.87
C LEU C 113 -19.02 9.05 31.00
N ALA C 114 -18.91 10.09 30.18
CA ALA C 114 -19.88 11.17 30.21
C ALA C 114 -21.23 10.62 29.79
N GLY C 115 -22.27 11.03 30.50
CA GLY C 115 -23.62 10.55 30.25
C GLY C 115 -23.95 9.23 30.89
N VAL C 116 -22.95 8.48 31.36
CA VAL C 116 -23.22 7.21 32.04
C VAL C 116 -23.77 7.55 33.42
N PRO C 117 -24.88 6.96 33.86
CA PRO C 117 -25.57 7.50 35.05
C PRO C 117 -24.85 7.38 36.38
N ASP C 118 -24.39 6.20 36.76
CA ASP C 118 -23.72 5.99 38.05
C ASP C 118 -22.46 5.15 37.81
N PRO C 119 -21.45 5.75 37.20
CA PRO C 119 -20.31 4.94 36.75
C PRO C 119 -19.62 4.25 37.92
N LYS C 120 -19.28 2.99 37.70
CA LYS C 120 -18.56 2.19 38.67
C LYS C 120 -17.32 1.64 37.98
N ALA C 121 -16.25 1.51 38.75
CA ALA C 121 -14.97 1.05 38.22
C ALA C 121 -14.40 0.01 39.17
N TYR C 122 -13.81 -1.03 38.59
CA TYR C 122 -13.06 -2.03 39.37
C TYR C 122 -11.62 -1.54 39.42
N VAL C 123 -11.15 -1.18 40.61
CA VAL C 123 -9.89 -0.48 40.77
C VAL C 123 -8.88 -1.45 41.36
N LEU C 124 -7.89 -1.83 40.55
CA LEU C 124 -6.71 -2.52 41.07
C LEU C 124 -5.68 -1.46 41.45
N GLY C 125 -5.96 -0.77 42.55
CA GLY C 125 -5.18 0.41 42.86
C GLY C 125 -5.35 0.87 44.30
N SER C 126 -4.82 2.08 44.55
CA SER C 126 -4.68 2.63 45.88
C SER C 126 -5.98 3.27 46.39
N PRO C 127 -6.07 3.47 47.71
CA PRO C 127 -7.17 4.29 48.24
C PRO C 127 -7.19 5.71 47.70
N ALA C 128 -6.01 6.26 47.39
CA ALA C 128 -5.96 7.61 46.82
C ALA C 128 -6.65 7.66 45.47
N LEU C 129 -6.43 6.64 44.64
CA LEU C 129 -7.10 6.59 43.33
C LEU C 129 -8.61 6.54 43.51
N ALA C 130 -9.09 5.76 44.50
CA ALA C 130 -10.52 5.69 44.76
C ALA C 130 -11.07 7.03 45.25
N ALA C 131 -10.32 7.74 46.10
CA ALA C 131 -10.80 9.05 46.58
C ALA C 131 -10.90 10.03 45.41
N GLU C 132 -9.87 10.06 44.56
CA GLU C 132 -9.89 10.95 43.41
C GLU C 132 -11.04 10.61 42.48
N LEU C 133 -11.32 9.31 42.31
CA LEU C 133 -12.45 8.89 41.49
C LEU C 133 -13.79 9.31 42.10
N GLU C 134 -13.93 9.19 43.42
CA GLU C 134 -15.19 9.59 44.05
C GLU C 134 -15.43 11.08 43.83
N ALA C 135 -14.36 11.87 43.85
CA ALA C 135 -14.53 13.31 43.63
C ALA C 135 -15.15 13.61 42.28
N VAL C 136 -14.87 12.80 41.26
CA VAL C 136 -15.42 13.02 39.93
C VAL C 136 -16.70 12.25 39.69
N GLY C 137 -17.21 11.56 40.70
CA GLY C 137 -18.45 10.84 40.59
C GLY C 137 -18.36 9.37 40.24
N VAL C 138 -17.16 8.78 40.28
CA VAL C 138 -16.96 7.39 39.94
C VAL C 138 -16.84 6.56 41.22
N THR C 139 -17.76 5.62 41.39
CA THR C 139 -17.71 4.69 42.50
C THR C 139 -16.67 3.62 42.21
N SER C 140 -15.97 3.18 43.26
CA SER C 140 -14.88 2.23 43.11
C SER C 140 -15.20 0.92 43.84
N VAL C 141 -14.81 -0.18 43.21
CA VAL C 141 -15.00 -1.52 43.75
C VAL C 141 -13.66 -2.25 43.66
N GLY C 142 -13.34 -3.04 44.69
CA GLY C 142 -12.21 -3.93 44.60
C GLY C 142 -10.90 -3.41 45.15
N VAL C 143 -10.88 -2.21 45.73
CA VAL C 143 -9.66 -1.71 46.35
C VAL C 143 -9.34 -2.54 47.58
N GLY C 144 -8.07 -2.91 47.72
CA GLY C 144 -7.61 -3.69 48.85
C GLY C 144 -7.36 -5.14 48.50
N PRO C 145 -7.08 -5.95 49.52
CA PRO C 145 -6.73 -7.35 49.27
C PRO C 145 -7.91 -8.17 48.79
N ASP C 146 -7.59 -9.15 47.93
CA ASP C 146 -8.53 -10.20 47.49
C ASP C 146 -7.69 -11.46 47.34
N VAL C 147 -7.39 -12.10 48.49
CA VAL C 147 -6.51 -13.28 48.47
C VAL C 147 -7.24 -14.49 47.89
N LEU C 148 -6.46 -15.46 47.44
CA LEU C 148 -7.02 -16.62 46.76
C LEU C 148 -7.90 -17.45 47.69
N HIS C 149 -9.01 -17.91 47.12
CA HIS C 149 -9.98 -18.78 47.77
C HIS C 149 -10.42 -19.86 46.79
N GLY C 150 -10.79 -21.02 47.32
CA GLY C 150 -11.24 -22.10 46.49
C GLY C 150 -10.10 -22.95 45.96
N ASP C 151 -10.45 -24.13 45.46
CA ASP C 151 -9.46 -25.09 44.98
C ASP C 151 -9.31 -25.09 43.46
N GLY C 152 -10.20 -24.43 42.72
CA GLY C 152 -10.15 -24.48 41.27
C GLY C 152 -10.86 -23.33 40.59
N PRO C 153 -10.81 -23.33 39.25
CA PRO C 153 -11.45 -22.24 38.49
C PRO C 153 -12.95 -22.11 38.74
N SER C 154 -13.65 -23.23 38.93
CA SER C 154 -15.10 -23.16 39.13
C SER C 154 -15.43 -22.32 40.36
N ASP C 155 -14.65 -22.47 41.43
CA ASP C 155 -14.85 -21.65 42.62
C ASP C 155 -14.48 -20.19 42.34
N TRP C 156 -13.39 -19.97 41.61
CA TRP C 156 -12.94 -18.60 41.36
C TRP C 156 -13.94 -17.85 40.48
N LEU C 157 -14.50 -18.54 39.48
CA LEU C 157 -15.45 -17.92 38.56
C LEU C 157 -16.86 -17.86 39.11
N ALA C 158 -17.12 -18.47 40.27
CA ALA C 158 -18.43 -18.42 40.88
C ALA C 158 -18.60 -17.21 41.78
N VAL C 159 -17.53 -16.47 42.05
CA VAL C 159 -17.61 -15.27 42.89
C VAL C 159 -18.49 -14.23 42.21
N PRO C 160 -19.43 -13.63 42.92
CA PRO C 160 -20.31 -12.65 42.27
C PRO C 160 -19.58 -11.38 41.88
N LEU C 161 -20.00 -10.79 40.76
CA LEU C 161 -19.44 -9.56 40.25
C LEU C 161 -20.42 -8.42 40.51
N GLU C 162 -19.88 -7.22 40.68
CA GLU C 162 -20.75 -6.06 40.90
C GLU C 162 -21.40 -5.67 39.58
N PRO C 163 -22.67 -5.25 39.59
CA PRO C 163 -23.33 -4.86 38.35
C PRO C 163 -22.94 -3.45 37.90
N ASP C 164 -23.05 -3.24 36.59
CA ASP C 164 -22.87 -1.92 35.99
C ASP C 164 -21.47 -1.37 36.26
N VAL C 165 -20.46 -2.22 36.12
CA VAL C 165 -19.07 -1.78 36.15
C VAL C 165 -18.67 -1.43 34.72
N ARG C 166 -18.29 -0.17 34.51
CA ARG C 166 -18.00 0.35 33.18
C ARG C 166 -16.53 0.64 32.94
N ALA C 167 -15.65 0.36 33.92
CA ALA C 167 -14.23 0.55 33.70
C ALA C 167 -13.43 -0.33 34.65
N VAL C 168 -12.23 -0.71 34.21
CA VAL C 168 -11.24 -1.38 35.04
C VAL C 168 -10.00 -0.49 35.04
N VAL C 169 -9.57 -0.06 36.21
CA VAL C 169 -8.42 0.81 36.37
C VAL C 169 -7.31 0.05 37.08
N VAL C 170 -6.15 -0.05 36.45
CA VAL C 170 -4.98 -0.71 37.01
C VAL C 170 -3.97 0.36 37.39
N GLY C 171 -3.74 0.54 38.68
CA GLY C 171 -2.72 1.43 39.19
C GLY C 171 -1.69 0.65 39.95
N PHE C 172 -0.91 1.28 40.82
CA PHE C 172 0.03 0.52 41.64
C PHE C 172 -0.75 -0.22 42.71
N ASP C 173 -0.93 -1.53 42.53
CA ASP C 173 -1.66 -2.36 43.47
C ASP C 173 -0.70 -3.36 44.11
N PRO C 174 -0.17 -3.08 45.30
CA PRO C 174 0.64 -4.10 45.99
C PRO C 174 -0.17 -5.29 46.45
N HIS C 175 -1.50 -5.21 46.40
CA HIS C 175 -2.38 -6.32 46.72
C HIS C 175 -2.83 -7.08 45.48
N PHE C 176 -2.21 -6.82 44.34
CA PHE C 176 -2.56 -7.52 43.11
C PHE C 176 -2.45 -9.02 43.31
N SER C 177 -3.44 -9.74 42.81
CA SER C 177 -3.52 -11.19 42.98
C SER C 177 -4.11 -11.79 41.72
N TYR C 178 -4.02 -13.12 41.60
CA TYR C 178 -4.68 -13.78 40.48
C TYR C 178 -6.18 -13.61 40.55
N MET C 179 -6.74 -13.50 41.77
CA MET C 179 -8.18 -13.30 41.90
C MET C 179 -8.59 -11.95 41.32
N LYS C 180 -7.80 -10.91 41.57
CA LYS C 180 -8.11 -9.60 41.01
C LYS C 180 -7.95 -9.59 39.51
N LEU C 181 -6.93 -10.30 38.99
CA LEU C 181 -6.79 -10.43 37.54
C LEU C 181 -7.98 -11.14 36.92
N THR C 182 -8.46 -12.20 37.57
CA THR C 182 -9.62 -12.94 37.06
C THR C 182 -10.86 -12.05 37.05
N LYS C 183 -11.10 -11.30 38.14
CA LYS C 183 -12.25 -10.41 38.17
C LYS C 183 -12.13 -9.31 37.12
N ALA C 184 -10.92 -8.78 36.91
CA ALA C 184 -10.72 -7.76 35.89
C ALA C 184 -11.04 -8.31 34.51
N VAL C 185 -10.56 -9.51 34.20
CA VAL C 185 -10.85 -10.12 32.90
C VAL C 185 -12.35 -10.32 32.74
N ARG C 186 -13.03 -10.73 33.81
CA ARG C 186 -14.48 -10.93 33.72
C ARG C 186 -15.22 -9.63 33.46
N TYR C 187 -14.82 -8.54 34.14
CA TYR C 187 -15.45 -7.26 33.87
C TYR C 187 -15.18 -6.81 32.43
N LEU C 188 -13.95 -7.06 31.95
CA LEU C 188 -13.57 -6.63 30.60
C LEU C 188 -14.17 -7.52 29.52
N GLN C 189 -14.83 -8.61 29.89
CA GLN C 189 -15.58 -9.39 28.91
C GLN C 189 -16.75 -8.59 28.35
N GLN C 190 -17.25 -7.63 29.11
CA GLN C 190 -18.25 -6.71 28.59
C GLN C 190 -17.57 -5.67 27.71
N PRO C 191 -17.96 -5.52 26.44
CA PRO C 191 -17.23 -4.59 25.57
C PRO C 191 -17.32 -3.15 26.03
N ASP C 192 -18.43 -2.75 26.65
CA ASP C 192 -18.59 -1.37 27.10
C ASP C 192 -17.53 -0.99 28.12
N CYS C 193 -17.02 -1.96 28.87
CA CYS C 193 -16.06 -1.69 29.93
C CYS C 193 -14.77 -1.12 29.36
N LEU C 194 -14.26 -0.06 30.00
CA LEU C 194 -13.00 0.55 29.62
C LEU C 194 -11.86 -0.09 30.39
N LEU C 195 -10.67 -0.06 29.80
CA LEU C 195 -9.45 -0.49 30.48
C LEU C 195 -8.49 0.69 30.51
N VAL C 196 -8.13 1.10 31.73
CA VAL C 196 -7.26 2.25 31.94
C VAL C 196 -6.09 1.81 32.80
N GLY C 197 -4.89 2.24 32.42
CA GLY C 197 -3.69 2.00 33.19
C GLY C 197 -3.07 3.32 33.62
N THR C 198 -2.66 3.40 34.88
CA THR C 198 -2.11 4.66 35.38
C THR C 198 -0.76 4.97 34.71
N ASN C 199 0.08 3.96 34.53
CA ASN C 199 1.36 4.15 33.85
C ASN C 199 1.85 2.79 33.37
N MET C 200 2.76 2.83 32.39
CA MET C 200 3.31 1.61 31.81
C MET C 200 4.77 1.38 32.22
N ASP C 201 5.20 1.98 33.32
CA ASP C 201 6.57 1.80 33.78
C ASP C 201 6.77 0.37 34.28
N ASN C 202 7.84 -0.27 33.85
CA ASN C 202 8.15 -1.62 34.31
C ASN C 202 8.73 -1.64 35.73
N ARG C 203 9.30 -0.54 36.20
CA ARG C 203 9.91 -0.46 37.52
C ARG C 203 9.54 0.85 38.20
N LEU C 204 9.37 0.78 39.52
CA LEU C 204 9.13 1.94 40.35
C LEU C 204 10.44 2.25 41.06
N PRO C 205 11.07 3.39 40.78
CA PRO C 205 12.36 3.72 41.42
C PRO C 205 12.24 4.02 42.90
N LEU C 206 13.26 3.60 43.65
CA LEU C 206 13.35 3.83 45.09
C LEU C 206 14.71 4.48 45.38
N GLU C 207 14.94 4.86 46.63
CA GLU C 207 16.19 5.53 46.98
C GLU C 207 17.38 4.58 46.90
N ASN C 208 18.55 5.15 46.59
CA ASN C 208 19.83 4.43 46.62
C ASN C 208 19.90 3.33 45.58
N GLY C 209 19.20 3.50 44.46
CA GLY C 209 19.25 2.57 43.36
C GLY C 209 18.41 1.31 43.51
N ARG C 210 17.68 1.15 44.60
CA ARG C 210 16.76 0.03 44.70
C ARG C 210 15.49 0.33 43.91
N PHE C 211 14.77 -0.72 43.55
CA PHE C 211 13.57 -0.58 42.75
C PHE C 211 12.61 -1.71 43.07
N ILE C 212 11.32 -1.50 42.76
CA ILE C 212 10.34 -2.58 42.83
C ILE C 212 9.56 -2.59 41.52
N ALA C 213 8.75 -3.63 41.32
CA ALA C 213 8.03 -3.78 40.06
C ALA C 213 7.03 -2.64 39.87
N GLY C 214 6.95 -2.11 38.64
CA GLY C 214 6.10 -0.99 38.33
C GLY C 214 4.67 -1.40 37.94
N THR C 215 3.80 -0.38 37.85
CA THR C 215 2.41 -0.59 37.46
C THR C 215 2.28 -1.20 36.07
N GLY C 216 3.24 -0.92 35.19
CA GLY C 216 3.16 -1.42 33.83
C GLY C 216 3.10 -2.95 33.77
N CYS C 217 3.77 -3.62 34.69
CA CYS C 217 3.73 -5.07 34.73
C CYS C 217 2.30 -5.56 34.94
N LEU C 218 1.60 -4.94 35.90
CA LEU C 218 0.23 -5.31 36.20
C LEU C 218 -0.69 -5.00 35.02
N VAL C 219 -0.53 -3.81 34.44
CA VAL C 219 -1.37 -3.43 33.30
C VAL C 219 -1.16 -4.43 32.16
N ARG C 220 0.09 -4.84 31.92
CA ARG C 220 0.36 -5.76 30.83
C ARG C 220 -0.28 -7.11 31.07
N ALA C 221 -0.22 -7.61 32.31
CA ALA C 221 -0.90 -8.87 32.61
C ALA C 221 -2.38 -8.79 32.27
N VAL C 222 -3.03 -7.70 32.71
CA VAL C 222 -4.46 -7.56 32.45
C VAL C 222 -4.72 -7.45 30.95
N GLU C 223 -3.89 -6.68 30.23
CA GLU C 223 -4.07 -6.52 28.80
C GLU C 223 -4.02 -7.87 28.10
N MET C 224 -3.01 -8.68 28.43
CA MET C 224 -2.86 -9.96 27.74
C MET C 224 -4.03 -10.87 28.01
N ALA C 225 -4.46 -10.96 29.27
CA ALA C 225 -5.57 -11.87 29.56
C ALA C 225 -6.86 -11.39 28.93
N ALA C 226 -7.08 -10.07 28.89
CA ALA C 226 -8.30 -9.53 28.28
C ALA C 226 -8.17 -9.30 26.78
N GLN C 227 -6.99 -9.49 26.21
CA GLN C 227 -6.76 -9.28 24.79
C GLN C 227 -7.27 -7.90 24.37
N ARG C 228 -6.84 -6.91 25.15
CA ARG C 228 -7.18 -5.52 24.96
C ARG C 228 -5.90 -4.69 25.09
N GLN C 229 -5.95 -3.48 24.54
CA GLN C 229 -4.87 -2.51 24.71
C GLN C 229 -5.40 -1.41 25.61
N ALA C 230 -4.71 -1.17 26.72
CA ALA C 230 -5.17 -0.22 27.72
C ALA C 230 -4.81 1.21 27.31
N ASP C 231 -5.61 2.16 27.80
CA ASP C 231 -5.29 3.58 27.67
C ASP C 231 -4.48 4.01 28.87
N ILE C 232 -3.29 4.55 28.63
CA ILE C 232 -2.35 4.91 29.67
C ILE C 232 -2.49 6.40 29.93
N ILE C 233 -2.65 6.76 31.21
CA ILE C 233 -2.82 8.16 31.59
C ILE C 233 -1.47 8.84 31.71
N GLY C 234 -0.50 8.15 32.29
CA GLY C 234 0.74 8.78 32.69
C GLY C 234 1.71 9.01 31.55
N LYS C 235 2.79 9.72 31.89
CA LYS C 235 3.88 9.92 30.96
C LYS C 235 4.35 8.58 30.42
N PRO C 236 4.66 8.46 29.13
CA PRO C 236 4.79 9.52 28.12
C PRO C 236 3.49 9.88 27.40
N SER C 237 2.38 9.30 27.83
CA SER C 237 1.11 9.56 27.15
C SER C 237 0.75 11.04 27.23
N ARG C 238 0.18 11.56 26.14
CA ARG C 238 -0.16 12.97 26.12
C ARG C 238 -1.32 13.32 27.04
N PHE C 239 -2.08 12.32 27.52
CA PHE C 239 -3.27 12.67 28.28
C PHE C 239 -2.93 13.41 29.56
N ILE C 240 -1.79 13.10 30.19
CA ILE C 240 -1.45 13.78 31.43
C ILE C 240 -1.16 15.26 31.15
N PHE C 241 -0.54 15.55 29.99
CA PHE C 241 -0.37 16.96 29.60
C PHE C 241 -1.73 17.63 29.41
N ASP C 242 -2.68 16.93 28.78
CA ASP C 242 -4.02 17.48 28.62
C ASP C 242 -4.72 17.67 29.97
N CYS C 243 -4.48 16.75 30.91
CA CYS C 243 -4.99 16.87 32.27
C CYS C 243 -4.45 18.12 32.94
N VAL C 244 -3.16 18.40 32.74
CA VAL C 244 -2.57 19.64 33.24
C VAL C 244 -3.21 20.84 32.56
N SER C 245 -3.34 20.77 31.24
CA SER C 245 -3.80 21.92 30.46
C SER C 245 -5.27 22.26 30.78
N GLN C 246 -6.06 21.24 31.14
CA GLN C 246 -7.46 21.47 31.49
C GLN C 246 -7.59 22.54 32.56
N GLU C 247 -6.65 22.57 33.50
CA GLU C 247 -6.65 23.54 34.58
C GLU C 247 -5.73 24.72 34.33
N TYR C 248 -4.59 24.49 33.69
CA TYR C 248 -3.58 25.53 33.52
C TYR C 248 -3.73 26.31 32.22
N GLY C 249 -4.18 25.67 31.15
CA GLY C 249 -4.19 26.33 29.86
C GLY C 249 -2.78 26.56 29.40
N ILE C 250 -2.05 25.48 29.10
CA ILE C 250 -0.62 25.60 28.86
C ILE C 250 -0.38 26.23 27.50
N ASN C 251 0.60 27.13 27.45
CA ASN C 251 1.11 27.66 26.19
C ASN C 251 2.40 26.91 25.90
N PRO C 252 2.43 26.00 24.93
CA PRO C 252 3.63 25.15 24.78
C PRO C 252 4.90 25.95 24.57
N GLU C 253 4.83 27.08 23.84
CA GLU C 253 6.05 27.81 23.53
C GLU C 253 6.68 28.44 24.78
N ARG C 254 5.86 28.78 25.77
CA ARG C 254 6.32 29.45 26.99
C ARG C 254 6.31 28.53 28.20
N THR C 255 6.47 27.22 27.98
CA THR C 255 6.44 26.24 29.04
C THR C 255 7.64 25.32 28.91
N VAL C 256 8.24 24.95 30.06
CA VAL C 256 9.39 24.05 30.08
C VAL C 256 9.02 22.84 30.93
N MET C 257 9.49 21.66 30.51
CA MET C 257 9.27 20.41 31.22
C MET C 257 10.60 19.95 31.80
N VAL C 258 10.65 19.78 33.12
CA VAL C 258 11.86 19.36 33.84
C VAL C 258 11.61 17.96 34.40
N GLY C 259 12.49 17.03 34.04
CA GLY C 259 12.32 15.64 34.42
C GLY C 259 13.66 14.92 34.48
N ASP C 260 13.63 13.72 35.08
CA ASP C 260 14.82 12.91 35.25
C ASP C 260 14.86 11.70 34.33
N ARG C 261 13.76 11.36 33.66
CA ARG C 261 13.66 10.14 32.89
C ARG C 261 13.40 10.46 31.42
N LEU C 262 14.26 9.92 30.54
CA LEU C 262 14.13 10.21 29.11
C LEU C 262 12.87 9.56 28.54
N ASP C 263 12.56 8.34 28.96
CA ASP C 263 11.45 7.59 28.40
C ASP C 263 10.09 8.15 28.79
N THR C 264 9.99 8.90 29.89
CA THR C 264 8.72 9.44 30.36
C THR C 264 8.71 10.96 30.23
N ASP C 265 9.55 11.66 31.01
CA ASP C 265 9.45 13.11 31.09
C ASP C 265 9.87 13.79 29.78
N ILE C 266 11.08 13.48 29.31
CA ILE C 266 11.60 14.17 28.12
C ILE C 266 10.75 13.81 26.90
N LEU C 267 10.32 12.56 26.80
CA LEU C 267 9.46 12.14 25.70
C LEU C 267 8.14 12.91 25.71
N LEU C 268 7.53 13.08 26.89
CA LEU C 268 6.32 13.90 26.98
C LEU C 268 6.59 15.31 26.51
N GLY C 269 7.72 15.90 26.93
CA GLY C 269 8.05 17.23 26.48
C GLY C 269 8.16 17.33 24.97
N SER C 270 8.82 16.35 24.35
CA SER C 270 8.99 16.38 22.90
C SER C 270 7.66 16.23 22.17
N THR C 271 6.81 15.30 22.63
CA THR C 271 5.55 15.07 21.93
C THR C 271 4.58 16.24 22.08
N CYS C 272 4.64 16.96 23.19
CA CYS C 272 3.74 18.08 23.43
C CYS C 272 4.36 19.44 23.10
N SER C 273 5.51 19.46 22.42
CA SER C 273 6.14 20.70 21.97
C SER C 273 6.51 21.63 23.13
N LEU C 274 7.11 21.05 24.17
CA LEU C 274 7.62 21.81 25.29
C LEU C 274 9.15 21.76 25.30
N LYS C 275 9.76 22.85 25.77
CA LYS C 275 11.19 22.83 26.01
C LYS C 275 11.50 21.87 27.15
N THR C 276 12.58 21.11 27.02
CA THR C 276 12.90 20.02 27.93
C THR C 276 14.22 20.27 28.64
N ILE C 277 14.23 20.04 29.96
CA ILE C 277 15.45 20.06 30.75
C ILE C 277 15.58 18.70 31.43
N LEU C 278 16.75 18.09 31.31
CA LEU C 278 17.06 16.81 31.94
C LEU C 278 17.92 17.07 33.17
N THR C 279 17.49 16.54 34.32
CA THR C 279 18.26 16.65 35.56
C THR C 279 18.92 15.30 35.85
N LEU C 280 20.20 15.34 36.22
CA LEU C 280 20.98 14.13 36.43
C LEU C 280 20.90 13.61 37.86
N THR C 281 20.02 14.18 38.68
CA THR C 281 19.79 13.69 40.03
C THR C 281 18.92 12.44 40.07
N GLY C 282 18.42 11.97 38.92
CA GLY C 282 17.53 10.83 38.89
C GLY C 282 18.03 9.67 38.05
N VAL C 283 17.10 8.95 37.41
CA VAL C 283 17.43 7.68 36.77
C VAL C 283 18.34 7.88 35.55
N SER C 284 17.95 8.76 34.63
CA SER C 284 18.66 8.82 33.36
C SER C 284 19.96 9.63 33.48
N SER C 285 20.88 9.33 32.56
CA SER C 285 22.22 9.91 32.54
C SER C 285 22.57 10.39 31.13
N LEU C 286 23.65 11.18 31.06
CA LEU C 286 24.13 11.68 29.78
C LEU C 286 24.57 10.56 28.84
N GLU C 287 25.04 9.45 29.38
CA GLU C 287 25.39 8.30 28.54
C GLU C 287 24.15 7.77 27.82
N ASP C 288 23.01 7.73 28.51
CA ASP C 288 21.77 7.30 27.88
C ASP C 288 21.39 8.25 26.76
N VAL C 289 21.54 9.55 27.01
CA VAL C 289 21.22 10.54 25.98
C VAL C 289 22.17 10.38 24.81
N LYS C 290 23.44 10.04 25.09
CA LYS C 290 24.42 9.87 24.03
C LYS C 290 24.02 8.69 23.14
N SER C 291 23.62 7.58 23.75
CA SER C 291 23.17 6.44 22.96
C SER C 291 21.98 6.82 22.08
N ASN C 292 21.03 7.58 22.63
CA ASN C 292 19.89 8.00 21.81
C ASN C 292 20.32 8.97 20.72
N GLN C 293 21.32 9.81 20.97
CA GLN C 293 21.79 10.75 19.97
C GLN C 293 22.53 10.07 18.84
N GLU C 294 23.22 8.97 19.16
CA GLU C 294 23.92 8.16 18.17
C GLU C 294 23.01 7.16 17.48
N SER C 295 21.78 6.98 17.96
CA SER C 295 20.87 6.02 17.38
C SER C 295 20.32 6.53 16.06
N ASP C 296 19.85 5.61 15.22
CA ASP C 296 19.21 5.97 13.97
C ASP C 296 17.74 6.30 14.16
N SER C 297 17.06 5.61 15.08
CA SER C 297 15.63 5.80 15.26
C SER C 297 15.30 7.27 15.48
N MET C 298 14.20 7.70 14.86
CA MET C 298 13.66 9.03 15.10
C MET C 298 13.02 9.11 16.48
N PHE C 299 12.35 8.03 16.88
CA PHE C 299 11.74 7.95 18.20
C PHE C 299 12.79 8.15 19.29
N LYS C 300 13.95 7.53 19.14
CA LYS C 300 15.01 7.74 20.12
C LYS C 300 15.54 9.16 20.10
N LYS C 301 15.54 9.82 18.94
CA LYS C 301 15.94 11.22 18.90
C LYS C 301 14.98 12.07 19.72
N LYS C 302 13.69 11.73 19.74
CA LYS C 302 12.77 12.47 20.61
C LYS C 302 13.15 12.36 22.08
N MET C 303 13.80 11.27 22.50
CA MET C 303 14.20 11.13 23.89
C MET C 303 15.59 11.72 24.15
N VAL C 304 15.81 12.94 23.68
CA VAL C 304 17.05 13.67 23.99
C VAL C 304 16.64 15.08 24.42
N PRO C 305 17.12 15.57 25.56
CA PRO C 305 16.66 16.87 26.07
C PRO C 305 17.21 18.05 25.29
N ASP C 306 16.43 19.14 25.29
CA ASP C 306 16.92 20.39 24.75
C ASP C 306 18.08 20.94 25.58
N PHE C 307 17.97 20.83 26.90
CA PHE C 307 18.99 21.32 27.82
C PHE C 307 19.19 20.29 28.92
N TYR C 308 20.33 20.37 29.59
CA TYR C 308 20.61 19.48 30.72
C TYR C 308 21.25 20.26 31.86
N VAL C 309 20.96 19.81 33.07
CA VAL C 309 21.49 20.40 34.29
C VAL C 309 21.86 19.27 35.24
N ASP C 310 22.88 19.50 36.06
CA ASP C 310 23.24 18.51 37.07
C ASP C 310 22.13 18.38 38.10
N SER C 311 21.55 19.51 38.51
CA SER C 311 20.43 19.54 39.44
C SER C 311 19.62 20.79 39.12
N ILE C 312 18.36 20.79 39.58
CA ILE C 312 17.54 21.98 39.34
C ILE C 312 18.08 23.17 40.11
N ALA C 313 18.90 22.92 41.14
CA ALA C 313 19.53 24.01 41.85
C ALA C 313 20.43 24.82 40.93
N ASP C 314 20.83 24.24 39.80
CA ASP C 314 21.63 24.96 38.81
C ASP C 314 20.87 26.12 38.20
N LEU C 315 19.56 26.23 38.44
CA LEU C 315 18.80 27.38 37.96
C LEU C 315 18.89 28.57 38.91
N LEU C 316 19.42 28.39 40.12
CA LEU C 316 19.48 29.49 41.08
C LEU C 316 20.35 30.66 40.62
N PRO C 317 21.48 30.48 39.94
CA PRO C 317 22.25 31.65 39.48
C PRO C 317 21.43 32.60 38.63
N ALA C 318 20.52 32.07 37.81
CA ALA C 318 19.67 32.89 36.95
C ALA C 318 18.46 33.46 37.67
N LEU C 319 18.13 32.97 38.86
CA LEU C 319 16.96 33.41 39.60
C LEU C 319 17.27 34.46 40.66
N GLN C 320 18.36 35.19 40.52
CA GLN C 320 18.69 36.23 41.49
C GLN C 320 17.94 37.51 41.17
N ALA D 11 5.15 -23.47 2.62
CA ALA D 11 3.86 -24.06 3.00
C ALA D 11 2.75 -23.48 2.13
N ARG D 12 1.81 -24.33 1.70
CA ARG D 12 0.77 -23.90 0.79
C ARG D 12 -0.63 -24.25 1.26
N CYS D 13 -0.81 -24.40 2.57
CA CYS D 13 -2.09 -24.87 3.11
C CYS D 13 -2.90 -25.62 2.06
N VAL D 14 -2.38 -26.76 1.61
CA VAL D 14 -3.06 -27.61 0.62
C VAL D 14 -4.04 -28.51 1.35
N ARG D 15 -5.20 -28.74 0.72
CA ARG D 15 -6.20 -29.58 1.33
C ARG D 15 -5.73 -31.02 1.29
N LEU D 16 -5.74 -31.69 2.45
CA LEU D 16 -5.25 -33.06 2.54
C LEU D 16 -6.41 -33.96 2.13
N SER D 17 -6.34 -34.44 0.89
CA SER D 17 -7.32 -35.39 0.38
C SER D 17 -6.79 -36.79 0.64
N ALA D 18 -7.66 -37.78 0.51
CA ALA D 18 -7.29 -39.14 0.88
C ALA D 18 -6.03 -39.60 0.15
N GLU D 19 -5.92 -39.26 -1.15
CA GLU D 19 -4.71 -39.60 -1.90
C GLU D 19 -3.50 -38.86 -1.34
N ARG D 20 -3.64 -37.55 -1.17
CA ARG D 20 -2.57 -36.73 -0.59
C ARG D 20 -2.21 -37.24 0.81
N ALA D 21 -3.22 -37.63 1.58
CA ALA D 21 -2.97 -38.13 2.94
C ALA D 21 -2.20 -39.44 2.92
N LYS D 22 -2.55 -40.37 2.03
CA LYS D 22 -1.84 -41.64 1.98
C LYS D 22 -0.39 -41.42 1.57
N LEU D 23 -0.17 -40.54 0.59
CA LEU D 23 1.19 -40.21 0.17
C LEU D 23 2.00 -39.63 1.33
N LEU D 24 1.40 -38.70 2.08
CA LEU D 24 2.07 -38.11 3.24
C LEU D 24 2.37 -39.17 4.30
N LEU D 25 1.38 -40.01 4.61
CA LEU D 25 1.52 -41.00 5.66
C LEU D 25 2.66 -41.97 5.39
N ALA D 26 2.92 -42.29 4.12
CA ALA D 26 4.05 -43.16 3.82
C ALA D 26 5.38 -42.58 4.32
N GLU D 27 5.55 -41.26 4.19
CA GLU D 27 6.82 -40.62 4.54
C GLU D 27 7.02 -40.41 6.05
N VAL D 28 5.95 -40.47 6.86
CA VAL D 28 6.02 -40.09 8.26
C VAL D 28 6.03 -41.32 9.15
N ASP D 29 6.86 -41.27 10.20
CA ASP D 29 6.92 -42.30 11.22
C ASP D 29 6.28 -41.89 12.54
N THR D 30 6.23 -40.59 12.82
CA THR D 30 5.72 -40.09 14.09
C THR D 30 4.77 -38.92 13.84
N LEU D 31 3.62 -38.96 14.53
CA LEU D 31 2.63 -37.91 14.48
C LEU D 31 2.48 -37.34 15.88
N LEU D 32 2.64 -36.02 16.00
CA LEU D 32 2.55 -35.30 17.26
C LEU D 32 1.29 -34.45 17.22
N PHE D 33 0.45 -34.59 18.23
CA PHE D 33 -0.87 -33.99 18.26
C PHE D 33 -1.01 -32.97 19.39
N ASN D 34 -1.68 -31.87 19.09
CA ASN D 34 -2.31 -31.08 20.13
C ASN D 34 -3.63 -31.77 20.45
N CYS D 35 -4.04 -31.72 21.72
CA CYS D 35 -5.20 -32.50 22.11
C CYS D 35 -6.51 -31.72 21.98
N ASP D 36 -6.57 -30.51 22.54
CA ASP D 36 -7.82 -29.75 22.55
C ASP D 36 -8.00 -29.06 21.22
N GLY D 37 -9.16 -29.28 20.60
CA GLY D 37 -9.44 -28.76 19.27
C GLY D 37 -9.06 -29.69 18.14
N VAL D 38 -8.33 -30.77 18.43
CA VAL D 38 -7.88 -31.71 17.42
C VAL D 38 -8.49 -33.07 17.72
N LEU D 39 -8.17 -33.61 18.89
CA LEU D 39 -8.64 -34.92 19.31
C LEU D 39 -9.95 -34.83 20.09
N TRP D 40 -10.12 -33.78 20.91
CA TRP D 40 -11.34 -33.65 21.69
C TRP D 40 -11.65 -32.17 21.88
N ARG D 41 -12.92 -31.90 22.13
CA ARG D 41 -13.39 -30.59 22.56
C ARG D 41 -14.07 -30.76 23.91
N GLY D 42 -13.46 -30.20 24.95
CA GLY D 42 -13.94 -30.44 26.30
C GLY D 42 -13.76 -31.89 26.69
N GLU D 43 -14.83 -32.50 27.19
CA GLU D 43 -14.82 -33.91 27.57
C GLU D 43 -15.40 -34.79 26.48
N THR D 44 -15.70 -34.22 25.32
CA THR D 44 -16.31 -34.93 24.20
C THR D 44 -15.29 -35.08 23.09
N ALA D 45 -15.12 -36.31 22.61
CA ALA D 45 -14.13 -36.57 21.58
C ALA D 45 -14.63 -36.02 20.24
N VAL D 46 -13.69 -35.60 19.41
CA VAL D 46 -14.03 -35.18 18.05
C VAL D 46 -14.53 -36.41 17.27
N PRO D 47 -15.65 -36.31 16.55
CA PRO D 47 -16.20 -37.51 15.91
C PRO D 47 -15.20 -38.14 14.94
N GLY D 48 -14.94 -39.43 15.14
CA GLY D 48 -14.07 -40.18 14.27
C GLY D 48 -12.60 -40.13 14.61
N ALA D 49 -12.19 -39.25 15.54
CA ALA D 49 -10.79 -39.11 15.89
C ALA D 49 -10.26 -40.35 16.59
N PRO D 50 -11.00 -40.94 17.53
CA PRO D 50 -10.49 -42.16 18.18
C PRO D 50 -10.17 -43.26 17.19
N GLU D 51 -11.06 -43.51 16.22
CA GLU D 51 -10.79 -44.52 15.22
C GLU D 51 -9.56 -44.16 14.40
N THR D 52 -9.41 -42.88 14.07
CA THR D 52 -8.30 -42.47 13.22
C THR D 52 -6.97 -42.74 13.92
N LEU D 53 -6.87 -42.38 15.20
CA LEU D 53 -5.62 -42.60 15.92
C LEU D 53 -5.37 -44.08 16.20
N ARG D 54 -6.42 -44.86 16.49
CA ARG D 54 -6.23 -46.30 16.64
C ARG D 54 -5.68 -46.89 15.33
N ALA D 55 -6.20 -46.42 14.19
CA ALA D 55 -5.70 -46.89 12.91
C ALA D 55 -4.24 -46.48 12.69
N LEU D 56 -3.88 -45.24 13.08
CA LEU D 56 -2.49 -44.83 12.96
C LEU D 56 -1.57 -45.73 13.76
N ARG D 57 -1.99 -46.11 14.96
CA ARG D 57 -1.19 -47.04 15.75
C ARG D 57 -1.08 -48.37 15.03
N ALA D 58 -2.17 -48.82 14.40
CA ALA D 58 -2.14 -50.10 13.70
C ALA D 58 -1.19 -50.07 12.50
N ARG D 59 -1.10 -48.94 11.80
CA ARG D 59 -0.23 -48.82 10.65
C ARG D 59 1.24 -48.66 11.02
N GLY D 60 1.56 -48.64 12.31
CA GLY D 60 2.93 -48.52 12.76
C GLY D 60 3.39 -47.12 13.07
N LYS D 61 2.48 -46.14 13.03
CA LYS D 61 2.85 -44.77 13.35
C LYS D 61 3.00 -44.61 14.86
N ARG D 62 4.00 -43.83 15.27
CA ARG D 62 4.20 -43.52 16.69
C ARG D 62 3.50 -42.21 16.98
N LEU D 63 2.70 -42.17 18.05
CA LEU D 63 1.87 -41.02 18.37
C LEU D 63 2.40 -40.34 19.63
N GLY D 64 2.50 -39.01 19.58
CA GLY D 64 2.88 -38.23 20.73
C GLY D 64 1.89 -37.10 20.93
N PHE D 65 1.81 -36.62 22.16
CA PHE D 65 0.86 -35.58 22.53
C PHE D 65 1.58 -34.51 23.33
N ILE D 66 1.39 -33.25 22.93
CA ILE D 66 2.07 -32.11 23.53
C ILE D 66 1.03 -31.14 24.05
N THR D 67 1.19 -30.76 25.30
CA THR D 67 0.28 -29.84 26.00
C THR D 67 1.09 -28.77 26.71
N ASN D 68 0.52 -27.58 26.74
CA ASN D 68 1.11 -26.42 27.41
C ASN D 68 0.65 -26.28 28.84
N ASN D 69 -0.17 -27.21 29.33
CA ASN D 69 -0.73 -27.12 30.66
C ASN D 69 0.29 -27.62 31.67
N SER D 70 0.54 -26.84 32.72
CA SER D 70 1.57 -27.19 33.68
C SER D 70 1.00 -27.68 35.01
N SER D 71 -0.33 -27.72 35.14
CA SER D 71 -0.99 -28.12 36.37
C SER D 71 -1.51 -29.55 36.33
N LYS D 72 -1.58 -30.16 35.15
CA LYS D 72 -2.12 -31.50 34.98
C LYS D 72 -0.97 -32.45 34.69
N THR D 73 -1.09 -33.68 35.19
CA THR D 73 -0.02 -34.65 35.05
C THR D 73 -0.05 -35.36 33.70
N ARG D 74 1.07 -36.02 33.39
CA ARG D 74 1.15 -36.85 32.20
C ARG D 74 0.11 -37.96 32.27
N THR D 75 0.02 -38.60 33.43
CA THR D 75 -0.89 -39.73 33.61
C THR D 75 -2.34 -39.31 33.44
N ALA D 76 -2.70 -38.09 33.85
CA ALA D 76 -4.07 -37.62 33.69
C ALA D 76 -4.44 -37.49 32.22
N TYR D 77 -3.58 -36.87 31.42
CA TYR D 77 -3.82 -36.76 29.98
C TYR D 77 -3.87 -38.13 29.32
N ALA D 78 -2.96 -39.03 29.72
CA ALA D 78 -2.97 -40.39 29.16
C ALA D 78 -4.27 -41.11 29.53
N GLU D 79 -4.76 -40.90 30.75
CA GLU D 79 -6.02 -41.49 31.18
C GLU D 79 -7.18 -40.98 30.34
N LYS D 80 -7.22 -39.68 30.05
CA LYS D 80 -8.30 -39.17 29.21
C LYS D 80 -8.20 -39.76 27.80
N LEU D 81 -6.98 -39.87 27.26
CA LEU D 81 -6.82 -40.49 25.94
C LEU D 81 -7.33 -41.93 25.94
N ARG D 82 -6.99 -42.69 26.99
CA ARG D 82 -7.45 -44.06 27.10
C ARG D 82 -8.97 -44.13 27.18
N ARG D 83 -9.56 -43.27 28.00
CA ARG D 83 -11.00 -43.29 28.23
C ARG D 83 -11.77 -42.98 26.96
N LEU D 84 -11.27 -42.04 26.16
CA LEU D 84 -11.99 -41.59 24.99
C LEU D 84 -11.72 -42.45 23.76
N GLY D 85 -10.93 -43.52 23.90
CA GLY D 85 -10.71 -44.46 22.83
C GLY D 85 -9.49 -44.19 21.95
N PHE D 86 -8.64 -43.24 22.34
CA PHE D 86 -7.49 -42.90 21.52
C PHE D 86 -6.33 -43.88 21.67
N GLY D 87 -6.37 -44.74 22.68
CA GLY D 87 -5.35 -45.76 22.86
C GLY D 87 -4.29 -45.36 23.86
N GLY D 88 -3.28 -46.20 23.94
CA GLY D 88 -2.16 -46.00 24.83
C GLY D 88 -0.94 -46.77 24.40
N PRO D 89 0.18 -46.56 25.07
CA PRO D 89 1.39 -47.34 24.75
C PRO D 89 1.08 -48.83 24.78
N VAL D 90 1.77 -49.57 23.91
CA VAL D 90 1.40 -50.98 23.71
C VAL D 90 1.55 -51.76 25.01
N GLY D 91 2.64 -51.54 25.73
CA GLY D 91 2.87 -52.21 27.00
C GLY D 91 3.82 -51.42 27.86
N PRO D 92 4.39 -52.06 28.89
CA PRO D 92 5.46 -51.39 29.65
C PRO D 92 6.67 -51.06 28.78
N GLU D 93 6.85 -51.79 27.68
CA GLU D 93 8.00 -51.57 26.82
C GLU D 93 7.97 -50.17 26.18
N ALA D 94 6.80 -49.75 25.70
CA ALA D 94 6.69 -48.43 25.08
C ALA D 94 6.60 -47.34 26.15
N GLY D 95 7.10 -46.16 25.80
CA GLY D 95 7.13 -45.05 26.74
C GLY D 95 5.83 -44.28 26.79
N LEU D 96 5.71 -43.44 27.81
CA LEU D 96 4.54 -42.58 27.94
C LEU D 96 4.51 -41.63 26.74
N GLU D 97 3.30 -41.23 26.34
CA GLU D 97 3.13 -40.47 25.11
C GLU D 97 2.80 -39.01 25.30
N VAL D 98 2.52 -38.55 26.52
CA VAL D 98 2.08 -37.18 26.76
C VAL D 98 3.24 -36.38 27.33
N PHE D 99 3.49 -35.20 26.75
CA PHE D 99 4.56 -34.30 27.15
C PHE D 99 3.98 -32.94 27.47
N GLY D 100 3.91 -32.61 28.77
CA GLY D 100 3.44 -31.33 29.22
C GLY D 100 4.58 -30.45 29.71
N THR D 101 4.24 -29.18 29.94
CA THR D 101 5.25 -28.19 30.29
C THR D 101 5.84 -28.38 31.68
N ALA D 102 5.14 -29.06 32.60
CA ALA D 102 5.73 -29.32 33.91
C ALA D 102 6.91 -30.29 33.80
N TYR D 103 6.68 -31.44 33.18
CA TYR D 103 7.71 -32.45 33.00
C TYR D 103 8.87 -31.89 32.18
N CYS D 104 8.54 -31.22 31.08
CA CYS D 104 9.58 -30.71 30.20
CA CYS D 104 9.56 -30.69 30.18
C CYS D 104 10.31 -29.53 30.81
N SER D 105 9.65 -28.76 31.69
CA SER D 105 10.37 -27.73 32.44
C SER D 105 11.38 -28.37 33.38
N ALA D 106 11.01 -29.47 34.04
CA ALA D 106 11.96 -30.19 34.88
C ALA D 106 13.16 -30.67 34.06
N LEU D 107 12.91 -31.21 32.86
CA LEU D 107 14.01 -31.63 32.00
C LEU D 107 14.91 -30.45 31.63
N TYR D 108 14.29 -29.31 31.31
CA TYR D 108 15.05 -28.12 30.98
C TYR D 108 15.96 -27.70 32.13
N LEU D 109 15.41 -27.67 33.34
CA LEU D 109 16.23 -27.23 34.47
C LEU D 109 17.32 -28.23 34.82
N ARG D 110 17.06 -29.54 34.68
CA ARG D 110 18.14 -30.48 34.87
C ARG D 110 19.29 -30.19 33.91
N GLN D 111 18.96 -29.94 32.64
CA GLN D 111 20.03 -29.73 31.66
C GLN D 111 20.76 -28.42 31.89
N ARG D 112 20.04 -27.33 32.14
CA ARG D 112 20.66 -26.02 32.24
C ARG D 112 21.32 -25.77 33.59
N LEU D 113 21.04 -26.62 34.58
CA LEU D 113 21.70 -26.57 35.89
C LEU D 113 22.53 -27.83 36.11
N ALA D 114 23.09 -28.39 35.03
CA ALA D 114 23.82 -29.64 35.14
C ALA D 114 25.03 -29.50 36.05
N GLY D 115 25.71 -28.35 36.01
CA GLY D 115 26.87 -28.13 36.84
C GLY D 115 26.56 -27.70 38.26
N VAL D 116 25.32 -27.27 38.51
CA VAL D 116 24.94 -26.74 39.82
C VAL D 116 24.78 -27.87 40.83
N PRO D 117 25.43 -27.80 42.00
CA PRO D 117 25.18 -28.79 43.05
C PRO D 117 23.94 -28.40 43.83
N ASP D 118 23.18 -29.41 44.28
CA ASP D 118 21.94 -29.23 45.04
C ASP D 118 21.14 -28.05 44.49
N PRO D 119 20.64 -28.16 43.25
CA PRO D 119 19.96 -27.02 42.63
C PRO D 119 18.62 -26.71 43.28
N LYS D 120 18.34 -25.42 43.45
CA LYS D 120 17.07 -24.96 44.01
C LYS D 120 16.44 -23.94 43.06
N ALA D 121 15.11 -23.93 43.01
CA ALA D 121 14.40 -23.00 42.13
C ALA D 121 13.22 -22.39 42.88
N TYR D 122 12.99 -21.10 42.63
CA TYR D 122 11.80 -20.41 43.14
C TYR D 122 10.69 -20.61 42.11
N VAL D 123 9.67 -21.36 42.48
CA VAL D 123 8.64 -21.84 41.57
C VAL D 123 7.38 -21.07 41.89
N LEU D 124 6.98 -20.18 40.98
CA LEU D 124 5.66 -19.56 41.01
C LEU D 124 4.71 -20.45 40.21
N GLY D 125 4.36 -21.60 40.79
CA GLY D 125 3.65 -22.59 40.01
C GLY D 125 3.00 -23.67 40.86
N SER D 126 2.51 -24.69 40.16
CA SER D 126 1.66 -25.72 40.70
C SER D 126 2.44 -26.80 41.45
N PRO D 127 1.76 -27.59 42.28
CA PRO D 127 2.42 -28.76 42.87
C PRO D 127 2.94 -29.76 41.86
N ALA D 128 2.27 -29.91 40.71
CA ALA D 128 2.74 -30.84 39.69
C ALA D 128 4.13 -30.44 39.19
N LEU D 129 4.31 -29.14 38.93
CA LEU D 129 5.61 -28.64 38.49
C LEU D 129 6.69 -28.92 39.53
N ALA D 130 6.36 -28.69 40.81
CA ALA D 130 7.34 -28.94 41.88
C ALA D 130 7.68 -30.42 41.99
N ALA D 131 6.69 -31.30 41.83
CA ALA D 131 6.97 -32.73 41.90
C ALA D 131 7.88 -33.15 40.76
N GLU D 132 7.59 -32.69 39.54
CA GLU D 132 8.44 -33.03 38.40
C GLU D 132 9.85 -32.49 38.58
N LEU D 133 9.98 -31.29 39.15
CA LEU D 133 11.30 -30.75 39.44
C LEU D 133 12.03 -31.58 40.49
N GLU D 134 11.30 -32.02 41.52
CA GLU D 134 11.90 -32.84 42.56
C GLU D 134 12.43 -34.15 41.99
N ALA D 135 11.70 -34.73 41.03
CA ALA D 135 12.13 -35.99 40.43
C ALA D 135 13.47 -35.87 39.72
N VAL D 136 13.79 -34.69 39.15
CA VAL D 136 15.04 -34.51 38.43
C VAL D 136 16.11 -33.93 39.36
N GLY D 137 15.79 -33.81 40.65
CA GLY D 137 16.75 -33.37 41.62
C GLY D 137 16.73 -31.89 41.93
N VAL D 138 15.72 -31.16 41.47
CA VAL D 138 15.64 -29.72 41.70
C VAL D 138 14.67 -29.47 42.85
N THR D 139 15.18 -28.89 43.93
CA THR D 139 14.35 -28.51 45.05
C THR D 139 13.55 -27.27 44.68
N SER D 140 12.31 -27.20 45.13
CA SER D 140 11.43 -26.10 44.79
C SER D 140 11.01 -25.36 46.05
N VAL D 141 11.01 -24.03 45.97
CA VAL D 141 10.58 -23.16 47.05
C VAL D 141 9.59 -22.16 46.47
N GLY D 142 8.59 -21.78 47.25
CA GLY D 142 7.67 -20.75 46.86
C GLY D 142 6.33 -21.20 46.31
N VAL D 143 6.05 -22.50 46.28
CA VAL D 143 4.73 -22.97 45.91
C VAL D 143 3.75 -22.62 47.02
N GLY D 144 2.58 -22.10 46.64
CA GLY D 144 1.57 -21.77 47.61
C GLY D 144 1.45 -20.28 47.86
N PRO D 145 0.64 -19.91 48.85
CA PRO D 145 0.38 -18.49 49.10
C PRO D 145 1.60 -17.76 49.64
N ASP D 146 1.71 -16.49 49.24
CA ASP D 146 2.65 -15.54 49.85
C ASP D 146 1.95 -14.18 49.79
N VAL D 147 1.00 -13.96 50.71
CA VAL D 147 0.23 -12.73 50.69
C VAL D 147 1.11 -11.58 51.17
N LEU D 148 0.72 -10.36 50.77
CA LEU D 148 1.54 -9.20 51.05
C LEU D 148 1.65 -8.98 52.56
N HIS D 149 2.87 -8.67 53.01
CA HIS D 149 3.12 -8.28 54.39
C HIS D 149 4.09 -7.11 54.37
N GLY D 150 3.98 -6.27 55.39
CA GLY D 150 4.71 -5.02 55.47
C GLY D 150 3.90 -3.87 54.88
N ASP D 151 4.31 -2.65 55.24
CA ASP D 151 3.56 -1.45 54.88
C ASP D 151 4.15 -0.69 53.70
N GLY D 152 5.37 -1.01 53.28
CA GLY D 152 6.01 -0.27 52.22
C GLY D 152 7.10 -1.04 51.53
N PRO D 153 7.71 -0.44 50.49
CA PRO D 153 8.75 -1.15 49.74
C PRO D 153 9.94 -1.61 50.56
N SER D 154 10.38 -0.80 51.51
CA SER D 154 11.53 -1.21 52.32
C SER D 154 11.22 -2.48 53.10
N ASP D 155 9.99 -2.59 53.62
CA ASP D 155 9.59 -3.81 54.31
C ASP D 155 9.53 -4.99 53.37
N TRP D 156 9.02 -4.78 52.14
CA TRP D 156 8.89 -5.86 51.18
C TRP D 156 10.25 -6.36 50.72
N LEU D 157 11.22 -5.45 50.54
CA LEU D 157 12.54 -5.80 50.04
C LEU D 157 13.45 -6.33 51.14
N ALA D 158 13.03 -6.22 52.41
CA ALA D 158 13.79 -6.76 53.53
C ALA D 158 13.39 -8.18 53.89
N VAL D 159 12.35 -8.73 53.27
CA VAL D 159 11.93 -10.09 53.59
C VAL D 159 13.06 -11.05 53.24
N PRO D 160 13.46 -11.96 54.13
CA PRO D 160 14.58 -12.85 53.80
C PRO D 160 14.20 -13.83 52.70
N LEU D 161 15.17 -14.12 51.84
CA LEU D 161 15.03 -15.01 50.71
C LEU D 161 15.74 -16.34 50.95
N GLU D 162 15.29 -17.37 50.24
CA GLU D 162 15.91 -18.68 50.35
C GLU D 162 17.31 -18.65 49.74
N PRO D 163 18.26 -19.35 50.33
CA PRO D 163 19.62 -19.37 49.78
C PRO D 163 19.76 -20.34 48.63
N ASP D 164 20.75 -20.06 47.76
CA ASP D 164 21.14 -20.96 46.68
C ASP D 164 19.99 -21.23 45.70
N VAL D 165 19.25 -20.18 45.35
CA VAL D 165 18.24 -20.28 44.31
C VAL D 165 18.88 -19.93 42.98
N ARG D 166 18.85 -20.88 42.04
CA ARG D 166 19.52 -20.70 40.77
C ARG D 166 18.55 -20.53 39.61
N ALA D 167 17.24 -20.55 39.87
CA ALA D 167 16.26 -20.39 38.80
C ALA D 167 14.96 -19.86 39.38
N VAL D 168 14.21 -19.14 38.56
CA VAL D 168 12.85 -18.73 38.85
C VAL D 168 11.97 -19.33 37.76
N VAL D 169 11.00 -20.15 38.16
CA VAL D 169 10.11 -20.83 37.23
C VAL D 169 8.72 -20.24 37.40
N VAL D 170 8.17 -19.73 36.30
CA VAL D 170 6.83 -19.15 36.29
C VAL D 170 5.91 -20.14 35.59
N GLY D 171 5.02 -20.74 36.35
CA GLY D 171 4.00 -21.63 35.82
C GLY D 171 2.64 -21.07 36.12
N PHE D 172 1.61 -21.91 36.10
CA PHE D 172 0.28 -21.45 36.50
C PHE D 172 0.26 -21.29 38.02
N ASP D 173 0.30 -20.03 38.48
CA ASP D 173 0.28 -19.74 39.90
C ASP D 173 -0.99 -18.98 40.26
N PRO D 174 -2.03 -19.66 40.76
CA PRO D 174 -3.21 -18.92 41.24
C PRO D 174 -2.95 -18.18 42.54
N HIS D 175 -1.80 -18.42 43.17
CA HIS D 175 -1.36 -17.69 44.36
C HIS D 175 -0.46 -16.53 44.02
N PHE D 176 -0.36 -16.19 42.73
CA PHE D 176 0.50 -15.09 42.31
C PHE D 176 0.12 -13.81 43.03
N SER D 177 1.13 -13.09 43.51
CA SER D 177 0.93 -11.88 44.28
C SER D 177 2.06 -10.90 43.92
N TYR D 178 1.88 -9.64 44.34
CA TYR D 178 2.96 -8.68 44.19
C TYR D 178 4.17 -9.10 45.02
N MET D 179 3.94 -9.78 46.15
CA MET D 179 5.04 -10.27 46.98
C MET D 179 5.87 -11.30 46.22
N LYS D 180 5.21 -12.22 45.52
CA LYS D 180 5.95 -13.24 44.76
C LYS D 180 6.68 -12.61 43.58
N LEU D 181 6.07 -11.62 42.93
CA LEU D 181 6.78 -10.90 41.87
C LEU D 181 8.01 -10.21 42.43
N THR D 182 7.89 -9.60 43.61
CA THR D 182 9.03 -8.94 44.23
C THR D 182 10.14 -9.93 44.55
N LYS D 183 9.78 -11.08 45.11
CA LYS D 183 10.80 -12.09 45.41
C LYS D 183 11.47 -12.59 44.14
N ALA D 184 10.69 -12.79 43.07
CA ALA D 184 11.26 -13.26 41.81
C ALA D 184 12.23 -12.24 41.24
N VAL D 185 11.84 -10.97 41.22
CA VAL D 185 12.72 -9.93 40.70
C VAL D 185 14.00 -9.87 41.52
N ARG D 186 13.89 -10.02 42.83
CA ARG D 186 15.08 -9.99 43.68
C ARG D 186 15.99 -11.17 43.38
N TYR D 187 15.43 -12.37 43.18
CA TYR D 187 16.25 -13.52 42.81
C TYR D 187 16.92 -13.28 41.46
N LEU D 188 16.22 -12.64 40.53
CA LEU D 188 16.73 -12.41 39.19
C LEU D 188 17.73 -11.26 39.12
N GLN D 189 17.90 -10.48 40.19
CA GLN D 189 18.98 -9.50 40.21
C GLN D 189 20.35 -10.17 40.22
N GLN D 190 20.42 -11.41 40.67
CA GLN D 190 21.65 -12.19 40.52
C GLN D 190 21.76 -12.64 39.08
N PRO D 191 22.85 -12.31 38.38
CA PRO D 191 22.90 -12.61 36.94
C PRO D 191 22.84 -14.09 36.64
N ASP D 192 23.40 -14.94 37.51
CA ASP D 192 23.40 -16.37 37.26
C ASP D 192 22.00 -16.96 37.25
N CYS D 193 21.05 -16.35 37.96
CA CYS D 193 19.73 -16.93 38.09
C CYS D 193 19.02 -17.01 36.74
N LEU D 194 18.37 -18.16 36.49
CA LEU D 194 17.63 -18.39 35.27
C LEU D 194 16.18 -17.94 35.43
N LEU D 195 15.56 -17.57 34.30
CA LEU D 195 14.13 -17.30 34.24
C LEU D 195 13.51 -18.22 33.20
N VAL D 196 12.59 -19.06 33.63
CA VAL D 196 11.94 -20.03 32.76
C VAL D 196 10.43 -19.86 32.89
N GLY D 197 9.74 -19.87 31.76
CA GLY D 197 8.29 -19.83 31.76
C GLY D 197 7.72 -21.08 31.12
N THR D 198 6.70 -21.67 31.75
CA THR D 198 6.13 -22.90 31.21
C THR D 198 5.47 -22.65 29.86
N ASN D 199 4.83 -21.50 29.70
CA ASN D 199 4.23 -21.11 28.42
C ASN D 199 4.03 -19.61 28.41
N MET D 200 3.76 -19.08 27.21
CA MET D 200 3.46 -17.66 27.02
C MET D 200 2.01 -17.44 26.64
N ASP D 201 1.15 -18.43 26.86
CA ASP D 201 -0.25 -18.28 26.49
C ASP D 201 -0.91 -17.24 27.38
N ASN D 202 -1.64 -16.31 26.76
CA ASN D 202 -2.35 -15.28 27.52
C ASN D 202 -3.61 -15.81 28.19
N ARG D 203 -4.19 -16.91 27.71
CA ARG D 203 -5.40 -17.45 28.30
C ARG D 203 -5.31 -18.97 28.43
N LEU D 204 -5.91 -19.48 29.51
CA LEU D 204 -6.05 -20.90 29.76
C LEU D 204 -7.48 -21.33 29.49
N PRO D 205 -7.70 -22.19 28.48
CA PRO D 205 -9.07 -22.63 28.17
C PRO D 205 -9.66 -23.54 29.24
N LEU D 206 -10.95 -23.37 29.48
CA LEU D 206 -11.72 -24.16 30.44
C LEU D 206 -12.95 -24.74 29.72
N GLU D 207 -13.76 -25.49 30.48
CA GLU D 207 -14.92 -26.14 29.90
C GLU D 207 -15.96 -25.13 29.41
N ASN D 208 -16.66 -25.50 28.33
CA ASN D 208 -17.82 -24.74 27.84
C ASN D 208 -17.46 -23.34 27.36
N GLY D 209 -16.24 -23.17 26.85
CA GLY D 209 -15.80 -21.91 26.28
C GLY D 209 -15.42 -20.84 27.26
N ARG D 210 -15.47 -21.11 28.56
CA ARG D 210 -14.98 -20.12 29.52
C ARG D 210 -13.46 -20.25 29.61
N PHE D 211 -12.82 -19.19 30.11
CA PHE D 211 -11.37 -19.18 30.17
C PHE D 211 -10.91 -18.39 31.38
N ILE D 212 -9.66 -18.60 31.77
CA ILE D 212 -9.02 -17.80 32.81
C ILE D 212 -7.67 -17.32 32.30
N ALA D 213 -7.04 -16.42 33.06
CA ALA D 213 -5.79 -15.82 32.62
C ALA D 213 -4.70 -16.88 32.48
N GLY D 214 -3.89 -16.76 31.42
CA GLY D 214 -2.85 -17.73 31.15
C GLY D 214 -1.54 -17.43 31.86
N THR D 215 -0.65 -18.41 31.85
CA THR D 215 0.65 -18.27 32.49
C THR D 215 1.48 -17.15 31.86
N GLY D 216 1.25 -16.87 30.58
CA GLY D 216 2.01 -15.85 29.90
C GLY D 216 1.87 -14.49 30.54
N CYS D 217 0.71 -14.19 31.11
CA CYS D 217 0.53 -12.92 31.80
C CYS D 217 1.52 -12.78 32.96
N LEU D 218 1.63 -13.84 33.77
CA LEU D 218 2.55 -13.83 34.89
C LEU D 218 4.00 -13.74 34.42
N VAL D 219 4.33 -14.51 33.37
CA VAL D 219 5.69 -14.50 32.84
C VAL D 219 6.05 -13.10 32.34
N ARG D 220 5.14 -12.45 31.61
CA ARG D 220 5.43 -11.13 31.08
C ARG D 220 5.62 -10.12 32.20
N ALA D 221 4.83 -10.24 33.27
CA ALA D 221 5.04 -9.34 34.41
C ALA D 221 6.45 -9.48 34.97
N VAL D 222 6.89 -10.73 35.20
CA VAL D 222 8.23 -10.94 35.75
C VAL D 222 9.29 -10.44 34.78
N GLU D 223 9.11 -10.72 33.48
CA GLU D 223 10.07 -10.27 32.48
C GLU D 223 10.22 -8.77 32.51
N MET D 224 9.10 -8.05 32.56
CA MET D 224 9.15 -6.60 32.52
C MET D 224 9.85 -6.05 33.75
N ALA D 225 9.51 -6.57 34.94
CA ALA D 225 10.13 -6.03 36.16
C ALA D 225 11.61 -6.37 36.24
N ALA D 226 12.00 -7.56 35.81
CA ALA D 226 13.41 -7.98 35.85
C ALA D 226 14.18 -7.57 34.60
N GLN D 227 13.52 -6.99 33.61
CA GLN D 227 14.17 -6.59 32.37
C GLN D 227 14.98 -7.76 31.80
N ARG D 228 14.30 -8.90 31.72
CA ARG D 228 14.85 -10.16 31.24
C ARG D 228 13.90 -10.76 30.23
N GLN D 229 14.43 -11.63 29.39
CA GLN D 229 13.64 -12.39 28.42
C GLN D 229 13.65 -13.83 28.90
N ALA D 230 12.48 -14.38 29.17
CA ALA D 230 12.40 -15.71 29.75
C ALA D 230 12.58 -16.78 28.69
N ASP D 231 13.05 -17.96 29.12
CA ASP D 231 13.10 -19.13 28.27
C ASP D 231 11.76 -19.86 28.41
N ILE D 232 11.06 -20.01 27.30
CA ILE D 232 9.72 -20.58 27.29
C ILE D 232 9.82 -22.05 26.91
N ILE D 233 9.19 -22.91 27.70
CA ILE D 233 9.21 -24.34 27.45
C ILE D 233 8.13 -24.75 26.46
N GLY D 234 6.92 -24.23 26.63
CA GLY D 234 5.78 -24.73 25.89
C GLY D 234 5.72 -24.20 24.47
N LYS D 235 4.80 -24.77 23.70
CA LYS D 235 4.56 -24.29 22.35
C LYS D 235 4.27 -22.79 22.41
N PRO D 236 4.79 -21.99 21.47
CA PRO D 236 5.45 -22.37 20.21
C PRO D 236 6.96 -22.59 20.34
N SER D 237 7.48 -22.54 21.56
CA SER D 237 8.91 -22.70 21.77
C SER D 237 9.38 -24.09 21.33
N ARG D 238 10.60 -24.15 20.79
CA ARG D 238 11.12 -25.40 20.26
C ARG D 238 11.48 -26.40 21.35
N PHE D 239 11.70 -25.94 22.59
CA PHE D 239 12.24 -26.84 23.61
CA PHE D 239 12.25 -26.85 23.59
C PHE D 239 11.30 -28.01 23.88
N ILE D 240 9.99 -27.76 23.87
CA ILE D 240 9.07 -28.86 24.13
C ILE D 240 9.27 -29.95 23.08
N PHE D 241 9.51 -29.55 21.83
CA PHE D 241 9.83 -30.54 20.80
C PHE D 241 11.10 -31.30 21.17
N ASP D 242 12.12 -30.58 21.66
CA ASP D 242 13.34 -31.25 22.09
C ASP D 242 13.04 -32.26 23.20
N CYS D 243 12.20 -31.89 24.16
CA CYS D 243 11.84 -32.80 25.24
CA CYS D 243 11.85 -32.82 25.24
C CYS D 243 11.22 -34.07 24.67
N VAL D 244 10.39 -33.92 23.63
CA VAL D 244 9.81 -35.09 23.00
C VAL D 244 10.91 -35.88 22.30
N SER D 245 11.79 -35.18 21.57
CA SER D 245 12.78 -35.87 20.77
C SER D 245 13.77 -36.62 21.66
N GLN D 246 14.13 -36.02 22.80
CA GLN D 246 15.03 -36.68 23.74
C GLN D 246 14.46 -37.98 24.28
N GLU D 247 13.14 -38.09 24.39
CA GLU D 247 12.54 -39.33 24.89
C GLU D 247 12.11 -40.26 23.75
N TYR D 248 11.63 -39.69 22.64
CA TYR D 248 11.11 -40.45 21.51
C TYR D 248 12.16 -40.77 20.45
N GLY D 249 13.16 -39.91 20.26
CA GLY D 249 14.08 -40.07 19.14
C GLY D 249 13.48 -39.70 17.78
N ILE D 250 13.19 -38.40 17.61
CA ILE D 250 12.50 -37.88 16.44
C ILE D 250 13.44 -37.64 15.27
N ASN D 251 12.95 -37.98 14.06
CA ASN D 251 13.55 -37.53 12.81
C ASN D 251 12.65 -36.44 12.22
N PRO D 252 13.07 -35.17 12.21
CA PRO D 252 12.12 -34.11 11.81
C PRO D 252 11.51 -34.31 10.43
N GLU D 253 12.29 -34.83 9.47
CA GLU D 253 11.77 -35.00 8.12
C GLU D 253 10.64 -36.00 8.07
N ARG D 254 10.61 -36.95 9.00
CA ARG D 254 9.62 -38.02 9.01
C ARG D 254 8.59 -37.86 10.14
N THR D 255 8.36 -36.62 10.59
CA THR D 255 7.45 -36.34 11.69
C THR D 255 6.47 -35.25 11.30
N VAL D 256 5.21 -35.39 11.73
CA VAL D 256 4.14 -34.45 11.39
C VAL D 256 3.59 -33.85 12.69
N MET D 257 3.25 -32.56 12.64
CA MET D 257 2.64 -31.87 13.78
C MET D 257 1.22 -31.49 13.38
N VAL D 258 0.24 -31.98 14.15
CA VAL D 258 -1.18 -31.74 13.90
C VAL D 258 -1.70 -30.83 15.01
N GLY D 259 -2.30 -29.70 14.62
CA GLY D 259 -2.75 -28.73 15.58
C GLY D 259 -3.92 -27.92 15.08
N ASP D 260 -4.54 -27.21 16.01
CA ASP D 260 -5.68 -26.35 15.70
C ASP D 260 -5.35 -24.87 15.76
N ARG D 261 -4.20 -24.49 16.34
CA ARG D 261 -3.88 -23.08 16.57
C ARG D 261 -2.60 -22.76 15.83
N LEU D 262 -2.66 -21.76 14.93
CA LEU D 262 -1.53 -21.41 14.08
C LEU D 262 -0.38 -20.81 14.88
N ASP D 263 -0.70 -19.93 15.84
CA ASP D 263 0.35 -19.24 16.58
C ASP D 263 1.12 -20.17 17.51
N THR D 264 0.58 -21.34 17.86
CA THR D 264 1.26 -22.27 18.75
C THR D 264 1.70 -23.53 18.02
N ASP D 265 0.75 -24.37 17.58
CA ASP D 265 1.10 -25.69 17.03
C ASP D 265 1.81 -25.57 15.69
N ILE D 266 1.18 -24.89 14.74
CA ILE D 266 1.73 -24.80 13.39
C ILE D 266 3.06 -24.04 13.42
N LEU D 267 3.14 -23.02 14.27
CA LEU D 267 4.39 -22.27 14.40
C LEU D 267 5.50 -23.16 14.90
N LEU D 268 5.19 -24.02 15.89
CA LEU D 268 6.17 -24.99 16.38
C LEU D 268 6.65 -25.89 15.24
N GLY D 269 5.71 -26.39 14.44
CA GLY D 269 6.09 -27.25 13.33
C GLY D 269 7.03 -26.55 12.38
N SER D 270 6.75 -25.28 12.06
CA SER D 270 7.59 -24.55 11.12
C SER D 270 8.98 -24.31 11.72
N THR D 271 9.05 -23.93 12.99
CA THR D 271 10.36 -23.66 13.60
C THR D 271 11.20 -24.92 13.75
N CYS D 272 10.57 -26.07 13.95
CA CYS D 272 11.29 -27.33 14.11
C CYS D 272 11.38 -28.14 12.83
N SER D 273 10.99 -27.55 11.70
CA SER D 273 11.12 -28.20 10.39
C SER D 273 10.31 -29.51 10.36
N LEU D 274 9.09 -29.45 10.86
CA LEU D 274 8.17 -30.57 10.81
C LEU D 274 7.04 -30.30 9.84
N LYS D 275 6.56 -31.36 9.19
CA LYS D 275 5.36 -31.24 8.39
C LYS D 275 4.17 -30.94 9.28
N THR D 276 3.32 -30.01 8.83
CA THR D 276 2.25 -29.46 9.66
C THR D 276 0.89 -29.71 9.02
N ILE D 277 -0.07 -30.13 9.85
CA ILE D 277 -1.46 -30.26 9.45
C ILE D 277 -2.30 -29.37 10.36
N LEU D 278 -3.16 -28.57 9.75
CA LEU D 278 -4.07 -27.70 10.48
C LEU D 278 -5.45 -28.34 10.49
N THR D 279 -6.03 -28.50 11.68
CA THR D 279 -7.37 -29.03 11.84
C THR D 279 -8.32 -27.88 12.15
N LEU D 280 -9.46 -27.85 11.47
CA LEU D 280 -10.40 -26.75 11.58
C LEU D 280 -11.46 -26.98 12.65
N THR D 281 -11.31 -28.03 13.45
CA THR D 281 -12.19 -28.27 14.58
C THR D 281 -11.88 -27.38 15.79
N GLY D 282 -10.84 -26.56 15.71
CA GLY D 282 -10.42 -25.75 16.84
C GLY D 282 -10.38 -24.25 16.62
N VAL D 283 -9.39 -23.58 17.22
CA VAL D 283 -9.37 -22.13 17.31
C VAL D 283 -9.22 -21.49 15.94
N SER D 284 -8.20 -21.89 15.18
CA SER D 284 -7.84 -21.18 13.96
C SER D 284 -8.72 -21.60 12.77
N SER D 285 -8.76 -20.72 11.77
CA SER D 285 -9.57 -20.90 10.58
C SER D 285 -8.73 -20.66 9.33
N LEU D 286 -9.29 -21.06 8.18
CA LEU D 286 -8.60 -20.83 6.90
C LEU D 286 -8.49 -19.34 6.59
N GLU D 287 -9.43 -18.54 7.08
CA GLU D 287 -9.37 -17.09 6.88
C GLU D 287 -8.12 -16.52 7.55
N ASP D 288 -7.80 -17.02 8.74
CA ASP D 288 -6.57 -16.60 9.42
C ASP D 288 -5.35 -17.00 8.60
N VAL D 289 -5.38 -18.19 8.01
CA VAL D 289 -4.26 -18.62 7.18
C VAL D 289 -4.13 -17.72 5.96
N LYS D 290 -5.25 -17.28 5.40
CA LYS D 290 -5.21 -16.34 4.28
C LYS D 290 -4.56 -15.04 4.68
N SER D 291 -4.95 -14.50 5.84
CA SER D 291 -4.35 -13.27 6.32
C SER D 291 -2.85 -13.43 6.52
N ASN D 292 -2.42 -14.58 7.06
CA ASN D 292 -0.99 -14.81 7.26
C ASN D 292 -0.25 -15.00 5.94
N GLN D 293 -0.89 -15.62 4.95
CA GLN D 293 -0.20 -15.93 3.69
C GLN D 293 0.10 -14.67 2.88
N GLU D 294 -0.81 -13.70 2.88
CA GLU D 294 -0.60 -12.47 2.13
C GLU D 294 0.14 -11.40 2.90
N SER D 295 0.36 -11.58 4.21
CA SER D 295 0.97 -10.52 5.02
C SER D 295 2.41 -10.26 4.59
N ASP D 296 2.95 -9.17 5.15
CA ASP D 296 4.33 -8.79 4.91
C ASP D 296 5.30 -9.52 5.83
N SER D 297 4.89 -9.80 7.07
CA SER D 297 5.78 -10.43 8.02
C SER D 297 6.18 -11.82 7.58
N MET D 298 7.46 -12.16 7.81
CA MET D 298 7.90 -13.54 7.65
C MET D 298 7.37 -14.40 8.79
N PHE D 299 7.30 -13.81 9.99
CA PHE D 299 6.79 -14.50 11.16
C PHE D 299 5.39 -15.03 10.93
N LYS D 300 4.52 -14.19 10.37
CA LYS D 300 3.16 -14.64 10.10
C LYS D 300 3.11 -15.68 8.99
N LYS D 301 4.01 -15.58 8.01
CA LYS D 301 4.06 -16.60 6.96
C LYS D 301 4.46 -17.95 7.53
N LYS D 302 5.33 -17.97 8.56
CA LYS D 302 5.65 -19.23 9.23
C LYS D 302 4.41 -19.85 9.88
N MET D 303 3.43 -19.03 10.23
CA MET D 303 2.17 -19.53 10.81
C MET D 303 1.18 -19.88 9.70
N VAL D 304 1.66 -20.66 8.75
CA VAL D 304 0.87 -21.17 7.63
C VAL D 304 1.10 -22.68 7.57
N PRO D 305 0.05 -23.49 7.55
CA PRO D 305 0.24 -24.94 7.57
C PRO D 305 0.66 -25.48 6.22
N ASP D 306 1.40 -26.60 6.26
CA ASP D 306 1.71 -27.32 5.03
C ASP D 306 0.44 -27.94 4.43
N PHE D 307 -0.42 -28.49 5.28
CA PHE D 307 -1.67 -29.10 4.86
C PHE D 307 -2.77 -28.69 5.82
N TYR D 308 -4.01 -28.80 5.37
CA TYR D 308 -5.15 -28.49 6.22
C TYR D 308 -6.21 -29.57 6.06
N VAL D 309 -6.94 -29.81 7.14
CA VAL D 309 -8.00 -30.81 7.19
C VAL D 309 -9.15 -30.25 8.00
N ASP D 310 -10.37 -30.64 7.62
CA ASP D 310 -11.55 -30.23 8.39
C ASP D 310 -11.55 -30.90 9.76
N SER D 311 -11.19 -32.19 9.79
CA SER D 311 -11.10 -32.94 11.02
C SER D 311 -10.03 -33.99 10.83
N ILE D 312 -9.49 -34.49 11.93
CA ILE D 312 -8.48 -35.55 11.83
C ILE D 312 -9.12 -36.82 11.30
N ALA D 313 -10.44 -36.95 11.46
CA ALA D 313 -11.16 -38.11 10.93
C ALA D 313 -11.08 -38.19 9.43
N ASP D 314 -10.79 -37.08 8.75
CA ASP D 314 -10.63 -37.12 7.30
C ASP D 314 -9.46 -37.99 6.88
N LEU D 315 -8.60 -38.40 7.81
CA LEU D 315 -7.53 -39.30 7.43
C LEU D 315 -7.96 -40.77 7.45
N LEU D 316 -9.15 -41.09 7.96
CA LEU D 316 -9.53 -42.49 8.06
C LEU D 316 -9.59 -43.19 6.70
N PRO D 317 -10.10 -42.57 5.63
CA PRO D 317 -10.07 -43.25 4.32
C PRO D 317 -8.67 -43.65 3.88
N ALA D 318 -7.66 -42.83 4.19
CA ALA D 318 -6.29 -43.13 3.80
C ALA D 318 -5.61 -44.15 4.71
N LEU D 319 -6.14 -44.36 5.92
CA LEU D 319 -5.58 -45.30 6.88
C LEU D 319 -6.32 -46.63 6.91
N GLN D 320 -7.25 -46.85 6.00
CA GLN D 320 -8.06 -48.07 5.99
C GLN D 320 -7.67 -48.97 4.83
N ALA E 11 -29.97 25.23 42.31
CA ALA E 11 -30.42 25.88 41.10
C ALA E 11 -31.88 26.31 41.23
N ARG E 12 -32.09 27.52 41.75
CA ARG E 12 -33.44 28.01 42.06
C ARG E 12 -33.84 29.16 41.15
N CYS E 13 -33.31 29.19 39.93
CA CYS E 13 -33.49 30.30 39.01
C CYS E 13 -33.73 31.60 39.78
N VAL E 14 -32.70 32.11 40.43
CA VAL E 14 -32.78 33.34 41.20
C VAL E 14 -32.55 34.51 40.25
N ARG E 15 -33.29 35.59 40.46
CA ARG E 15 -33.10 36.78 39.64
C ARG E 15 -31.75 37.39 40.01
N LEU E 16 -30.95 37.71 38.99
CA LEU E 16 -29.61 38.21 39.26
C LEU E 16 -29.79 39.69 39.57
N SER E 17 -29.77 40.03 40.84
CA SER E 17 -29.84 41.42 41.26
C SER E 17 -28.43 41.95 41.37
N ALA E 18 -28.31 43.28 41.36
CA ALA E 18 -26.99 43.89 41.34
C ALA E 18 -26.14 43.41 42.50
N GLU E 19 -26.75 43.20 43.68
CA GLU E 19 -26.01 42.69 44.82
C GLU E 19 -25.52 41.26 44.56
N ARG E 20 -26.44 40.36 44.16
CA ARG E 20 -26.04 39.00 43.83
C ARG E 20 -25.05 38.98 42.68
N ALA E 21 -25.27 39.85 41.67
CA ALA E 21 -24.39 39.90 40.53
C ALA E 21 -22.98 40.32 40.92
N LYS E 22 -22.85 41.31 41.81
CA LYS E 22 -21.52 41.74 42.24
C LYS E 22 -20.81 40.63 43.00
N LEU E 23 -21.52 39.93 43.89
CA LEU E 23 -20.88 38.81 44.59
C LEU E 23 -20.39 37.76 43.58
N LEU E 24 -21.25 37.41 42.62
CA LEU E 24 -20.86 36.45 41.58
C LEU E 24 -19.65 36.93 40.80
N LEU E 25 -19.66 38.19 40.37
CA LEU E 25 -18.58 38.73 39.57
C LEU E 25 -17.25 38.69 40.32
N ALA E 26 -17.28 38.98 41.62
CA ALA E 26 -16.06 38.83 42.41
C ALA E 26 -15.63 37.36 42.45
N GLU E 27 -16.58 36.43 42.49
CA GLU E 27 -16.23 35.02 42.61
C GLU E 27 -15.68 34.42 41.31
N VAL E 28 -16.02 34.97 40.15
CA VAL E 28 -15.68 34.35 38.86
C VAL E 28 -14.64 35.19 38.14
N ASP E 29 -13.69 34.50 37.48
CA ASP E 29 -12.72 35.18 36.64
C ASP E 29 -12.96 34.94 35.15
N THR E 30 -13.74 33.92 34.78
CA THR E 30 -13.96 33.59 33.38
C THR E 30 -15.46 33.44 33.09
N LEU E 31 -15.89 34.08 32.00
CA LEU E 31 -17.27 34.03 31.53
C LEU E 31 -17.30 33.46 30.12
N LEU E 32 -18.11 32.42 29.91
CA LEU E 32 -18.26 31.75 28.63
C LEU E 32 -19.66 31.98 28.09
N PHE E 33 -19.75 32.46 26.85
CA PHE E 33 -21.01 32.90 26.26
C PHE E 33 -21.37 32.07 25.03
N ASN E 34 -22.66 31.81 24.87
CA ASN E 34 -23.17 31.45 23.56
C ASN E 34 -23.36 32.76 22.80
N CYS E 35 -23.13 32.73 21.49
CA CYS E 35 -23.09 33.98 20.74
C CYS E 35 -24.48 34.40 20.26
N ASP E 36 -25.21 33.50 19.60
CA ASP E 36 -26.51 33.83 19.03
C ASP E 36 -27.61 33.74 20.09
N GLY E 37 -28.39 34.81 20.22
CA GLY E 37 -29.43 34.90 21.21
C GLY E 37 -29.02 35.50 22.54
N VAL E 38 -27.72 35.71 22.76
CA VAL E 38 -27.21 36.24 24.02
C VAL E 38 -26.53 37.56 23.71
N LEU E 39 -25.53 37.51 22.83
CA LEU E 39 -24.77 38.70 22.45
C LEU E 39 -25.39 39.42 21.25
N TRP E 40 -25.93 38.68 20.30
CA TRP E 40 -26.48 39.29 19.10
C TRP E 40 -27.66 38.46 18.60
N ARG E 41 -28.53 39.10 17.82
CA ARG E 41 -29.61 38.43 17.13
C ARG E 41 -29.38 38.61 15.63
N GLY E 42 -29.08 37.52 14.93
CA GLY E 42 -28.68 37.67 13.53
C GLY E 42 -27.38 38.45 13.46
N GLU E 43 -27.37 39.49 12.63
CA GLU E 43 -26.23 40.38 12.51
C GLU E 43 -26.43 41.66 13.33
N THR E 44 -27.47 41.71 14.16
CA THR E 44 -27.79 42.87 14.98
C THR E 44 -27.46 42.56 16.43
N ALA E 45 -26.68 43.43 17.06
CA ALA E 45 -26.25 43.21 18.44
C ALA E 45 -27.40 43.47 19.41
N VAL E 46 -27.39 42.73 20.52
CA VAL E 46 -28.35 43.04 21.58
C VAL E 46 -27.97 44.39 22.19
N PRO E 47 -28.90 45.33 22.35
CA PRO E 47 -28.50 46.66 22.81
C PRO E 47 -27.84 46.61 24.18
N GLY E 48 -26.65 47.22 24.28
CA GLY E 48 -25.92 47.31 25.52
C GLY E 48 -24.99 46.15 25.80
N ALA E 49 -25.09 45.06 25.04
CA ALA E 49 -24.25 43.88 25.25
C ALA E 49 -22.79 44.20 24.91
N PRO E 50 -22.51 44.88 23.80
CA PRO E 50 -21.12 45.23 23.49
C PRO E 50 -20.46 46.02 24.62
N GLU E 51 -21.17 47.02 25.14
CA GLU E 51 -20.65 47.79 26.27
C GLU E 51 -20.41 46.89 27.47
N THR E 52 -21.32 45.94 27.71
CA THR E 52 -21.20 45.07 28.88
C THR E 52 -19.94 44.20 28.79
N LEU E 53 -19.68 43.63 27.60
CA LEU E 53 -18.48 42.80 27.46
C LEU E 53 -17.22 43.64 27.50
N ARG E 54 -17.25 44.85 26.93
CA ARG E 54 -16.09 45.73 27.07
C ARG E 54 -15.80 46.02 28.54
N ALA E 55 -16.86 46.23 29.32
CA ALA E 55 -16.68 46.47 30.75
C ALA E 55 -16.12 45.24 31.46
N LEU E 56 -16.62 44.05 31.12
CA LEU E 56 -16.09 42.83 31.73
C LEU E 56 -14.60 42.68 31.42
N ARG E 57 -14.18 43.00 30.19
CA ARG E 57 -12.76 43.00 29.89
C ARG E 57 -12.01 44.04 30.75
N ALA E 58 -12.62 45.20 30.96
CA ALA E 58 -11.96 46.23 31.75
C ALA E 58 -11.72 45.77 33.19
N ARG E 59 -12.66 45.01 33.75
CA ARG E 59 -12.52 44.51 35.11
C ARG E 59 -11.57 43.31 35.20
N GLY E 60 -11.02 42.86 34.09
CA GLY E 60 -10.08 41.76 34.10
C GLY E 60 -10.68 40.39 33.87
N LYS E 61 -11.97 40.30 33.55
CA LYS E 61 -12.61 39.02 33.33
C LYS E 61 -12.20 38.47 31.96
N ARG E 62 -12.00 37.16 31.90
CA ARG E 62 -11.66 36.49 30.64
C ARG E 62 -12.92 35.97 29.97
N LEU E 63 -13.07 36.28 28.69
CA LEU E 63 -14.29 35.98 27.94
C LEU E 63 -14.00 34.90 26.92
N GLY E 64 -14.88 33.88 26.88
CA GLY E 64 -14.80 32.85 25.88
C GLY E 64 -16.15 32.69 25.21
N PHE E 65 -16.12 32.14 24.01
CA PHE E 65 -17.31 32.02 23.16
C PHE E 65 -17.40 30.61 22.61
N ILE E 66 -18.59 30.03 22.73
CA ILE E 66 -18.82 28.63 22.35
C ILE E 66 -19.93 28.59 21.31
N THR E 67 -19.66 27.92 20.19
CA THR E 67 -20.61 27.75 19.10
C THR E 67 -20.59 26.30 18.64
N ASN E 68 -21.76 25.82 18.22
CA ASN E 68 -21.91 24.47 17.69
C ASN E 68 -21.77 24.40 16.17
N ASN E 69 -21.47 25.52 15.51
CA ASN E 69 -21.41 25.53 14.05
C ASN E 69 -20.06 25.01 13.58
N SER E 70 -20.09 24.10 12.60
CA SER E 70 -18.87 23.49 12.09
C SER E 70 -18.51 24.01 10.70
N SER E 71 -19.28 24.95 10.16
CA SER E 71 -19.06 25.49 8.82
C SER E 71 -18.35 26.82 8.83
N LYS E 72 -18.28 27.50 9.97
CA LYS E 72 -17.64 28.79 10.09
C LYS E 72 -16.37 28.65 10.93
N THR E 73 -15.36 29.43 10.56
CA THR E 73 -14.08 29.36 11.25
C THR E 73 -14.10 30.19 12.53
N ARG E 74 -13.10 29.93 13.37
CA ARG E 74 -12.89 30.71 14.57
C ARG E 74 -12.65 32.17 14.23
N THR E 75 -11.81 32.40 13.20
CA THR E 75 -11.40 33.74 12.85
C THR E 75 -12.59 34.59 12.40
N ALA E 76 -13.54 33.98 11.69
CA ALA E 76 -14.73 34.70 11.23
C ALA E 76 -15.61 35.14 12.39
N TYR E 77 -15.87 34.23 13.34
CA TYR E 77 -16.63 34.59 14.54
C TYR E 77 -15.93 35.69 15.32
N ALA E 78 -14.60 35.61 15.45
CA ALA E 78 -13.86 36.66 16.15
C ALA E 78 -13.99 38.01 15.43
N GLU E 79 -13.97 37.99 14.09
CA GLU E 79 -14.12 39.23 13.34
C GLU E 79 -15.49 39.85 13.59
N LYS E 80 -16.53 39.02 13.62
CA LYS E 80 -17.86 39.55 13.92
C LYS E 80 -17.90 40.15 15.32
N LEU E 81 -17.26 39.49 16.30
CA LEU E 81 -17.23 40.05 17.65
C LEU E 81 -16.57 41.43 17.66
N ARG E 82 -15.45 41.58 16.95
CA ARG E 82 -14.79 42.89 16.90
C ARG E 82 -15.69 43.93 16.25
N ARG E 83 -16.41 43.53 15.19
CA ARG E 83 -17.25 44.48 14.46
C ARG E 83 -18.36 45.08 15.32
N LEU E 84 -19.00 44.27 16.16
CA LEU E 84 -20.11 44.75 16.97
C LEU E 84 -19.68 45.36 18.29
N GLY E 85 -18.39 45.44 18.56
CA GLY E 85 -17.92 46.12 19.75
C GLY E 85 -17.78 45.24 20.97
N PHE E 86 -17.90 43.92 20.81
CA PHE E 86 -17.80 43.02 21.96
C PHE E 86 -16.36 42.82 22.41
N GLY E 87 -15.39 43.30 21.63
CA GLY E 87 -13.99 43.24 21.95
C GLY E 87 -13.23 42.18 21.15
N GLY E 88 -11.96 42.04 21.51
CA GLY E 88 -11.06 41.12 20.87
C GLY E 88 -9.91 40.79 21.81
N PRO E 89 -9.08 39.83 21.44
CA PRO E 89 -7.92 39.49 22.29
C PRO E 89 -7.08 40.73 22.57
N VAL E 90 -6.82 40.99 23.85
CA VAL E 90 -6.12 42.22 24.23
C VAL E 90 -4.69 42.20 23.70
N GLY E 91 -4.00 41.06 23.85
CA GLY E 91 -2.64 40.95 23.41
C GLY E 91 -2.53 40.88 21.90
N PRO E 92 -1.40 41.32 21.34
CA PRO E 92 -1.24 41.24 19.88
C PRO E 92 -1.19 39.81 19.37
N GLU E 93 -0.43 38.94 20.04
CA GLU E 93 -0.35 37.53 19.69
C GLU E 93 -1.25 36.67 20.56
N ALA E 94 -2.17 37.28 21.31
CA ALA E 94 -2.98 36.55 22.27
C ALA E 94 -3.84 35.49 21.56
N GLY E 95 -4.26 34.51 22.33
CA GLY E 95 -4.98 33.38 21.77
C GLY E 95 -6.41 33.73 21.41
N LEU E 96 -6.95 32.98 20.46
CA LEU E 96 -8.31 33.19 19.99
C LEU E 96 -9.30 32.77 21.08
N GLU E 97 -10.46 33.42 21.09
CA GLU E 97 -11.45 33.26 22.14
C GLU E 97 -12.66 32.46 21.68
N VAL E 98 -12.71 32.06 20.41
CA VAL E 98 -13.86 31.39 19.84
C VAL E 98 -13.56 29.90 19.79
N PHE E 99 -14.50 29.09 20.27
CA PHE E 99 -14.36 27.63 20.28
C PHE E 99 -15.57 27.01 19.60
N GLY E 100 -15.38 26.59 18.34
CA GLY E 100 -16.41 25.95 17.57
C GLY E 100 -16.17 24.46 17.42
N THR E 101 -17.18 23.77 16.88
CA THR E 101 -17.13 22.32 16.79
C THR E 101 -16.09 21.80 15.80
N ALA E 102 -15.70 22.61 14.80
CA ALA E 102 -14.64 22.19 13.88
C ALA E 102 -13.31 22.07 14.62
N TYR E 103 -12.91 23.14 15.31
CA TYR E 103 -11.64 23.15 16.02
C TYR E 103 -11.63 22.08 17.11
N CYS E 104 -12.72 21.97 17.87
CA CYS E 104 -12.75 21.04 18.99
C CYS E 104 -12.87 19.60 18.51
N SER E 105 -13.46 19.38 17.32
CA SER E 105 -13.40 18.04 16.71
C SER E 105 -11.97 17.68 16.36
N ALA E 106 -11.21 18.63 15.79
CA ALA E 106 -9.80 18.34 15.52
C ALA E 106 -9.04 17.99 16.80
N LEU E 107 -9.30 18.73 17.88
CA LEU E 107 -8.65 18.41 19.15
C LEU E 107 -9.06 17.02 19.65
N TYR E 108 -10.35 16.69 19.53
CA TYR E 108 -10.82 15.37 19.94
C TYR E 108 -10.10 14.27 19.18
N LEU E 109 -9.95 14.44 17.86
CA LEU E 109 -9.29 13.40 17.07
C LEU E 109 -7.80 13.32 17.38
N ARG E 110 -7.16 14.47 17.63
CA ARG E 110 -5.76 14.45 18.05
C ARG E 110 -5.60 13.61 19.32
N GLN E 111 -6.46 13.85 20.30
CA GLN E 111 -6.33 13.15 21.58
C GLN E 111 -6.67 11.66 21.45
N ARG E 112 -7.75 11.34 20.73
CA ARG E 112 -8.21 9.96 20.65
C ARG E 112 -7.43 9.12 19.64
N LEU E 113 -6.64 9.75 18.78
CA LEU E 113 -5.80 9.04 17.82
C LEU E 113 -4.32 9.26 18.13
N ALA E 114 -3.99 9.39 19.42
CA ALA E 114 -2.64 9.72 19.83
C ALA E 114 -1.64 8.66 19.38
N GLY E 115 -2.01 7.38 19.53
CA GLY E 115 -1.09 6.33 19.17
C GLY E 115 -1.05 6.00 17.69
N VAL E 116 -2.05 6.45 16.93
CA VAL E 116 -2.13 6.10 15.52
C VAL E 116 -1.18 6.94 14.69
N PRO E 117 -0.27 6.35 13.91
CA PRO E 117 0.58 7.16 13.02
C PRO E 117 -0.20 7.52 11.77
N ASP E 118 0.14 8.66 11.21
CA ASP E 118 -0.47 9.19 9.98
C ASP E 118 -2.00 9.00 10.05
N PRO E 119 -2.67 9.63 10.99
CA PRO E 119 -4.12 9.38 11.15
C PRO E 119 -4.93 9.94 9.99
N LYS E 120 -5.93 9.17 9.55
CA LYS E 120 -6.86 9.57 8.50
C LYS E 120 -8.30 9.43 8.97
N ALA E 121 -9.15 10.33 8.47
CA ALA E 121 -10.55 10.38 8.82
C ALA E 121 -11.40 10.62 7.58
N TYR E 122 -12.55 9.94 7.51
CA TYR E 122 -13.55 10.20 6.49
C TYR E 122 -14.50 11.25 7.03
N VAL E 123 -14.47 12.45 6.44
CA VAL E 123 -15.14 13.62 6.97
C VAL E 123 -16.34 13.91 6.08
N LEU E 124 -17.54 13.71 6.64
CA LEU E 124 -18.78 14.19 6.03
C LEU E 124 -19.06 15.60 6.57
N GLY E 125 -18.29 16.57 6.07
CA GLY E 125 -18.34 17.88 6.65
C GLY E 125 -17.72 18.95 5.78
N SER E 126 -17.57 20.13 6.38
CA SER E 126 -17.18 21.34 5.69
C SER E 126 -15.68 21.40 5.43
N PRO E 127 -15.24 22.26 4.51
CA PRO E 127 -13.80 22.47 4.36
C PRO E 127 -13.13 22.99 5.62
N ALA E 128 -13.85 23.77 6.44
CA ALA E 128 -13.27 24.30 7.68
C ALA E 128 -12.90 23.17 8.63
N LEU E 129 -13.78 22.17 8.77
CA LEU E 129 -13.49 21.03 9.61
C LEU E 129 -12.25 20.29 9.13
N ALA E 130 -12.13 20.10 7.81
CA ALA E 130 -10.97 19.42 7.27
C ALA E 130 -9.70 20.23 7.51
N ALA E 131 -9.78 21.55 7.39
CA ALA E 131 -8.62 22.39 7.67
C ALA E 131 -8.17 22.26 9.11
N GLU E 132 -9.13 22.29 10.05
CA GLU E 132 -8.79 22.17 11.46
C GLU E 132 -8.16 20.80 11.74
N LEU E 133 -8.67 19.74 11.11
CA LEU E 133 -8.03 18.44 11.26
C LEU E 133 -6.62 18.44 10.67
N GLU E 134 -6.42 19.10 9.53
CA GLU E 134 -5.09 19.15 8.93
C GLU E 134 -4.10 19.85 9.85
N ALA E 135 -4.54 20.91 10.54
CA ALA E 135 -3.61 21.60 11.44
C ALA E 135 -3.12 20.69 12.57
N VAL E 136 -3.95 19.74 13.02
CA VAL E 136 -3.53 18.82 14.07
C VAL E 136 -2.93 17.54 13.50
N GLY E 137 -2.78 17.45 12.19
CA GLY E 137 -2.09 16.33 11.57
C GLY E 137 -2.97 15.21 11.09
N VAL E 138 -4.28 15.38 11.04
CA VAL E 138 -5.20 14.32 10.65
C VAL E 138 -5.61 14.57 9.20
N THR E 139 -5.32 13.63 8.32
CA THR E 139 -5.72 13.73 6.92
C THR E 139 -7.22 13.49 6.82
N SER E 140 -7.87 14.25 5.94
CA SER E 140 -9.31 14.18 5.77
C SER E 140 -9.65 13.75 4.34
N VAL E 141 -10.63 12.87 4.20
CA VAL E 141 -11.09 12.42 2.90
C VAL E 141 -12.61 12.48 2.87
N GLY E 142 -13.16 12.79 1.69
CA GLY E 142 -14.59 12.73 1.49
C GLY E 142 -15.33 14.06 1.54
N VAL E 143 -14.62 15.18 1.73
CA VAL E 143 -15.27 16.48 1.64
C VAL E 143 -15.64 16.73 0.19
N GLY E 144 -16.84 17.25 -0.03
CA GLY E 144 -17.30 17.55 -1.37
C GLY E 144 -18.32 16.55 -1.87
N PRO E 145 -18.68 16.65 -3.15
CA PRO E 145 -19.74 15.78 -3.68
C PRO E 145 -19.31 14.33 -3.79
N ASP E 146 -20.26 13.43 -3.55
CA ASP E 146 -20.11 12.01 -3.87
C ASP E 146 -21.50 11.50 -4.26
N VAL E 147 -21.92 11.82 -5.49
CA VAL E 147 -23.24 11.43 -5.94
C VAL E 147 -23.27 9.93 -6.23
N LEU E 148 -24.48 9.38 -6.25
CA LEU E 148 -24.64 7.94 -6.40
C LEU E 148 -24.13 7.47 -7.76
N HIS E 149 -23.41 6.35 -7.75
CA HIS E 149 -23.01 5.67 -8.98
C HIS E 149 -23.20 4.17 -8.75
N GLY E 150 -23.43 3.46 -9.84
CA GLY E 150 -23.81 2.06 -9.81
C GLY E 150 -25.32 1.91 -9.79
N ASP E 151 -25.77 0.70 -10.15
CA ASP E 151 -27.20 0.45 -10.30
C ASP E 151 -27.83 -0.25 -9.12
N GLY E 152 -27.03 -0.81 -8.21
CA GLY E 152 -27.58 -1.58 -7.13
C GLY E 152 -26.60 -1.69 -5.98
N PRO E 153 -27.01 -2.41 -4.93
CA PRO E 153 -26.13 -2.55 -3.76
C PRO E 153 -24.79 -3.18 -4.08
N SER E 154 -24.71 -4.14 -5.00
CA SER E 154 -23.42 -4.77 -5.29
C SER E 154 -22.41 -3.75 -5.81
N ASP E 155 -22.83 -2.86 -6.72
CA ASP E 155 -21.94 -1.83 -7.21
C ASP E 155 -21.59 -0.84 -6.11
N TRP E 156 -22.56 -0.46 -5.27
CA TRP E 156 -22.31 0.53 -4.24
C TRP E 156 -21.32 0.02 -3.21
N LEU E 157 -21.41 -1.26 -2.85
CA LEU E 157 -20.53 -1.82 -1.84
C LEU E 157 -19.17 -2.19 -2.39
N ALA E 158 -18.99 -2.14 -3.71
CA ALA E 158 -17.70 -2.42 -4.33
C ALA E 158 -16.87 -1.17 -4.56
N VAL E 159 -17.41 0.02 -4.33
CA VAL E 159 -16.63 1.24 -4.55
C VAL E 159 -15.41 1.23 -3.64
N PRO E 160 -14.20 1.48 -4.14
CA PRO E 160 -13.02 1.39 -3.28
C PRO E 160 -12.99 2.46 -2.20
N LEU E 161 -12.44 2.09 -1.06
CA LEU E 161 -12.34 2.95 0.11
C LEU E 161 -10.90 3.41 0.29
N GLU E 162 -10.74 4.57 0.93
CA GLU E 162 -9.41 5.11 1.17
C GLU E 162 -8.71 4.25 2.23
N PRO E 163 -7.39 4.07 2.12
CA PRO E 163 -6.69 3.20 3.07
C PRO E 163 -6.45 3.87 4.42
N ASP E 164 -6.44 3.02 5.46
CA ASP E 164 -6.04 3.43 6.82
C ASP E 164 -6.90 4.56 7.37
N VAL E 165 -8.21 4.44 7.22
CA VAL E 165 -9.14 5.40 7.81
C VAL E 165 -9.49 4.95 9.22
N ARG E 166 -9.22 5.81 10.20
CA ARG E 166 -9.40 5.48 11.61
C ARG E 166 -10.54 6.24 12.27
N ALA E 167 -11.27 7.09 11.55
CA ALA E 167 -12.37 7.81 12.15
C ALA E 167 -13.36 8.24 11.07
N VAL E 168 -14.62 8.38 11.46
CA VAL E 168 -15.66 8.98 10.64
C VAL E 168 -16.20 10.19 11.41
N VAL E 169 -16.11 11.37 10.79
CA VAL E 169 -16.55 12.61 11.40
C VAL E 169 -17.76 13.10 10.62
N VAL E 170 -18.89 13.28 11.30
CA VAL E 170 -20.11 13.77 10.67
C VAL E 170 -20.31 15.21 11.12
N GLY E 171 -20.18 16.14 10.18
CA GLY E 171 -20.46 17.54 10.45
C GLY E 171 -21.60 18.00 9.57
N PHE E 172 -21.73 19.30 9.37
CA PHE E 172 -22.75 19.79 8.44
C PHE E 172 -22.25 19.50 7.03
N ASP E 173 -22.83 18.49 6.39
CA ASP E 173 -22.42 18.11 5.04
C ASP E 173 -23.57 18.42 4.10
N PRO E 174 -23.54 19.56 3.39
CA PRO E 174 -24.59 19.82 2.40
C PRO E 174 -24.51 18.90 1.21
N HIS E 175 -23.42 18.13 1.08
CA HIS E 175 -23.29 17.12 0.04
C HIS E 175 -23.68 15.73 0.52
N PHE E 176 -24.32 15.62 1.68
CA PHE E 176 -24.67 14.31 2.23
C PHE E 176 -25.47 13.54 1.19
N SER E 177 -25.11 12.27 1.01
CA SER E 177 -25.74 11.41 0.01
C SER E 177 -25.83 10.00 0.56
N TYR E 178 -26.61 9.15 -0.11
CA TYR E 178 -26.64 7.75 0.27
C TYR E 178 -25.29 7.08 0.07
N MET E 179 -24.52 7.54 -0.94
CA MET E 179 -23.18 6.99 -1.16
C MET E 179 -22.27 7.29 0.02
N LYS E 180 -22.32 8.52 0.56
CA LYS E 180 -21.45 8.85 1.68
C LYS E 180 -21.87 8.08 2.93
N LEU E 181 -23.17 7.88 3.14
CA LEU E 181 -23.64 7.05 4.25
C LEU E 181 -23.15 5.61 4.09
N THR E 182 -23.21 5.07 2.87
CA THR E 182 -22.73 3.71 2.64
C THR E 182 -21.24 3.61 2.95
N LYS E 183 -20.47 4.60 2.50
CA LYS E 183 -19.04 4.62 2.78
C LYS E 183 -18.79 4.69 4.27
N ALA E 184 -19.58 5.50 4.97
CA ALA E 184 -19.43 5.66 6.41
C ALA E 184 -19.69 4.34 7.15
N VAL E 185 -20.78 3.65 6.81
CA VAL E 185 -21.07 2.39 7.48
C VAL E 185 -19.97 1.38 7.19
N ARG E 186 -19.46 1.37 5.95
CA ARG E 186 -18.38 0.45 5.62
C ARG E 186 -17.13 0.74 6.42
N TYR E 187 -16.76 2.02 6.57
CA TYR E 187 -15.61 2.35 7.41
C TYR E 187 -15.86 1.94 8.85
N LEU E 188 -17.08 2.14 9.34
CA LEU E 188 -17.42 1.82 10.71
C LEU E 188 -17.59 0.33 10.96
N GLN E 189 -17.56 -0.50 9.92
CA GLN E 189 -17.52 -1.94 10.15
C GLN E 189 -16.22 -2.39 10.81
N GLN E 190 -15.15 -1.61 10.66
CA GLN E 190 -13.94 -1.86 11.42
C GLN E 190 -14.14 -1.36 12.85
N PRO E 191 -13.95 -2.21 13.86
CA PRO E 191 -14.26 -1.78 15.24
C PRO E 191 -13.40 -0.62 15.72
N ASP E 192 -12.12 -0.57 15.30
CA ASP E 192 -11.24 0.50 15.76
C ASP E 192 -11.71 1.86 15.29
N CYS E 193 -12.45 1.93 14.19
CA CYS E 193 -12.85 3.22 13.64
C CYS E 193 -13.73 3.96 14.64
N LEU E 194 -13.46 5.24 14.81
CA LEU E 194 -14.23 6.10 15.69
C LEU E 194 -15.39 6.72 14.93
N LEU E 195 -16.46 7.05 15.65
CA LEU E 195 -17.57 7.81 15.10
C LEU E 195 -17.71 9.08 15.93
N VAL E 196 -17.56 10.24 15.28
CA VAL E 196 -17.60 11.53 15.94
C VAL E 196 -18.64 12.38 15.24
N GLY E 197 -19.49 13.05 16.03
CA GLY E 197 -20.44 13.99 15.49
C GLY E 197 -20.21 15.38 16.06
N THR E 198 -20.22 16.40 15.20
CA THR E 198 -19.95 17.75 15.67
C THR E 198 -21.06 18.22 16.61
N ASN E 199 -22.32 17.86 16.33
CA ASN E 199 -23.41 18.21 17.22
C ASN E 199 -24.59 17.28 16.92
N MET E 200 -25.61 17.36 17.79
CA MET E 200 -26.80 16.53 17.69
CA MET E 200 -26.80 16.52 17.66
C MET E 200 -28.06 17.35 17.48
N ASP E 201 -27.93 18.59 17.03
CA ASP E 201 -29.07 19.48 16.87
C ASP E 201 -29.92 19.07 15.68
N ASN E 202 -31.26 19.10 15.88
CA ASN E 202 -32.16 18.75 14.81
C ASN E 202 -32.22 19.81 13.72
N ARG E 203 -32.00 21.07 14.08
CA ARG E 203 -32.14 22.16 13.14
C ARG E 203 -31.02 23.16 13.30
N LEU E 204 -30.63 23.76 12.19
CA LEU E 204 -29.68 24.85 12.15
C LEU E 204 -30.44 26.15 11.99
N PRO E 205 -30.39 27.03 12.99
CA PRO E 205 -31.06 28.34 12.86
C PRO E 205 -30.40 29.21 11.81
N LEU E 206 -31.22 29.93 11.07
CA LEU E 206 -30.77 30.89 10.08
C LEU E 206 -31.47 32.22 10.34
N GLU E 207 -31.06 33.23 9.58
CA GLU E 207 -31.62 34.56 9.74
C GLU E 207 -33.08 34.56 9.31
N ASN E 208 -33.86 35.46 9.88
CA ASN E 208 -35.28 35.67 9.56
C ASN E 208 -36.15 34.53 10.07
N GLY E 209 -35.73 33.82 11.10
CA GLY E 209 -36.54 32.77 11.66
C GLY E 209 -36.59 31.51 10.83
N ARG E 210 -35.91 31.47 9.69
CA ARG E 210 -35.86 30.26 8.88
C ARG E 210 -34.83 29.30 9.47
N PHE E 211 -34.95 28.02 9.09
CA PHE E 211 -34.04 27.00 9.59
C PHE E 211 -33.83 25.97 8.49
N ILE E 212 -32.72 25.22 8.61
CA ILE E 212 -32.48 24.08 7.73
C ILE E 212 -32.10 22.88 8.59
N ALA E 213 -32.03 21.71 7.98
CA ALA E 213 -31.78 20.50 8.76
C ALA E 213 -30.39 20.56 9.40
N GLY E 214 -30.32 20.13 10.67
CA GLY E 214 -29.09 20.18 11.42
C GLY E 214 -28.23 18.93 11.25
N THR E 215 -27.00 19.03 11.74
CA THR E 215 -26.06 17.91 11.68
C THR E 215 -26.58 16.70 12.43
N GLY E 216 -27.42 16.90 13.45
CA GLY E 216 -27.92 15.79 14.22
C GLY E 216 -28.68 14.78 13.38
N CYS E 217 -29.39 15.25 12.35
CA CYS E 217 -30.11 14.34 11.46
C CYS E 217 -29.13 13.40 10.75
N LEU E 218 -28.05 13.97 10.19
CA LEU E 218 -27.06 13.17 9.49
C LEU E 218 -26.38 12.19 10.44
N VAL E 219 -26.02 12.67 11.64
CA VAL E 219 -25.38 11.80 12.63
C VAL E 219 -26.30 10.65 13.00
N ARG E 220 -27.59 10.93 13.19
CA ARG E 220 -28.51 9.86 13.58
C ARG E 220 -28.63 8.82 12.46
N ALA E 221 -28.64 9.28 11.21
CA ALA E 221 -28.66 8.33 10.09
C ALA E 221 -27.45 7.40 10.16
N VAL E 222 -26.26 7.97 10.35
CA VAL E 222 -25.05 7.15 10.41
C VAL E 222 -25.10 6.22 11.61
N GLU E 223 -25.55 6.72 12.76
CA GLU E 223 -25.64 5.91 13.97
C GLU E 223 -26.54 4.70 13.74
N MET E 224 -27.71 4.93 13.15
CA MET E 224 -28.66 3.84 12.96
C MET E 224 -28.11 2.79 12.01
N ALA E 225 -27.56 3.23 10.87
CA ALA E 225 -27.08 2.25 9.90
C ALA E 225 -25.86 1.50 10.42
N ALA E 226 -24.99 2.18 11.17
CA ALA E 226 -23.80 1.57 11.74
C ALA E 226 -24.05 0.91 13.09
N GLN E 227 -25.26 1.05 13.63
CA GLN E 227 -25.61 0.51 14.95
C GLN E 227 -24.55 0.93 15.97
N ARG E 228 -24.28 2.22 15.99
CA ARG E 228 -23.27 2.81 16.83
C ARG E 228 -23.84 4.02 17.54
N GLN E 229 -23.21 4.41 18.63
CA GLN E 229 -23.55 5.65 19.32
C GLN E 229 -22.35 6.58 19.16
N ALA E 230 -22.58 7.75 18.55
CA ALA E 230 -21.49 8.66 18.25
C ALA E 230 -21.09 9.47 19.46
N ASP E 231 -19.82 9.90 19.48
CA ASP E 231 -19.34 10.85 20.47
C ASP E 231 -19.57 12.25 19.93
N ILE E 232 -20.30 13.06 20.68
CA ILE E 232 -20.72 14.39 20.25
C ILE E 232 -19.80 15.43 20.83
N ILE E 233 -19.30 16.33 19.98
CA ILE E 233 -18.38 17.37 20.44
C ILE E 233 -19.14 18.56 20.98
N GLY E 234 -20.22 18.98 20.30
CA GLY E 234 -20.86 20.24 20.60
C GLY E 234 -21.76 20.18 21.81
N LYS E 235 -22.21 21.37 22.23
CA LYS E 235 -23.15 21.47 23.33
C LYS E 235 -24.38 20.61 23.03
N PRO E 236 -24.93 19.91 24.02
CA PRO E 236 -24.62 20.00 25.45
C PRO E 236 -23.49 19.09 25.93
N SER E 237 -22.80 18.41 25.01
CA SER E 237 -21.74 17.51 25.41
C SER E 237 -20.63 18.27 26.13
N ARG E 238 -20.04 17.63 27.15
CA ARG E 238 -19.04 18.30 27.95
C ARG E 238 -17.72 18.47 27.20
N PHE E 239 -17.53 17.79 26.06
CA PHE E 239 -16.22 17.85 25.43
CA PHE E 239 -16.24 17.84 25.37
C PHE E 239 -15.89 19.26 24.94
N ILE E 240 -16.89 20.04 24.53
CA ILE E 240 -16.59 21.40 24.10
C ILE E 240 -16.06 22.21 25.28
N PHE E 241 -16.60 21.97 26.48
CA PHE E 241 -16.04 22.59 27.67
C PHE E 241 -14.61 22.12 27.92
N ASP E 242 -14.35 20.82 27.74
CA ASP E 242 -12.99 20.32 27.94
C ASP E 242 -12.03 20.94 26.94
N CYS E 243 -12.48 21.17 25.71
CA CYS E 243 -11.67 21.84 24.69
C CYS E 243 -11.35 23.27 25.11
N VAL E 244 -12.38 24.03 25.47
CA VAL E 244 -12.16 25.38 25.99
C VAL E 244 -11.17 25.32 27.15
N SER E 245 -11.32 24.35 28.05
CA SER E 245 -10.45 24.26 29.22
C SER E 245 -9.02 23.89 28.82
N GLN E 246 -8.87 23.03 27.81
CA GLN E 246 -7.55 22.69 27.32
C GLN E 246 -6.81 23.96 26.91
N GLU E 247 -7.55 24.93 26.38
CA GLU E 247 -6.89 26.14 25.89
C GLU E 247 -6.83 27.29 26.89
N TYR E 248 -7.88 27.48 27.70
CA TYR E 248 -8.00 28.58 28.63
C TYR E 248 -7.49 28.26 30.03
N GLY E 249 -7.59 27.01 30.47
CA GLY E 249 -7.30 26.67 31.85
C GLY E 249 -8.38 27.13 32.81
N ILE E 250 -9.56 26.53 32.67
CA ILE E 250 -10.75 26.90 33.43
C ILE E 250 -10.74 26.24 34.81
N ASN E 251 -11.13 27.02 35.83
CA ASN E 251 -11.46 26.47 37.13
C ASN E 251 -12.99 26.47 37.22
N PRO E 252 -13.66 25.31 37.18
CA PRO E 252 -15.12 25.32 37.02
C PRO E 252 -15.87 26.14 38.07
N GLU E 253 -15.40 26.10 39.33
CA GLU E 253 -16.10 26.81 40.39
C GLU E 253 -16.08 28.33 40.19
N ARG E 254 -15.08 28.85 39.50
CA ARG E 254 -14.89 30.27 39.29
C ARG E 254 -15.18 30.70 37.84
N THR E 255 -16.03 29.95 37.14
CA THR E 255 -16.39 30.20 35.74
C THR E 255 -17.91 30.18 35.60
N VAL E 256 -18.43 31.09 34.76
CA VAL E 256 -19.88 31.21 34.55
C VAL E 256 -20.21 31.00 33.09
N MET E 257 -21.32 30.31 32.81
CA MET E 257 -21.80 30.03 31.45
C MET E 257 -23.11 30.78 31.21
N VAL E 258 -23.13 31.61 30.16
CA VAL E 258 -24.27 32.43 29.78
C VAL E 258 -24.84 31.91 28.46
N GLY E 259 -26.13 31.60 28.45
CA GLY E 259 -26.76 31.00 27.27
C GLY E 259 -28.24 31.32 27.17
N ASP E 260 -28.80 31.01 25.99
CA ASP E 260 -30.20 31.27 25.70
C ASP E 260 -31.08 30.01 25.61
N ARG E 261 -30.50 28.82 25.45
CA ARG E 261 -31.26 27.61 25.22
C ARG E 261 -30.95 26.63 26.35
N LEU E 262 -32.00 26.16 27.03
CA LEU E 262 -31.83 25.30 28.19
C LEU E 262 -31.25 23.94 27.81
N ASP E 263 -31.69 23.36 26.68
CA ASP E 263 -31.25 22.02 26.33
C ASP E 263 -29.77 21.98 25.95
N THR E 264 -29.17 23.11 25.56
CA THR E 264 -27.77 23.13 25.13
C THR E 264 -26.89 23.88 26.13
N ASP E 265 -27.05 25.20 26.27
CA ASP E 265 -26.10 25.99 27.06
C ASP E 265 -26.23 25.70 28.56
N ILE E 266 -27.44 25.83 29.11
CA ILE E 266 -27.63 25.68 30.55
C ILE E 266 -27.30 24.25 30.97
N LEU E 267 -27.68 23.27 30.14
CA LEU E 267 -27.33 21.88 30.43
C LEU E 267 -25.82 21.69 30.45
N LEU E 268 -25.10 22.33 29.51
CA LEU E 268 -23.65 22.27 29.53
C LEU E 268 -23.09 22.82 30.83
N GLY E 269 -23.61 23.97 31.28
CA GLY E 269 -23.15 24.52 32.54
C GLY E 269 -23.38 23.58 33.71
N SER E 270 -24.56 22.96 33.76
CA SER E 270 -24.88 22.07 34.87
C SER E 270 -24.01 20.82 34.85
N THR E 271 -23.81 20.21 33.67
CA THR E 271 -23.03 18.97 33.62
C THR E 271 -21.56 19.22 33.93
N CYS E 272 -21.04 20.39 33.61
CA CYS E 272 -19.64 20.72 33.85
C CYS E 272 -19.44 21.48 35.15
N SER E 273 -20.47 21.52 36.00
CA SER E 273 -20.38 22.14 37.32
C SER E 273 -19.98 23.61 37.20
N LEU E 274 -20.61 24.31 36.28
CA LEU E 274 -20.41 25.73 36.09
C LEU E 274 -21.64 26.49 36.56
N LYS E 275 -21.42 27.68 37.10
CA LYS E 275 -22.54 28.55 37.43
C LYS E 275 -23.21 28.97 36.13
N THR E 276 -24.54 28.99 36.12
CA THR E 276 -25.30 29.19 34.89
C THR E 276 -26.14 30.46 34.98
N ILE E 277 -26.10 31.24 33.90
CA ILE E 277 -26.95 32.41 33.71
C ILE E 277 -27.77 32.23 32.45
N LEU E 278 -29.08 32.43 32.56
CA LEU E 278 -30.01 32.37 31.44
C LEU E 278 -30.40 33.76 30.99
N THR E 279 -30.27 34.03 29.70
CA THR E 279 -30.71 35.29 29.12
C THR E 279 -32.03 35.06 28.39
N LEU E 280 -32.99 35.93 28.61
CA LEU E 280 -34.32 35.77 28.05
C LEU E 280 -34.43 36.43 26.68
N THR E 281 -33.32 36.88 26.13
CA THR E 281 -33.25 37.44 24.78
C THR E 281 -33.34 36.39 23.70
N GLY E 282 -33.34 35.10 24.06
CA GLY E 282 -33.32 34.03 23.09
C GLY E 282 -34.46 33.03 23.15
N VAL E 283 -34.13 31.78 22.86
CA VAL E 283 -35.14 30.76 22.61
C VAL E 283 -35.97 30.48 23.86
N SER E 284 -35.30 30.19 24.98
CA SER E 284 -36.00 29.69 26.16
C SER E 284 -36.67 30.82 26.94
N SER E 285 -37.67 30.44 27.73
CA SER E 285 -38.48 31.37 28.50
C SER E 285 -38.55 30.88 29.94
N LEU E 286 -39.03 31.75 30.84
CA LEU E 286 -39.17 31.37 32.23
C LEU E 286 -40.21 30.26 32.41
N GLU E 287 -41.25 30.24 31.56
CA GLU E 287 -42.24 29.16 31.65
C GLU E 287 -41.60 27.81 31.34
N ASP E 288 -40.70 27.76 30.35
CA ASP E 288 -40.00 26.52 30.05
C ASP E 288 -39.16 26.08 31.25
N VAL E 289 -38.51 27.04 31.90
CA VAL E 289 -37.71 26.73 33.09
C VAL E 289 -38.63 26.20 34.19
N LYS E 290 -39.85 26.76 34.26
CA LYS E 290 -40.82 26.31 35.25
C LYS E 290 -41.20 24.86 34.98
N SER E 291 -41.43 24.52 33.72
CA SER E 291 -41.73 23.13 33.36
C SER E 291 -40.59 22.21 33.77
N ASN E 292 -39.35 22.65 33.55
CA ASN E 292 -38.22 21.79 33.92
C ASN E 292 -38.10 21.63 35.43
N GLN E 293 -38.33 22.70 36.19
CA GLN E 293 -38.26 22.61 37.66
C GLN E 293 -39.55 22.06 38.27
N GLU E 294 -40.56 21.73 37.46
CA GLU E 294 -41.77 21.12 37.98
C GLU E 294 -41.60 19.66 38.37
N SER E 295 -40.38 19.12 38.28
CA SER E 295 -40.07 17.78 38.78
C SER E 295 -40.56 16.64 37.91
N ASP E 296 -40.51 16.77 36.58
CA ASP E 296 -40.89 15.64 35.76
C ASP E 296 -39.71 14.69 35.54
N SER E 297 -38.49 15.20 35.44
CA SER E 297 -37.33 14.36 35.20
C SER E 297 -36.09 14.96 35.85
N MET E 298 -35.16 14.08 36.26
CA MET E 298 -33.87 14.57 36.74
C MET E 298 -33.09 15.24 35.62
N PHE E 299 -33.17 14.68 34.41
CA PHE E 299 -32.57 15.33 33.25
C PHE E 299 -33.14 16.72 33.09
N LYS E 300 -34.46 16.87 33.27
CA LYS E 300 -35.10 18.18 33.19
C LYS E 300 -34.67 19.07 34.34
N LYS E 301 -34.39 18.50 35.52
CA LYS E 301 -33.83 19.31 36.59
C LYS E 301 -32.46 19.85 36.21
N LYS E 302 -31.68 19.09 35.45
CA LYS E 302 -30.38 19.58 35.00
C LYS E 302 -30.53 20.81 34.11
N MET E 303 -31.65 20.93 33.39
CA MET E 303 -31.89 22.07 32.52
C MET E 303 -32.59 23.21 33.26
N VAL E 304 -32.04 23.62 34.40
CA VAL E 304 -32.56 24.76 35.15
C VAL E 304 -31.42 25.71 35.51
N PRO E 305 -31.55 27.00 35.24
CA PRO E 305 -30.42 27.92 35.50
C PRO E 305 -30.25 28.25 36.97
N ASP E 306 -28.99 28.51 37.35
CA ASP E 306 -28.71 29.02 38.69
C ASP E 306 -29.23 30.44 38.85
N PHE E 307 -29.05 31.28 37.83
CA PHE E 307 -29.50 32.65 37.84
C PHE E 307 -30.12 32.96 36.49
N TYR E 308 -30.94 34.01 36.45
CA TYR E 308 -31.56 34.44 35.19
C TYR E 308 -31.55 35.95 35.07
N VAL E 309 -31.42 36.39 33.81
CA VAL E 309 -31.39 37.81 33.46
C VAL E 309 -32.19 38.00 32.18
N ASP E 310 -32.85 39.15 32.05
CA ASP E 310 -33.56 39.47 30.82
C ASP E 310 -32.58 39.71 29.67
N SER E 311 -31.46 40.39 29.95
CA SER E 311 -30.42 40.63 28.97
C SER E 311 -29.10 40.67 29.71
N ILE E 312 -28.00 40.46 28.96
CA ILE E 312 -26.69 40.46 29.61
C ILE E 312 -26.31 41.84 30.13
N ALA E 313 -26.94 42.90 29.61
CA ALA E 313 -26.71 44.25 30.09
C ALA E 313 -27.16 44.48 31.53
N ASP E 314 -28.00 43.59 32.10
CA ASP E 314 -28.46 43.82 33.46
C ASP E 314 -27.35 43.83 34.50
N LEU E 315 -26.17 43.29 34.17
CA LEU E 315 -25.04 43.38 35.08
C LEU E 315 -24.16 44.61 34.83
N LEU E 316 -24.43 45.37 33.77
CA LEU E 316 -23.64 46.57 33.52
C LEU E 316 -23.69 47.53 34.69
N PRO E 317 -24.81 47.68 35.42
CA PRO E 317 -24.76 48.50 36.65
C PRO E 317 -23.71 48.03 37.63
N ALA E 318 -23.45 46.72 37.70
CA ALA E 318 -22.46 46.19 38.63
C ALA E 318 -21.03 46.36 38.15
N LEU E 319 -20.82 46.65 36.86
CA LEU E 319 -19.47 46.77 36.31
C LEU E 319 -18.99 48.21 36.19
N GLN E 320 -19.65 49.15 36.86
CA GLN E 320 -19.21 50.55 36.81
C GLN E 320 -18.38 50.88 38.06
N GLU F 10 -48.47 -17.53 25.35
CA GLU F 10 -48.27 -18.96 25.53
C GLU F 10 -47.56 -19.58 24.34
N ALA F 11 -47.04 -18.72 23.46
CA ALA F 11 -46.21 -19.19 22.36
C ALA F 11 -44.99 -19.93 22.91
N ARG F 12 -44.75 -21.15 22.41
CA ARG F 12 -43.72 -22.02 22.94
C ARG F 12 -42.69 -22.41 21.88
N CYS F 13 -42.52 -21.57 20.86
CA CYS F 13 -41.66 -21.89 19.72
C CYS F 13 -41.48 -23.40 19.58
N VAL F 14 -42.53 -24.09 19.13
CA VAL F 14 -42.54 -25.54 18.97
C VAL F 14 -41.99 -25.89 17.59
N ARG F 15 -41.24 -26.99 17.50
CA ARG F 15 -40.76 -27.44 16.21
C ARG F 15 -41.93 -27.99 15.42
N LEU F 16 -42.04 -27.58 14.17
CA LEU F 16 -43.16 -28.00 13.34
C LEU F 16 -42.81 -29.39 12.83
N SER F 17 -43.40 -30.41 13.45
CA SER F 17 -43.24 -31.77 13.00
C SER F 17 -44.33 -32.04 11.97
N ALA F 18 -44.13 -33.09 11.18
CA ALA F 18 -45.07 -33.34 10.10
C ALA F 18 -46.49 -33.47 10.66
N GLU F 19 -46.63 -34.08 11.84
CA GLU F 19 -47.94 -34.20 12.49
C GLU F 19 -48.49 -32.84 12.90
N ARG F 20 -47.67 -32.04 13.60
CA ARG F 20 -48.10 -30.70 13.98
C ARG F 20 -48.41 -29.86 12.75
N ALA F 21 -47.59 -30.00 11.71
CA ALA F 21 -47.81 -29.27 10.48
C ALA F 21 -49.14 -29.64 9.84
N LYS F 22 -49.49 -30.93 9.84
CA LYS F 22 -50.77 -31.37 9.29
C LYS F 22 -51.94 -30.78 10.07
N LEU F 23 -51.87 -30.82 11.40
CA LEU F 23 -52.95 -30.23 12.20
C LEU F 23 -53.10 -28.76 11.89
N LEU F 24 -51.98 -28.03 11.87
CA LEU F 24 -52.00 -26.60 11.60
C LEU F 24 -52.57 -26.32 10.20
N LEU F 25 -52.10 -27.03 9.19
CA LEU F 25 -52.58 -26.77 7.83
C LEU F 25 -54.07 -27.04 7.70
N ALA F 26 -54.57 -28.08 8.37
CA ALA F 26 -56.00 -28.31 8.35
C ALA F 26 -56.74 -27.13 8.97
N GLU F 27 -56.16 -26.52 10.01
CA GLU F 27 -56.85 -25.40 10.66
C GLU F 27 -56.78 -24.10 9.87
N VAL F 28 -55.80 -23.92 8.97
CA VAL F 28 -55.57 -22.64 8.30
C VAL F 28 -55.93 -22.77 6.82
N ASP F 29 -56.57 -21.73 6.28
CA ASP F 29 -56.84 -21.62 4.86
C ASP F 29 -55.97 -20.58 4.16
N THR F 30 -55.34 -19.66 4.90
CA THR F 30 -54.52 -18.61 4.31
C THR F 30 -53.15 -18.55 4.97
N LEU F 31 -52.11 -18.52 4.14
CA LEU F 31 -50.73 -18.40 4.59
C LEU F 31 -50.13 -17.14 3.99
N LEU F 32 -49.56 -16.30 4.84
CA LEU F 32 -48.94 -15.04 4.45
C LEU F 32 -47.44 -15.17 4.65
N PHE F 33 -46.66 -14.89 3.60
CA PHE F 33 -45.23 -15.12 3.58
C PHE F 33 -44.46 -13.81 3.46
N ASN F 34 -43.35 -13.73 4.17
CA ASN F 34 -42.32 -12.75 3.87
C ASN F 34 -41.47 -13.32 2.74
N CYS F 35 -40.95 -12.44 1.90
CA CYS F 35 -40.29 -12.92 0.68
C CYS F 35 -38.80 -13.20 0.86
N ASP F 36 -38.03 -12.23 1.36
CA ASP F 36 -36.59 -12.41 1.44
C ASP F 36 -36.22 -13.17 2.72
N GLY F 37 -35.43 -14.22 2.57
CA GLY F 37 -35.06 -15.07 3.69
C GLY F 37 -36.01 -16.21 3.95
N VAL F 38 -37.17 -16.22 3.28
CA VAL F 38 -38.18 -17.25 3.46
C VAL F 38 -38.35 -17.97 2.13
N LEU F 39 -38.73 -17.21 1.10
CA LEU F 39 -38.95 -17.78 -0.22
C LEU F 39 -37.71 -17.71 -1.11
N TRP F 40 -36.94 -16.62 -1.05
CA TRP F 40 -35.77 -16.47 -1.90
C TRP F 40 -34.73 -15.62 -1.22
N ARG F 41 -33.48 -15.82 -1.63
CA ARG F 41 -32.36 -14.98 -1.22
C ARG F 41 -31.77 -14.33 -2.47
N GLY F 42 -31.87 -13.01 -2.56
CA GLY F 42 -31.50 -12.34 -3.80
C GLY F 42 -32.49 -12.71 -4.88
N GLU F 43 -31.96 -13.13 -6.03
CA GLU F 43 -32.80 -13.58 -7.14
C GLU F 43 -32.86 -15.11 -7.22
N THR F 44 -32.31 -15.81 -6.24
CA THR F 44 -32.27 -17.27 -6.20
C THR F 44 -33.18 -17.78 -5.09
N ALA F 45 -34.05 -18.73 -5.42
CA ALA F 45 -35.03 -19.25 -4.48
C ALA F 45 -34.40 -20.14 -3.42
N VAL F 46 -35.02 -20.18 -2.25
CA VAL F 46 -34.62 -21.11 -1.19
C VAL F 46 -34.92 -22.54 -1.67
N PRO F 47 -33.99 -23.48 -1.53
CA PRO F 47 -34.24 -24.82 -2.08
C PRO F 47 -35.50 -25.43 -1.50
N GLY F 48 -36.39 -25.88 -2.37
CA GLY F 48 -37.63 -26.51 -1.96
C GLY F 48 -38.79 -25.56 -1.74
N ALA F 49 -38.54 -24.24 -1.72
CA ALA F 49 -39.62 -23.30 -1.48
C ALA F 49 -40.61 -23.25 -2.64
N PRO F 50 -40.17 -23.18 -3.91
CA PRO F 50 -41.16 -23.14 -5.01
C PRO F 50 -42.08 -24.35 -5.00
N GLU F 51 -41.51 -25.55 -4.85
CA GLU F 51 -42.33 -26.75 -4.81
C GLU F 51 -43.28 -26.72 -3.62
N THR F 52 -42.82 -26.22 -2.47
CA THR F 52 -43.66 -26.21 -1.28
C THR F 52 -44.85 -25.29 -1.47
N LEU F 53 -44.64 -24.10 -2.04
CA LEU F 53 -45.76 -23.18 -2.26
C LEU F 53 -46.69 -23.70 -3.35
N ARG F 54 -46.15 -24.33 -4.39
CA ARG F 54 -47.00 -25.00 -5.38
C ARG F 54 -47.87 -26.06 -4.72
N ALA F 55 -47.29 -26.81 -3.78
CA ALA F 55 -48.09 -27.82 -3.06
C ALA F 55 -49.17 -27.17 -2.22
N LEU F 56 -48.85 -26.06 -1.54
CA LEU F 56 -49.87 -25.36 -0.77
C LEU F 56 -51.01 -24.88 -1.65
N ARG F 57 -50.69 -24.35 -2.84
CA ARG F 57 -51.75 -23.92 -3.74
C ARG F 57 -52.61 -25.10 -4.16
N ALA F 58 -51.99 -26.25 -4.44
CA ALA F 58 -52.75 -27.42 -4.85
C ALA F 58 -53.72 -27.88 -3.77
N ARG F 59 -53.36 -27.74 -2.51
CA ARG F 59 -54.19 -28.12 -1.38
C ARG F 59 -55.31 -27.13 -1.10
N GLY F 60 -55.43 -26.06 -1.88
CA GLY F 60 -56.49 -25.09 -1.69
C GLY F 60 -56.13 -23.93 -0.79
N LYS F 61 -54.88 -23.84 -0.37
CA LYS F 61 -54.45 -22.74 0.48
C LYS F 61 -54.30 -21.46 -0.32
N ARG F 62 -54.71 -20.35 0.27
CA ARG F 62 -54.53 -19.04 -0.32
C ARG F 62 -53.23 -18.45 0.18
N LEU F 63 -52.42 -17.94 -0.73
CA LEU F 63 -51.09 -17.45 -0.41
C LEU F 63 -51.05 -15.94 -0.60
N GLY F 64 -50.51 -15.25 0.40
CA GLY F 64 -50.29 -13.83 0.31
C GLY F 64 -48.84 -13.55 0.65
N PHE F 65 -48.34 -12.40 0.19
CA PHE F 65 -46.94 -12.06 0.35
C PHE F 65 -46.79 -10.64 0.86
N ILE F 66 -45.97 -10.47 1.90
CA ILE F 66 -45.78 -9.19 2.56
C ILE F 66 -44.28 -8.86 2.56
N THR F 67 -43.94 -7.69 2.05
CA THR F 67 -42.58 -7.21 2.02
C THR F 67 -42.55 -5.75 2.43
N ASN F 68 -41.46 -5.36 3.09
CA ASN F 68 -41.26 -3.98 3.50
C ASN F 68 -40.50 -3.17 2.46
N ASN F 69 -40.11 -3.79 1.34
CA ASN F 69 -39.37 -3.12 0.30
C ASN F 69 -40.31 -2.41 -0.66
N SER F 70 -39.97 -1.15 -0.98
CA SER F 70 -40.80 -0.27 -1.78
C SER F 70 -40.25 -0.06 -3.19
N SER F 71 -39.30 -0.88 -3.62
CA SER F 71 -38.63 -0.65 -4.90
C SER F 71 -39.27 -1.40 -6.06
N LYS F 72 -40.14 -2.37 -5.81
CA LYS F 72 -40.79 -3.15 -6.85
C LYS F 72 -42.31 -3.02 -6.74
N THR F 73 -42.99 -3.09 -7.89
CA THR F 73 -44.44 -3.04 -7.93
C THR F 73 -45.04 -4.41 -7.61
N ARG F 74 -46.36 -4.43 -7.37
CA ARG F 74 -47.04 -5.70 -7.11
C ARG F 74 -46.88 -6.64 -8.30
N THR F 75 -47.14 -6.14 -9.50
CA THR F 75 -47.08 -6.97 -10.69
C THR F 75 -45.65 -7.45 -10.93
N ALA F 76 -44.67 -6.61 -10.61
CA ALA F 76 -43.27 -7.01 -10.73
C ALA F 76 -42.95 -8.17 -9.79
N TYR F 77 -43.39 -8.07 -8.53
CA TYR F 77 -43.18 -9.16 -7.60
C TYR F 77 -43.86 -10.43 -8.09
N ALA F 78 -45.07 -10.30 -8.63
CA ALA F 78 -45.79 -11.44 -9.15
C ALA F 78 -45.00 -12.08 -10.29
N GLU F 79 -44.37 -11.25 -11.14
CA GLU F 79 -43.56 -11.79 -12.22
C GLU F 79 -42.36 -12.54 -11.67
N LYS F 80 -41.71 -12.00 -10.63
CA LYS F 80 -40.57 -12.71 -10.05
C LYS F 80 -41.02 -14.05 -9.46
N LEU F 81 -42.18 -14.07 -8.79
CA LEU F 81 -42.72 -15.31 -8.25
C LEU F 81 -42.98 -16.31 -9.37
N ARG F 82 -43.55 -15.85 -10.48
CA ARG F 82 -43.85 -16.73 -11.59
C ARG F 82 -42.58 -17.31 -12.19
N ARG F 83 -41.53 -16.47 -12.33
CA ARG F 83 -40.27 -16.94 -12.90
C ARG F 83 -39.62 -17.99 -12.01
N LEU F 84 -39.72 -17.83 -10.70
CA LEU F 84 -39.04 -18.68 -9.73
C LEU F 84 -39.82 -19.95 -9.40
N GLY F 85 -40.97 -20.17 -10.02
CA GLY F 85 -41.71 -21.40 -9.84
C GLY F 85 -42.72 -21.37 -8.72
N PHE F 86 -42.96 -20.21 -8.13
CA PHE F 86 -43.91 -20.09 -7.02
C PHE F 86 -45.37 -20.00 -7.45
N GLY F 87 -45.64 -19.76 -8.73
CA GLY F 87 -47.01 -19.73 -9.18
C GLY F 87 -47.57 -18.33 -9.21
N GLY F 88 -48.88 -18.25 -9.44
CA GLY F 88 -49.57 -16.99 -9.46
C GLY F 88 -51.06 -17.15 -9.20
N PRO F 89 -51.76 -16.02 -9.04
CA PRO F 89 -53.22 -16.08 -8.89
C PRO F 89 -53.83 -16.85 -10.06
N VAL F 90 -54.90 -17.59 -9.77
CA VAL F 90 -55.39 -18.55 -10.74
C VAL F 90 -56.03 -17.84 -11.94
N GLY F 91 -57.19 -17.22 -11.75
CA GLY F 91 -58.03 -16.86 -12.87
C GLY F 91 -58.17 -15.37 -13.11
N PRO F 92 -59.09 -15.00 -14.02
CA PRO F 92 -59.34 -13.58 -14.26
C PRO F 92 -59.85 -12.84 -13.04
N GLU F 93 -60.68 -13.50 -12.22
CA GLU F 93 -61.24 -12.84 -11.03
C GLU F 93 -60.19 -12.62 -9.96
N ALA F 94 -59.21 -13.52 -9.85
CA ALA F 94 -58.25 -13.47 -8.75
C ALA F 94 -57.49 -12.15 -8.72
N GLY F 95 -57.25 -11.64 -7.51
CA GLY F 95 -56.49 -10.42 -7.34
C GLY F 95 -55.02 -10.70 -7.07
N LEU F 96 -54.22 -9.64 -7.14
CA LEU F 96 -52.80 -9.76 -6.88
C LEU F 96 -52.53 -10.23 -5.45
N GLU F 97 -51.41 -10.94 -5.28
CA GLU F 97 -51.11 -11.60 -4.02
C GLU F 97 -50.02 -10.93 -3.21
N VAL F 98 -49.30 -9.96 -3.78
CA VAL F 98 -48.15 -9.35 -3.12
C VAL F 98 -48.53 -7.98 -2.59
N PHE F 99 -48.21 -7.74 -1.33
CA PHE F 99 -48.48 -6.48 -0.66
C PHE F 99 -47.15 -5.96 -0.13
N GLY F 100 -46.55 -5.04 -0.88
CA GLY F 100 -45.32 -4.40 -0.50
C GLY F 100 -45.58 -2.96 -0.08
N THR F 101 -44.54 -2.33 0.48
CA THR F 101 -44.72 -0.99 1.02
C THR F 101 -45.02 0.05 -0.04
N ALA F 102 -44.69 -0.19 -1.31
CA ALA F 102 -45.06 0.76 -2.35
C ALA F 102 -46.58 0.84 -2.49
N TYR F 103 -47.21 -0.32 -2.73
CA TYR F 103 -48.66 -0.35 -2.85
C TYR F 103 -49.36 0.08 -1.58
N CYS F 104 -48.88 -0.38 -0.43
CA CYS F 104 -49.57 -0.05 0.82
C CYS F 104 -49.35 1.42 1.19
N SER F 105 -48.23 2.02 0.78
CA SER F 105 -48.09 3.46 0.92
C SER F 105 -49.13 4.19 0.10
N ALA F 106 -49.33 3.73 -1.15
CA ALA F 106 -50.37 4.32 -1.99
C ALA F 106 -51.75 4.16 -1.35
N LEU F 107 -52.04 2.99 -0.81
CA LEU F 107 -53.35 2.72 -0.19
C LEU F 107 -53.55 3.61 1.03
N TYR F 108 -52.50 3.77 1.84
CA TYR F 108 -52.56 4.64 3.01
C TYR F 108 -52.88 6.07 2.60
N LEU F 109 -52.21 6.57 1.55
CA LEU F 109 -52.48 7.94 1.14
C LEU F 109 -53.88 8.07 0.52
N ARG F 110 -54.35 7.05 -0.20
CA ARG F 110 -55.71 7.07 -0.69
C ARG F 110 -56.68 7.28 0.47
N GLN F 111 -56.46 6.52 1.55
CA GLN F 111 -57.38 6.60 2.69
C GLN F 111 -57.25 7.91 3.44
N ARG F 112 -56.04 8.39 3.69
CA ARG F 112 -55.85 9.57 4.54
C ARG F 112 -56.00 10.89 3.79
N LEU F 113 -56.01 10.87 2.46
CA LEU F 113 -56.23 12.06 1.64
C LEU F 113 -57.54 11.89 0.84
N ALA F 114 -58.53 11.28 1.48
CA ALA F 114 -59.76 10.88 0.80
C ALA F 114 -60.48 12.07 0.18
N GLY F 115 -60.65 13.15 0.94
CA GLY F 115 -61.35 14.33 0.46
C GLY F 115 -60.54 15.26 -0.41
N VAL F 116 -59.23 15.06 -0.48
CA VAL F 116 -58.34 15.98 -1.20
C VAL F 116 -58.61 15.88 -2.69
N PRO F 117 -58.76 17.00 -3.41
CA PRO F 117 -59.21 16.93 -4.81
C PRO F 117 -58.19 16.39 -5.80
N ASP F 118 -56.94 16.83 -5.75
CA ASP F 118 -55.90 16.36 -6.66
C ASP F 118 -54.61 16.17 -5.87
N PRO F 119 -54.57 15.14 -5.01
CA PRO F 119 -53.45 15.02 -4.07
C PRO F 119 -52.11 14.85 -4.78
N LYS F 120 -51.11 15.55 -4.25
CA LYS F 120 -49.73 15.46 -4.72
C LYS F 120 -48.85 15.15 -3.52
N ALA F 121 -47.79 14.38 -3.77
CA ALA F 121 -46.88 13.93 -2.72
C ALA F 121 -45.45 14.13 -3.17
N TYR F 122 -44.59 14.56 -2.23
CA TYR F 122 -43.16 14.65 -2.47
C TYR F 122 -42.54 13.32 -2.05
N VAL F 123 -42.01 12.58 -3.01
CA VAL F 123 -41.60 11.20 -2.81
C VAL F 123 -40.08 11.11 -2.81
N LEU F 124 -39.51 10.83 -1.65
CA LEU F 124 -38.11 10.42 -1.55
C LEU F 124 -38.06 8.90 -1.70
N GLY F 125 -38.26 8.45 -2.92
CA GLY F 125 -38.45 7.03 -3.15
C GLY F 125 -38.31 6.63 -4.60
N SER F 126 -38.69 5.37 -4.85
CA SER F 126 -38.46 4.68 -6.11
C SER F 126 -39.50 5.00 -7.17
N PRO F 127 -39.19 4.71 -8.44
CA PRO F 127 -40.22 4.80 -9.49
C PRO F 127 -41.41 3.88 -9.23
N ALA F 128 -41.20 2.73 -8.62
CA ALA F 128 -42.29 1.82 -8.31
C ALA F 128 -43.29 2.48 -7.37
N LEU F 129 -42.79 3.17 -6.35
CA LEU F 129 -43.66 3.88 -5.42
C LEU F 129 -44.50 4.91 -6.14
N ALA F 130 -43.90 5.65 -7.07
CA ALA F 130 -44.65 6.65 -7.83
C ALA F 130 -45.70 6.01 -8.73
N ALA F 131 -45.37 4.87 -9.36
CA ALA F 131 -46.36 4.20 -10.19
C ALA F 131 -47.55 3.75 -9.36
N GLU F 132 -47.28 3.15 -8.19
CA GLU F 132 -48.36 2.73 -7.30
C GLU F 132 -49.19 3.92 -6.84
N LEU F 133 -48.53 5.05 -6.56
CA LEU F 133 -49.26 6.25 -6.16
C LEU F 133 -50.13 6.77 -7.29
N GLU F 134 -49.63 6.73 -8.52
CA GLU F 134 -50.45 7.15 -9.65
C GLU F 134 -51.68 6.28 -9.78
N ALA F 135 -51.53 4.98 -9.51
CA ALA F 135 -52.66 4.07 -9.63
C ALA F 135 -53.82 4.47 -8.73
N VAL F 136 -53.52 5.04 -7.55
CA VAL F 136 -54.57 5.47 -6.63
C VAL F 136 -54.91 6.94 -6.78
N GLY F 137 -54.33 7.63 -7.76
CA GLY F 137 -54.66 9.02 -8.02
C GLY F 137 -53.76 10.05 -7.39
N VAL F 138 -52.62 9.66 -6.83
CA VAL F 138 -51.70 10.57 -6.17
C VAL F 138 -50.53 10.85 -7.11
N THR F 139 -50.37 12.12 -7.50
CA THR F 139 -49.24 12.56 -8.31
C THR F 139 -47.99 12.63 -7.44
N SER F 140 -46.84 12.33 -8.05
CA SER F 140 -45.58 12.28 -7.34
C SER F 140 -44.64 13.37 -7.85
N VAL F 141 -43.91 13.98 -6.93
CA VAL F 141 -42.93 15.02 -7.23
C VAL F 141 -41.61 14.65 -6.55
N GLY F 142 -40.50 14.87 -7.26
CA GLY F 142 -39.20 14.76 -6.63
C GLY F 142 -38.51 13.41 -6.75
N VAL F 143 -39.09 12.45 -7.46
CA VAL F 143 -38.44 11.16 -7.61
C VAL F 143 -37.19 11.31 -8.47
N GLY F 144 -36.10 10.68 -8.03
CA GLY F 144 -34.83 10.74 -8.72
C GLY F 144 -33.83 11.65 -8.02
N PRO F 145 -32.67 11.86 -8.66
CA PRO F 145 -31.63 12.68 -8.04
C PRO F 145 -31.99 14.16 -7.96
N ASP F 146 -31.47 14.81 -6.89
CA ASP F 146 -31.51 16.26 -6.70
C ASP F 146 -30.18 16.66 -6.06
N VAL F 147 -29.13 16.80 -6.89
CA VAL F 147 -27.80 17.09 -6.36
C VAL F 147 -27.73 18.55 -5.90
N LEU F 148 -26.76 18.81 -5.01
CA LEU F 148 -26.64 20.12 -4.38
C LEU F 148 -26.29 21.19 -5.40
N HIS F 149 -26.90 22.37 -5.20
CA HIS F 149 -26.65 23.54 -6.02
C HIS F 149 -26.46 24.74 -5.10
N GLY F 150 -25.71 25.73 -5.54
CA GLY F 150 -25.55 26.93 -4.74
C GLY F 150 -24.45 26.80 -3.70
N ASP F 151 -24.08 27.94 -3.13
CA ASP F 151 -23.02 28.00 -2.14
C ASP F 151 -23.52 28.04 -0.70
N GLY F 152 -24.82 28.28 -0.48
CA GLY F 152 -25.32 28.43 0.87
C GLY F 152 -26.81 28.23 1.02
N PRO F 153 -27.30 28.36 2.27
CA PRO F 153 -28.73 28.15 2.53
C PRO F 153 -29.65 29.05 1.73
N SER F 154 -29.27 30.32 1.49
CA SER F 154 -30.16 31.21 0.75
C SER F 154 -30.44 30.66 -0.64
N ASP F 155 -29.42 30.10 -1.31
CA ASP F 155 -29.63 29.47 -2.61
C ASP F 155 -30.49 28.21 -2.47
N TRP F 156 -30.26 27.41 -1.44
CA TRP F 156 -30.99 26.15 -1.30
C TRP F 156 -32.48 26.41 -1.03
N LEU F 157 -32.79 27.41 -0.22
CA LEU F 157 -34.16 27.72 0.14
C LEU F 157 -34.88 28.57 -0.90
N ALA F 158 -34.18 29.03 -1.94
CA ALA F 158 -34.83 29.82 -2.98
C ALA F 158 -35.41 28.99 -4.12
N VAL F 159 -35.10 27.70 -4.19
CA VAL F 159 -35.68 26.88 -5.26
C VAL F 159 -37.18 26.76 -5.02
N PRO F 160 -38.00 26.93 -6.05
CA PRO F 160 -39.45 26.89 -5.86
C PRO F 160 -39.95 25.51 -5.48
N LEU F 161 -41.02 25.49 -4.69
CA LEU F 161 -41.68 24.25 -4.28
C LEU F 161 -42.96 24.09 -5.08
N GLU F 162 -43.35 22.84 -5.31
CA GLU F 162 -44.57 22.59 -6.07
C GLU F 162 -45.79 22.90 -5.21
N PRO F 163 -46.85 23.46 -5.78
CA PRO F 163 -48.03 23.77 -4.97
C PRO F 163 -48.91 22.55 -4.68
N ASP F 164 -49.63 22.66 -3.56
CA ASP F 164 -50.64 21.67 -3.16
C ASP F 164 -50.04 20.28 -2.94
N VAL F 165 -48.88 20.23 -2.28
CA VAL F 165 -48.29 18.97 -1.86
C VAL F 165 -48.81 18.67 -0.46
N ARG F 166 -49.52 17.54 -0.33
CA ARG F 166 -50.22 17.19 0.90
C ARG F 166 -49.58 16.02 1.64
N ALA F 167 -48.47 15.48 1.15
CA ALA F 167 -47.77 14.42 1.87
C ALA F 167 -46.32 14.35 1.43
N VAL F 168 -45.48 13.85 2.33
CA VAL F 168 -44.09 13.50 2.04
C VAL F 168 -43.94 12.02 2.31
N VAL F 169 -43.49 11.28 1.30
CA VAL F 169 -43.31 9.83 1.41
C VAL F 169 -41.81 9.55 1.37
N VAL F 170 -41.30 8.92 2.42
CA VAL F 170 -39.89 8.53 2.50
C VAL F 170 -39.82 7.01 2.36
N GLY F 171 -39.27 6.55 1.24
CA GLY F 171 -39.02 5.14 1.04
C GLY F 171 -37.53 4.91 0.86
N PHE F 172 -37.14 3.78 0.28
CA PHE F 172 -35.72 3.56 0.00
C PHE F 172 -35.31 4.45 -1.16
N ASP F 173 -34.60 5.52 -0.86
CA ASP F 173 -34.14 6.48 -1.87
C ASP F 173 -32.62 6.45 -1.93
N PRO F 174 -32.02 5.72 -2.88
CA PRO F 174 -30.57 5.78 -3.03
C PRO F 174 -30.08 7.13 -3.54
N HIS F 175 -30.99 8.01 -3.98
CA HIS F 175 -30.64 9.35 -4.40
C HIS F 175 -30.87 10.37 -3.31
N PHE F 176 -31.11 9.93 -2.08
CA PHE F 176 -31.31 10.83 -0.95
C PHE F 176 -30.13 11.78 -0.83
N SER F 177 -30.44 13.05 -0.63
CA SER F 177 -29.42 14.11 -0.54
C SER F 177 -29.90 15.14 0.47
N TYR F 178 -29.01 16.04 0.84
CA TYR F 178 -29.40 17.14 1.72
C TYR F 178 -30.44 18.04 1.06
N MET F 179 -30.41 18.19 -0.26
CA MET F 179 -31.43 18.98 -0.95
C MET F 179 -32.82 18.35 -0.81
N LYS F 180 -32.91 17.03 -0.96
CA LYS F 180 -34.21 16.40 -0.83
C LYS F 180 -34.72 16.47 0.60
N LEU F 181 -33.81 16.36 1.57
CA LEU F 181 -34.18 16.56 2.97
C LEU F 181 -34.69 17.98 3.20
N THR F 182 -34.02 18.97 2.60
CA THR F 182 -34.44 20.35 2.75
C THR F 182 -35.84 20.57 2.17
N LYS F 183 -36.09 20.02 0.97
CA LYS F 183 -37.41 20.15 0.36
C LYS F 183 -38.48 19.45 1.20
N ALA F 184 -38.15 18.29 1.76
CA ALA F 184 -39.10 17.57 2.60
C ALA F 184 -39.46 18.40 3.83
N VAL F 185 -38.45 18.99 4.47
CA VAL F 185 -38.70 19.82 5.65
C VAL F 185 -39.57 21.01 5.28
N ARG F 186 -39.33 21.61 4.11
CA ARG F 186 -40.14 22.75 3.71
C ARG F 186 -41.59 22.34 3.47
N TYR F 187 -41.82 21.22 2.79
CA TYR F 187 -43.19 20.78 2.57
C TYR F 187 -43.88 20.47 3.90
N LEU F 188 -43.14 19.86 4.83
CA LEU F 188 -43.72 19.49 6.11
C LEU F 188 -43.91 20.70 7.03
N GLN F 189 -43.39 21.86 6.63
CA GLN F 189 -43.67 23.08 7.37
C GLN F 189 -45.15 23.44 7.29
N GLN F 190 -45.86 22.96 6.27
CA GLN F 190 -47.31 23.11 6.23
C GLN F 190 -47.92 22.06 7.17
N PRO F 191 -48.73 22.46 8.16
CA PRO F 191 -49.22 21.47 9.12
C PRO F 191 -50.08 20.38 8.50
N ASP F 192 -50.84 20.73 7.45
CA ASP F 192 -51.70 19.74 6.80
C ASP F 192 -50.92 18.61 6.15
N CYS F 193 -49.67 18.86 5.76
CA CYS F 193 -48.88 17.85 5.06
C CYS F 193 -48.64 16.63 5.94
N LEU F 194 -48.81 15.44 5.36
CA LEU F 194 -48.56 14.18 6.05
C LEU F 194 -47.12 13.74 5.86
N LEU F 195 -46.63 12.96 6.83
CA LEU F 195 -45.32 12.31 6.74
C LEU F 195 -45.50 10.81 6.85
N VAL F 196 -45.09 10.07 5.82
CA VAL F 196 -45.23 8.62 5.76
C VAL F 196 -43.86 8.01 5.50
N GLY F 197 -43.56 6.94 6.21
CA GLY F 197 -42.34 6.15 5.98
C GLY F 197 -42.72 4.72 5.61
N THR F 198 -42.05 4.20 4.58
CA THR F 198 -42.36 2.84 4.14
C THR F 198 -42.02 1.82 5.21
N ASN F 199 -40.89 1.99 5.88
CA ASN F 199 -40.50 1.12 6.98
C ASN F 199 -39.48 1.87 7.82
N MET F 200 -39.22 1.34 9.03
CA MET F 200 -38.27 1.94 9.95
C MET F 200 -37.02 1.09 10.13
N ASP F 201 -36.75 0.19 9.19
CA ASP F 201 -35.59 -0.70 9.31
C ASP F 201 -34.30 0.11 9.26
N ASN F 202 -33.38 -0.19 10.19
CA ASN F 202 -32.10 0.50 10.20
C ASN F 202 -31.19 -0.01 9.09
N ARG F 203 -31.36 -1.25 8.67
CA ARG F 203 -30.52 -1.86 7.65
C ARG F 203 -31.36 -2.68 6.69
N LEU F 204 -30.90 -2.72 5.44
CA LEU F 204 -31.46 -3.54 4.40
C LEU F 204 -30.59 -4.78 4.24
N PRO F 205 -31.12 -5.97 4.54
CA PRO F 205 -30.34 -7.20 4.40
C PRO F 205 -30.07 -7.54 2.94
N LEU F 206 -28.86 -8.04 2.68
CA LEU F 206 -28.45 -8.48 1.35
C LEU F 206 -27.93 -9.90 1.46
N GLU F 207 -27.67 -10.54 0.31
CA GLU F 207 -27.19 -11.91 0.33
C GLU F 207 -25.74 -11.96 0.81
N ASN F 208 -25.38 -13.11 1.37
CA ASN F 208 -24.01 -13.40 1.82
C ASN F 208 -23.63 -12.59 3.05
N GLY F 209 -24.62 -12.19 3.85
CA GLY F 209 -24.39 -11.48 5.09
C GLY F 209 -24.06 -10.00 4.96
N ARG F 210 -24.03 -9.45 3.76
CA ARG F 210 -23.80 -8.03 3.57
C ARG F 210 -25.10 -7.26 3.74
N PHE F 211 -24.98 -5.96 4.01
CA PHE F 211 -26.14 -5.11 4.26
C PHE F 211 -25.85 -3.69 3.81
N ILE F 212 -26.91 -2.91 3.61
CA ILE F 212 -26.77 -1.47 3.37
C ILE F 212 -27.75 -0.72 4.27
N ALA F 213 -27.64 0.61 4.28
CA ALA F 213 -28.46 1.42 5.17
C ALA F 213 -29.95 1.31 4.79
N GLY F 214 -30.81 1.18 5.81
CA GLY F 214 -32.23 1.03 5.58
C GLY F 214 -32.96 2.36 5.46
N THR F 215 -34.23 2.28 5.02
CA THR F 215 -35.04 3.49 4.88
C THR F 215 -35.28 4.17 6.23
N GLY F 216 -35.22 3.41 7.33
CA GLY F 216 -35.45 4.01 8.63
C GLY F 216 -34.49 5.13 8.94
N CYS F 217 -33.25 5.02 8.46
CA CYS F 217 -32.28 6.10 8.66
C CYS F 217 -32.77 7.38 8.00
N LEU F 218 -33.24 7.27 6.75
CA LEU F 218 -33.75 8.43 6.01
C LEU F 218 -35.00 9.00 6.68
N VAL F 219 -35.91 8.12 7.08
CA VAL F 219 -37.14 8.55 7.75
C VAL F 219 -36.80 9.29 9.03
N ARG F 220 -35.87 8.76 9.82
CA ARG F 220 -35.48 9.40 11.06
CA ARG F 220 -35.50 9.41 11.07
C ARG F 220 -34.89 10.78 10.82
N ALA F 221 -34.06 10.91 9.77
CA ALA F 221 -33.49 12.22 9.46
C ALA F 221 -34.59 13.22 9.20
N VAL F 222 -35.56 12.85 8.35
CA VAL F 222 -36.66 13.78 8.06
C VAL F 222 -37.48 14.07 9.31
N GLU F 223 -37.74 13.04 10.13
CA GLU F 223 -38.51 13.25 11.35
C GLU F 223 -37.84 14.29 12.23
N MET F 224 -36.53 14.15 12.45
CA MET F 224 -35.81 15.04 13.34
C MET F 224 -35.81 16.47 12.81
N ALA F 225 -35.53 16.65 11.52
CA ALA F 225 -35.49 18.01 10.99
C ALA F 225 -36.88 18.64 10.99
N ALA F 226 -37.92 17.85 10.72
CA ALA F 226 -39.29 18.33 10.71
C ALA F 226 -39.95 18.29 12.09
N GLN F 227 -39.27 17.72 13.09
CA GLN F 227 -39.83 17.61 14.43
C GLN F 227 -41.22 17.00 14.36
N ARG F 228 -41.30 15.88 13.64
CA ARG F 228 -42.52 15.15 13.39
C ARG F 228 -42.28 13.67 13.64
N GLN F 229 -43.37 12.94 13.86
CA GLN F 229 -43.34 11.49 13.94
C GLN F 229 -44.03 10.94 12.70
N ALA F 230 -43.30 10.11 11.94
CA ALA F 230 -43.83 9.60 10.69
C ALA F 230 -44.76 8.43 10.97
N ASP F 231 -45.71 8.23 10.07
CA ASP F 231 -46.59 7.07 10.10
C ASP F 231 -45.92 5.99 9.27
N ILE F 232 -45.66 4.83 9.88
CA ILE F 232 -44.91 3.76 9.24
C ILE F 232 -45.90 2.75 8.67
N ILE F 233 -45.69 2.41 7.40
CA ILE F 233 -46.56 1.47 6.71
C ILE F 233 -46.12 0.03 6.96
N GLY F 234 -44.81 -0.21 6.95
CA GLY F 234 -44.30 -1.56 6.91
C GLY F 234 -44.32 -2.27 8.25
N LYS F 235 -44.01 -3.57 8.18
CA LYS F 235 -43.87 -4.37 9.37
C LYS F 235 -42.87 -3.71 10.32
N PRO F 236 -43.13 -3.69 11.63
CA PRO F 236 -44.20 -4.40 12.36
C PRO F 236 -45.54 -3.67 12.47
N SER F 237 -45.70 -2.55 11.77
CA SER F 237 -46.94 -1.80 11.84
C SER F 237 -48.11 -2.64 11.33
N ARG F 238 -49.27 -2.49 11.98
CA ARG F 238 -50.44 -3.25 11.56
C ARG F 238 -51.01 -2.76 10.23
N PHE F 239 -50.62 -1.58 9.75
CA PHE F 239 -51.26 -1.07 8.55
C PHE F 239 -51.05 -2.03 7.39
N ILE F 240 -49.87 -2.66 7.30
CA ILE F 240 -49.63 -3.59 6.20
C ILE F 240 -50.61 -4.76 6.27
N PHE F 241 -50.93 -5.21 7.49
CA PHE F 241 -51.96 -6.25 7.63
C PHE F 241 -53.32 -5.74 7.17
N ASP F 242 -53.66 -4.49 7.53
CA ASP F 242 -54.92 -3.90 7.09
C ASP F 242 -54.95 -3.79 5.57
N CYS F 243 -53.81 -3.46 4.97
CA CYS F 243 -53.66 -3.37 3.53
C CYS F 243 -53.90 -4.73 2.88
N VAL F 244 -53.33 -5.79 3.46
CA VAL F 244 -53.59 -7.14 2.97
C VAL F 244 -55.07 -7.48 3.09
N SER F 245 -55.66 -7.18 4.26
CA SER F 245 -57.03 -7.58 4.56
C SER F 245 -58.02 -6.83 3.68
N GLN F 246 -57.70 -5.61 3.27
CA GLN F 246 -58.59 -4.84 2.43
C GLN F 246 -59.02 -5.64 1.20
N GLU F 247 -58.11 -6.46 0.67
CA GLU F 247 -58.41 -7.33 -0.48
C GLU F 247 -58.65 -8.78 -0.10
N TYR F 248 -57.98 -9.29 0.93
CA TYR F 248 -58.10 -10.71 1.26
C TYR F 248 -59.24 -11.01 2.22
N GLY F 249 -59.55 -10.08 3.13
CA GLY F 249 -60.54 -10.38 4.14
C GLY F 249 -60.01 -11.48 5.04
N ILE F 250 -58.98 -11.16 5.83
CA ILE F 250 -58.28 -12.19 6.58
C ILE F 250 -59.12 -12.62 7.77
N ASN F 251 -59.13 -13.93 8.01
CA ASN F 251 -59.68 -14.50 9.23
C ASN F 251 -58.51 -14.80 10.14
N PRO F 252 -58.28 -14.02 11.19
CA PRO F 252 -57.03 -14.20 11.95
C PRO F 252 -56.85 -15.61 12.49
N GLU F 253 -57.93 -16.26 12.93
CA GLU F 253 -57.79 -17.58 13.53
C GLU F 253 -57.37 -18.63 12.52
N ARG F 254 -57.72 -18.46 11.24
CA ARG F 254 -57.38 -19.43 10.21
C ARG F 254 -56.28 -18.93 9.28
N THR F 255 -55.43 -18.02 9.75
CA THR F 255 -54.37 -17.46 8.95
C THR F 255 -53.05 -17.57 9.70
N VAL F 256 -51.98 -17.92 8.96
CA VAL F 256 -50.66 -18.08 9.57
C VAL F 256 -49.68 -17.13 8.86
N MET F 257 -48.77 -16.54 9.63
CA MET F 257 -47.73 -15.66 9.10
C MET F 257 -46.39 -16.39 9.19
N VAL F 258 -45.73 -16.56 8.05
CA VAL F 258 -44.46 -17.24 7.94
C VAL F 258 -43.41 -16.17 7.65
N GLY F 259 -42.39 -16.10 8.52
CA GLY F 259 -41.40 -15.05 8.40
C GLY F 259 -40.06 -15.48 8.96
N ASP F 260 -39.03 -14.68 8.65
CA ASP F 260 -37.67 -14.95 9.07
C ASP F 260 -37.14 -14.01 10.15
N ARG F 261 -37.81 -12.88 10.38
CA ARG F 261 -37.29 -11.83 11.26
C ARG F 261 -38.28 -11.59 12.40
N LEU F 262 -37.79 -11.70 13.64
CA LEU F 262 -38.66 -11.54 14.80
C LEU F 262 -39.11 -10.10 14.93
N ASP F 263 -38.23 -9.15 14.63
CA ASP F 263 -38.55 -7.74 14.85
C ASP F 263 -39.66 -7.25 13.93
N THR F 264 -39.85 -7.90 12.79
CA THR F 264 -40.86 -7.48 11.82
C THR F 264 -41.96 -8.52 11.66
N ASP F 265 -41.65 -9.70 11.12
CA ASP F 265 -42.69 -10.65 10.73
C ASP F 265 -43.41 -11.22 11.95
N ILE F 266 -42.67 -11.81 12.89
CA ILE F 266 -43.30 -12.47 14.02
C ILE F 266 -44.04 -11.46 14.89
N LEU F 267 -43.47 -10.27 15.06
CA LEU F 267 -44.15 -9.23 15.82
C LEU F 267 -45.47 -8.83 15.15
N LEU F 268 -45.48 -8.71 13.82
CA LEU F 268 -46.72 -8.42 13.11
C LEU F 268 -47.74 -9.52 13.39
N GLY F 269 -47.32 -10.78 13.31
CA GLY F 269 -48.24 -11.87 13.58
C GLY F 269 -48.83 -11.79 14.98
N SER F 270 -47.98 -11.49 15.97
CA SER F 270 -48.46 -11.41 17.35
C SER F 270 -49.42 -10.25 17.55
N THR F 271 -49.11 -9.07 16.98
CA THR F 271 -49.99 -7.92 17.17
C THR F 271 -51.33 -8.11 16.47
N CYS F 272 -51.35 -8.85 15.36
CA CYS F 272 -52.57 -9.08 14.61
C CYS F 272 -53.23 -10.42 14.94
N SER F 273 -52.78 -11.10 15.99
CA SER F 273 -53.41 -12.32 16.47
C SER F 273 -53.40 -13.42 15.40
N LEU F 274 -52.27 -13.59 14.75
CA LEU F 274 -52.07 -14.64 13.76
C LEU F 274 -51.09 -15.68 14.32
N LYS F 275 -51.30 -16.95 13.96
CA LYS F 275 -50.29 -17.95 14.29
C LYS F 275 -49.03 -17.68 13.46
N THR F 276 -47.88 -17.85 14.10
CA THR F 276 -46.60 -17.41 13.55
C THR F 276 -45.68 -18.61 13.35
N ILE F 277 -45.00 -18.65 12.20
CA ILE F 277 -43.97 -19.64 11.92
C ILE F 277 -42.67 -18.91 11.62
N LEU F 278 -41.59 -19.32 12.28
CA LEU F 278 -40.26 -18.76 12.05
C LEU F 278 -39.45 -19.73 11.22
N THR F 279 -38.89 -19.24 10.11
CA THR F 279 -38.01 -20.03 9.25
C THR F 279 -36.57 -19.59 9.48
N LEU F 280 -35.67 -20.55 9.62
CA LEU F 280 -34.29 -20.26 9.99
C LEU F 280 -33.39 -20.02 8.78
N THR F 281 -33.97 -19.92 7.58
CA THR F 281 -33.21 -19.58 6.39
C THR F 281 -32.88 -18.09 6.32
N GLY F 282 -33.35 -17.28 7.26
CA GLY F 282 -33.15 -15.85 7.21
C GLY F 282 -32.44 -15.24 8.40
N VAL F 283 -32.83 -14.02 8.76
CA VAL F 283 -32.08 -13.23 9.73
C VAL F 283 -32.10 -13.84 11.13
N SER F 284 -33.30 -14.13 11.65
CA SER F 284 -33.38 -14.49 13.06
C SER F 284 -33.01 -15.95 13.29
N SER F 285 -32.63 -16.25 14.54
CA SER F 285 -32.15 -17.57 14.92
C SER F 285 -32.90 -18.04 16.16
N LEU F 286 -32.76 -19.33 16.46
CA LEU F 286 -33.41 -19.89 17.64
C LEU F 286 -32.83 -19.28 18.92
N GLU F 287 -31.55 -18.90 18.90
CA GLU F 287 -30.95 -18.28 20.06
C GLU F 287 -31.64 -16.95 20.37
N ASP F 288 -31.98 -16.18 19.33
CA ASP F 288 -32.67 -14.91 19.53
C ASP F 288 -34.04 -15.11 20.17
N VAL F 289 -34.79 -16.11 19.71
CA VAL F 289 -36.08 -16.37 20.31
C VAL F 289 -35.89 -16.81 21.76
N LYS F 290 -34.82 -17.56 22.04
CA LYS F 290 -34.53 -17.95 23.41
C LYS F 290 -34.27 -16.72 24.28
N SER F 291 -33.50 -15.76 23.75
CA SER F 291 -33.24 -14.52 24.48
C SER F 291 -34.54 -13.80 24.78
N ASN F 292 -35.45 -13.75 23.81
CA ASN F 292 -36.75 -13.11 24.05
C ASN F 292 -37.58 -13.91 25.06
N GLN F 293 -37.40 -15.23 25.08
CA GLN F 293 -38.10 -16.12 26.01
C GLN F 293 -37.65 -15.89 27.44
N GLU F 294 -36.50 -15.25 27.64
CA GLU F 294 -36.05 -14.89 28.98
C GLU F 294 -37.01 -13.87 29.59
N SER F 295 -37.78 -13.20 28.74
CA SER F 295 -38.78 -12.21 29.15
C SER F 295 -38.18 -11.14 30.07
N ASP F 296 -37.20 -10.42 29.53
CA ASP F 296 -36.78 -9.20 30.21
C ASP F 296 -37.86 -8.15 30.00
N SER F 297 -38.45 -8.13 28.81
CA SER F 297 -39.58 -7.29 28.46
C SER F 297 -40.71 -8.17 27.93
N MET F 298 -41.95 -7.75 28.19
CA MET F 298 -43.11 -8.41 27.58
C MET F 298 -43.13 -8.18 26.07
N PHE F 299 -42.62 -7.03 25.63
CA PHE F 299 -42.48 -6.77 24.20
C PHE F 299 -41.69 -7.87 23.52
N LYS F 300 -40.62 -8.36 24.16
CA LYS F 300 -39.85 -9.47 23.61
C LYS F 300 -40.68 -10.75 23.61
N LYS F 301 -41.59 -10.90 24.57
CA LYS F 301 -42.52 -12.02 24.53
C LYS F 301 -43.41 -11.96 23.29
N LYS F 302 -43.77 -10.76 22.85
CA LYS F 302 -44.53 -10.69 21.62
C LYS F 302 -43.73 -11.24 20.45
N MET F 303 -42.40 -11.11 20.50
CA MET F 303 -41.49 -11.59 19.46
C MET F 303 -41.03 -13.02 19.71
N VAL F 304 -41.98 -13.92 19.93
CA VAL F 304 -41.68 -15.35 20.06
C VAL F 304 -42.62 -16.09 19.12
N PRO F 305 -42.12 -16.94 18.23
CA PRO F 305 -43.00 -17.61 17.27
C PRO F 305 -43.78 -18.74 17.92
N ASP F 306 -44.98 -18.98 17.38
CA ASP F 306 -45.76 -20.13 17.81
C ASP F 306 -45.08 -21.44 17.40
N PHE F 307 -44.51 -21.47 16.20
CA PHE F 307 -43.82 -22.65 15.69
C PHE F 307 -42.53 -22.21 15.02
N TYR F 308 -41.60 -23.15 14.87
CA TYR F 308 -40.33 -22.87 14.21
C TYR F 308 -40.02 -23.97 13.22
N VAL F 309 -39.36 -23.59 12.13
CA VAL F 309 -38.99 -24.51 11.07
C VAL F 309 -37.62 -24.11 10.54
N ASP F 310 -36.82 -25.11 10.14
CA ASP F 310 -35.52 -24.82 9.53
C ASP F 310 -35.66 -24.20 8.15
N SER F 311 -36.61 -24.70 7.36
CA SER F 311 -36.91 -24.16 6.04
C SER F 311 -38.38 -24.41 5.76
N ILE F 312 -38.94 -23.64 4.83
CA ILE F 312 -40.34 -23.84 4.49
C ILE F 312 -40.52 -25.17 3.77
N ALA F 313 -39.44 -25.72 3.22
CA ALA F 313 -39.50 -27.04 2.59
C ALA F 313 -39.90 -28.12 3.58
N ASP F 314 -39.71 -27.88 4.88
CA ASP F 314 -40.13 -28.85 5.89
C ASP F 314 -41.62 -29.05 5.91
N LEU F 315 -42.40 -28.19 5.24
CA LEU F 315 -43.83 -28.38 5.14
C LEU F 315 -44.23 -29.32 4.00
N LEU F 316 -43.29 -29.67 3.13
CA LEU F 316 -43.63 -30.52 1.99
C LEU F 316 -44.13 -31.90 2.43
N PRO F 317 -43.58 -32.52 3.49
CA PRO F 317 -44.11 -33.82 3.92
C PRO F 317 -45.60 -33.82 4.26
N ALA F 318 -46.10 -32.74 4.85
CA ALA F 318 -47.51 -32.65 5.21
C ALA F 318 -48.40 -32.31 4.02
N LEU F 319 -47.82 -31.86 2.91
CA LEU F 319 -48.55 -31.43 1.73
C LEU F 319 -48.65 -32.49 0.65
N GLN F 320 -48.42 -33.76 0.99
CA GLN F 320 -48.46 -34.82 -0.01
C GLN F 320 -49.87 -35.41 -0.11
N PHE G 65 -23.81 -19.04 -33.70
CA PHE G 65 -22.42 -18.68 -33.95
C PHE G 65 -22.26 -17.17 -34.07
N ILE G 66 -21.35 -16.61 -33.29
CA ILE G 66 -21.09 -15.17 -33.29
C ILE G 66 -19.63 -14.97 -33.67
N THR G 67 -19.39 -14.15 -34.70
CA THR G 67 -18.06 -13.91 -35.23
C THR G 67 -17.83 -12.41 -35.34
N ASN G 68 -16.58 -11.98 -35.10
CA ASN G 68 -16.22 -10.58 -35.17
C ASN G 68 -15.62 -10.21 -36.52
N ASN G 69 -15.69 -11.09 -37.52
CA ASN G 69 -15.04 -10.88 -38.80
C ASN G 69 -16.04 -10.38 -39.84
N SER G 70 -15.68 -9.28 -40.50
CA SER G 70 -16.49 -8.69 -41.56
C SER G 70 -16.01 -9.11 -42.95
N SER G 71 -14.94 -9.90 -43.04
CA SER G 71 -14.35 -10.25 -44.32
C SER G 71 -15.15 -11.32 -45.04
N LYS G 72 -15.83 -12.20 -44.31
CA LYS G 72 -16.58 -13.31 -44.88
C LYS G 72 -18.08 -13.04 -44.76
N THR G 73 -18.83 -13.51 -45.76
CA THR G 73 -20.29 -13.40 -45.75
C THR G 73 -20.90 -14.48 -44.87
N ARG G 74 -22.19 -14.32 -44.56
CA ARG G 74 -22.91 -15.35 -43.82
C ARG G 74 -22.97 -16.65 -44.62
N THR G 75 -23.39 -16.57 -45.88
CA THR G 75 -23.44 -17.75 -46.73
C THR G 75 -22.11 -18.46 -46.76
N ALA G 76 -21.00 -17.72 -46.70
CA ALA G 76 -19.69 -18.36 -46.75
C ALA G 76 -19.38 -19.12 -45.46
N TYR G 77 -19.74 -18.54 -44.31
CA TYR G 77 -19.59 -19.29 -43.06
C TYR G 77 -20.47 -20.54 -43.08
N ALA G 78 -21.69 -20.42 -43.63
CA ALA G 78 -22.58 -21.58 -43.72
C ALA G 78 -21.99 -22.64 -44.64
N GLU G 79 -21.40 -22.22 -45.77
CA GLU G 79 -20.75 -23.13 -46.68
C GLU G 79 -19.53 -23.79 -46.06
N LYS G 80 -18.81 -23.06 -45.20
CA LYS G 80 -17.66 -23.62 -44.53
C LYS G 80 -18.06 -24.59 -43.43
N LEU G 81 -19.18 -24.32 -42.76
CA LEU G 81 -19.71 -25.25 -41.77
C LEU G 81 -20.26 -26.50 -42.43
N ARG G 82 -20.92 -26.36 -43.59
CA ARG G 82 -21.41 -27.51 -44.33
C ARG G 82 -20.25 -28.30 -44.93
N ARG G 83 -19.24 -27.60 -45.44
CA ARG G 83 -18.08 -28.24 -46.07
C ARG G 83 -17.32 -29.09 -45.05
N LEU G 84 -17.17 -28.58 -43.83
CA LEU G 84 -16.49 -29.30 -42.77
C LEU G 84 -17.49 -30.06 -41.91
N LEU G 96 -30.38 -18.57 -40.79
CA LEU G 96 -29.01 -19.06 -40.65
C LEU G 96 -28.52 -18.84 -39.22
N GLU G 97 -27.50 -19.59 -38.80
CA GLU G 97 -27.05 -19.58 -37.42
C GLU G 97 -25.80 -18.75 -37.19
N VAL G 98 -25.20 -18.17 -38.23
CA VAL G 98 -23.96 -17.42 -38.09
C VAL G 98 -24.28 -15.93 -38.13
N PHE G 99 -23.73 -15.20 -37.16
CA PHE G 99 -23.91 -13.75 -37.06
C PHE G 99 -22.53 -13.11 -37.00
N GLY G 100 -22.16 -12.42 -38.07
CA GLY G 100 -20.88 -11.74 -38.16
C GLY G 100 -21.08 -10.24 -38.19
N THR G 101 -19.95 -9.52 -38.03
CA THR G 101 -20.02 -8.07 -37.95
C THR G 101 -20.46 -7.43 -39.26
N ALA G 102 -20.29 -8.11 -40.39
CA ALA G 102 -20.79 -7.58 -41.66
C ALA G 102 -22.32 -7.47 -41.64
N TYR G 103 -22.99 -8.60 -41.39
CA TYR G 103 -24.45 -8.63 -41.38
C TYR G 103 -25.02 -7.73 -40.28
N CYS G 104 -24.48 -7.82 -39.07
CA CYS G 104 -25.04 -7.04 -37.98
C CYS G 104 -24.72 -5.56 -38.13
N SER G 105 -23.60 -5.20 -38.76
CA SER G 105 -23.37 -3.81 -39.11
C SER G 105 -24.41 -3.32 -40.13
N ALA G 106 -24.75 -4.17 -41.10
CA ALA G 106 -25.81 -3.81 -42.05
C ALA G 106 -27.11 -3.55 -41.31
N LEU G 107 -27.48 -4.43 -40.37
CA LEU G 107 -28.70 -4.22 -39.59
C LEU G 107 -28.62 -2.92 -38.79
N TYR G 108 -27.45 -2.64 -38.20
CA TYR G 108 -27.28 -1.44 -37.41
C TYR G 108 -27.55 -0.19 -38.24
N LEU G 109 -26.98 -0.14 -39.45
CA LEU G 109 -27.21 1.03 -40.29
C LEU G 109 -28.65 1.08 -40.78
N ARG G 110 -29.24 -0.07 -41.11
CA ARG G 110 -30.65 -0.11 -41.47
C ARG G 110 -31.51 0.54 -40.40
N GLN G 111 -31.23 0.20 -39.14
CA GLN G 111 -32.00 0.75 -38.03
C GLN G 111 -31.72 2.24 -37.83
N ARG G 112 -30.44 2.62 -37.81
CA ARG G 112 -30.07 4.00 -37.52
C ARG G 112 -30.24 4.95 -38.70
N LEU G 113 -30.56 4.43 -39.88
CA LEU G 113 -30.85 5.25 -41.05
C LEU G 113 -32.28 4.99 -41.53
N ALA G 114 -33.21 4.88 -40.58
CA ALA G 114 -34.58 4.48 -40.91
C ALA G 114 -35.29 5.54 -41.76
N GLY G 115 -35.00 6.82 -41.52
CA GLY G 115 -35.67 7.90 -42.22
C GLY G 115 -34.95 8.43 -43.44
N VAL G 116 -33.87 7.81 -43.87
CA VAL G 116 -33.08 8.31 -45.00
C VAL G 116 -33.66 7.73 -46.29
N PRO G 117 -33.90 8.55 -47.32
CA PRO G 117 -34.57 8.04 -48.52
C PRO G 117 -33.74 7.02 -49.30
N ASP G 118 -32.46 7.30 -49.53
CA ASP G 118 -31.56 6.38 -50.23
C ASP G 118 -30.20 6.43 -49.55
N PRO G 119 -30.05 5.73 -48.42
CA PRO G 119 -28.83 5.87 -47.62
C PRO G 119 -27.60 5.37 -48.36
N LYS G 120 -26.48 6.05 -48.10
CA LYS G 120 -25.18 5.69 -48.68
C LYS G 120 -24.13 5.73 -47.58
N ALA G 121 -23.07 4.94 -47.77
CA ALA G 121 -22.07 4.71 -46.73
C ALA G 121 -20.69 4.64 -47.36
N TYR G 122 -19.73 5.33 -46.76
CA TYR G 122 -18.32 5.20 -47.13
C TYR G 122 -17.76 4.04 -46.31
N VAL G 123 -17.46 2.94 -46.98
CA VAL G 123 -17.05 1.69 -46.34
C VAL G 123 -15.56 1.52 -46.51
N LEU G 124 -14.82 1.66 -45.42
CA LEU G 124 -13.43 1.22 -45.36
C LEU G 124 -13.42 -0.24 -44.89
N GLY G 125 -13.97 -1.10 -45.74
CA GLY G 125 -14.16 -2.50 -45.38
C GLY G 125 -14.25 -3.40 -46.60
N SER G 126 -14.49 -4.68 -46.32
CA SER G 126 -14.44 -5.73 -47.32
C SER G 126 -15.65 -5.71 -48.24
N PRO G 127 -15.64 -6.51 -49.30
CA PRO G 127 -16.83 -6.61 -50.16
C PRO G 127 -18.01 -7.31 -49.49
N ALA G 128 -17.76 -8.20 -48.53
CA ALA G 128 -18.86 -8.86 -47.83
C ALA G 128 -19.70 -7.85 -47.05
N LEU G 129 -19.02 -6.93 -46.36
CA LEU G 129 -19.73 -5.86 -45.66
C LEU G 129 -20.58 -5.05 -46.62
N ALA G 130 -20.04 -4.74 -47.80
CA ALA G 130 -20.80 -3.98 -48.80
C ALA G 130 -22.00 -4.77 -49.31
N ALA G 131 -21.85 -6.08 -49.50
CA ALA G 131 -22.98 -6.89 -49.94
C ALA G 131 -24.08 -6.91 -48.90
N GLU G 132 -23.72 -7.15 -47.64
CA GLU G 132 -24.71 -7.12 -46.56
C GLU G 132 -25.41 -5.76 -46.51
N LEU G 133 -24.65 -4.68 -46.66
CA LEU G 133 -25.25 -3.35 -46.67
C LEU G 133 -26.19 -3.16 -47.85
N GLU G 134 -25.83 -3.73 -49.01
CA GLU G 134 -26.67 -3.64 -50.18
C GLU G 134 -28.00 -4.35 -49.96
N ALA G 135 -27.97 -5.50 -49.27
CA ALA G 135 -29.20 -6.25 -49.03
C ALA G 135 -30.22 -5.40 -48.29
N VAL G 136 -29.79 -4.61 -47.30
CA VAL G 136 -30.70 -3.79 -46.52
C VAL G 136 -30.96 -2.43 -47.16
N GLY G 137 -30.42 -2.18 -48.35
CA GLY G 137 -30.67 -0.94 -49.05
C GLY G 137 -29.68 0.17 -48.78
N VAL G 138 -28.55 -0.12 -48.14
CA VAL G 138 -27.52 0.88 -47.87
C VAL G 138 -26.50 0.79 -48.98
N THR G 139 -26.42 1.84 -49.80
CA THR G 139 -25.43 1.91 -50.87
C THR G 139 -24.04 2.01 -50.25
N SER G 140 -23.05 1.38 -50.89
CA SER G 140 -21.70 1.35 -50.36
C SER G 140 -20.72 1.89 -51.40
N VAL G 141 -19.80 2.74 -50.94
CA VAL G 141 -18.75 3.29 -51.78
C VAL G 141 -17.46 3.30 -50.98
N GLY G 142 -16.33 3.09 -51.65
CA GLY G 142 -15.04 3.14 -51.02
C GLY G 142 -14.35 1.80 -50.85
N VAL G 143 -15.07 0.69 -51.06
CA VAL G 143 -14.43 -0.62 -51.02
C VAL G 143 -13.38 -0.69 -52.10
N GLY G 144 -12.25 -1.33 -51.78
CA GLY G 144 -11.18 -1.50 -52.73
C GLY G 144 -10.07 -0.48 -52.54
N PRO G 145 -9.19 -0.37 -53.52
CA PRO G 145 -8.00 0.49 -53.36
C PRO G 145 -8.32 1.97 -53.45
N ASP G 146 -7.53 2.77 -52.72
CA ASP G 146 -7.49 4.21 -52.89
C ASP G 146 -6.06 4.66 -52.56
N VAL G 147 -5.18 4.52 -53.54
CA VAL G 147 -3.78 4.89 -53.38
C VAL G 147 -3.65 6.41 -53.44
N LEU G 148 -2.63 6.93 -52.77
CA LEU G 148 -2.44 8.38 -52.69
C LEU G 148 -2.31 8.99 -54.08
N HIS G 149 -3.01 10.10 -54.28
CA HIS G 149 -2.80 10.95 -55.46
C HIS G 149 -2.77 12.40 -54.99
N GLY G 150 -1.96 13.20 -55.66
CA GLY G 150 -1.71 14.56 -55.24
C GLY G 150 -0.39 14.68 -54.48
N ASP G 151 0.24 15.84 -54.61
CA ASP G 151 1.54 16.08 -53.99
C ASP G 151 1.46 16.76 -52.64
N GLY G 152 0.27 17.21 -52.22
CA GLY G 152 0.16 17.97 -51.00
C GLY G 152 -1.23 17.94 -50.41
N PRO G 153 -1.38 18.51 -49.19
CA PRO G 153 -2.70 18.50 -48.55
C PRO G 153 -3.79 19.17 -49.35
N SER G 154 -3.49 20.27 -50.04
CA SER G 154 -4.54 20.96 -50.79
C SER G 154 -5.09 20.08 -51.90
N ASP G 155 -4.22 19.31 -52.56
CA ASP G 155 -4.69 18.37 -53.58
C ASP G 155 -5.43 17.20 -52.95
N TRP G 156 -5.04 16.78 -51.75
CA TRP G 156 -5.72 15.67 -51.08
C TRP G 156 -7.12 16.07 -50.66
N LEU G 157 -7.29 17.30 -50.17
CA LEU G 157 -8.57 17.79 -49.68
C LEU G 157 -9.47 18.29 -50.81
N ALA G 158 -8.97 18.32 -52.05
CA ALA G 158 -9.76 18.71 -53.21
C ALA G 158 -10.34 17.52 -53.95
N VAL G 159 -9.98 16.30 -53.57
CA VAL G 159 -10.50 15.09 -54.22
C VAL G 159 -12.02 15.07 -54.11
N PRO G 160 -12.76 14.91 -55.21
CA PRO G 160 -14.23 14.92 -55.12
C PRO G 160 -14.75 13.71 -54.36
N LEU G 161 -15.76 13.96 -53.53
CA LEU G 161 -16.35 12.94 -52.67
C LEU G 161 -17.79 12.67 -53.09
N GLU G 162 -18.29 11.48 -52.74
CA GLU G 162 -19.62 11.07 -53.15
C GLU G 162 -20.69 11.87 -52.40
N PRO G 163 -21.81 12.17 -53.06
CA PRO G 163 -22.86 12.93 -52.38
C PRO G 163 -23.76 12.04 -51.53
N ASP G 164 -24.33 12.64 -50.50
CA ASP G 164 -25.34 11.98 -49.66
C ASP G 164 -24.77 10.77 -48.93
N VAL G 165 -23.55 10.90 -48.41
CA VAL G 165 -22.95 9.86 -47.58
C VAL G 165 -23.34 10.16 -46.12
N ARG G 166 -24.13 9.27 -45.54
CA ARG G 166 -24.64 9.46 -44.19
C ARG G 166 -23.93 8.58 -43.15
N ALA G 167 -22.96 7.76 -43.57
CA ALA G 167 -22.30 6.88 -42.63
C ALA G 167 -20.89 6.55 -43.13
N VAL G 168 -19.98 6.38 -42.17
CA VAL G 168 -18.62 5.89 -42.42
C VAL G 168 -18.47 4.60 -41.64
N VAL G 169 -18.30 3.49 -42.34
CA VAL G 169 -18.15 2.17 -41.72
C VAL G 169 -16.69 1.76 -41.86
N VAL G 170 -16.03 1.54 -40.73
CA VAL G 170 -14.64 1.09 -40.71
C VAL G 170 -14.65 -0.39 -40.35
N GLY G 171 -14.25 -1.23 -41.29
CA GLY G 171 -14.08 -2.65 -41.04
C GLY G 171 -12.63 -3.05 -41.28
N PHE G 172 -12.39 -4.33 -41.54
CA PHE G 172 -11.05 -4.79 -41.88
C PHE G 172 -10.78 -4.40 -43.32
N ASP G 173 -9.99 -3.34 -43.51
CA ASP G 173 -9.65 -2.85 -44.85
C ASP G 173 -8.18 -3.10 -45.12
N PRO G 174 -7.82 -4.13 -45.88
CA PRO G 174 -6.42 -4.29 -46.28
C PRO G 174 -5.95 -3.20 -47.24
N HIS G 175 -6.89 -2.43 -47.80
CA HIS G 175 -6.59 -1.32 -48.68
C HIS G 175 -6.48 0.00 -47.93
N PHE G 176 -6.53 -0.02 -46.60
CA PHE G 176 -6.48 1.19 -45.82
C PHE G 176 -5.33 2.09 -46.29
N SER G 177 -5.63 3.37 -46.46
CA SER G 177 -4.63 4.32 -46.94
C SER G 177 -4.90 5.66 -46.28
N TYR G 178 -3.87 6.51 -46.24
CA TYR G 178 -4.06 7.86 -45.75
C TYR G 178 -5.11 8.60 -46.57
N MET G 179 -5.27 8.24 -47.84
CA MET G 179 -6.35 8.82 -48.64
C MET G 179 -7.71 8.40 -48.12
N LYS G 180 -7.88 7.12 -47.76
CA LYS G 180 -9.16 6.65 -47.24
C LYS G 180 -9.43 7.26 -45.88
N LEU G 181 -8.41 7.38 -45.03
CA LEU G 181 -8.55 8.09 -43.77
C LEU G 181 -8.97 9.54 -43.99
N THR G 182 -8.38 10.19 -45.00
CA THR G 182 -8.72 11.58 -45.29
C THR G 182 -10.18 11.70 -45.71
N LYS G 183 -10.62 10.83 -46.62
CA LYS G 183 -12.01 10.85 -47.05
C LYS G 183 -12.94 10.59 -45.87
N ALA G 184 -12.57 9.66 -44.99
CA ALA G 184 -13.40 9.37 -43.82
C ALA G 184 -13.54 10.60 -42.93
N VAL G 185 -12.41 11.26 -42.62
CA VAL G 185 -12.45 12.44 -41.76
C VAL G 185 -13.31 13.53 -42.41
N ARG G 186 -13.17 13.71 -43.73
CA ARG G 186 -13.97 14.72 -44.42
C ARG G 186 -15.46 14.39 -44.32
N TYR G 187 -15.83 13.13 -44.57
CA TYR G 187 -17.22 12.74 -44.45
C TYR G 187 -17.74 12.98 -43.04
N LEU G 188 -16.90 12.70 -42.04
CA LEU G 188 -17.31 12.82 -40.64
C LEU G 188 -17.30 14.26 -40.14
N GLN G 189 -16.73 15.20 -40.90
CA GLN G 189 -16.88 16.61 -40.56
C GLN G 189 -18.33 17.06 -40.59
N GLN G 190 -19.18 16.36 -41.35
CA GLN G 190 -20.62 16.64 -41.31
C GLN G 190 -21.22 15.98 -40.07
N PRO G 191 -21.98 16.71 -39.25
CA PRO G 191 -22.43 16.13 -37.97
C PRO G 191 -23.37 14.95 -38.14
N ASP G 192 -24.29 14.99 -39.10
CA ASP G 192 -25.24 13.91 -39.29
C ASP G 192 -24.59 12.59 -39.70
N CYS G 193 -23.37 12.64 -40.25
CA CYS G 193 -22.70 11.42 -40.67
C CYS G 193 -22.35 10.57 -39.46
N LEU G 194 -22.59 9.26 -39.59
CA LEU G 194 -22.34 8.32 -38.50
C LEU G 194 -20.96 7.69 -38.65
N LEU G 195 -20.41 7.23 -37.53
CA LEU G 195 -19.16 6.48 -37.50
C LEU G 195 -19.42 5.15 -36.82
N VAL G 196 -19.26 4.06 -37.58
CA VAL G 196 -19.54 2.71 -37.10
C VAL G 196 -18.27 1.87 -37.29
N GLY G 197 -17.89 1.15 -36.24
CA GLY G 197 -16.77 0.23 -36.30
C GLY G 197 -17.26 -1.20 -36.16
N THR G 198 -16.67 -2.11 -36.93
CA THR G 198 -17.10 -3.50 -36.88
C THR G 198 -16.57 -4.19 -35.62
N ASN G 199 -15.37 -3.84 -35.19
CA ASN G 199 -14.83 -4.32 -33.92
C ASN G 199 -13.67 -3.40 -33.52
N MET G 200 -13.26 -3.53 -32.26
CA MET G 200 -12.13 -2.75 -31.73
C MET G 200 -10.96 -3.64 -31.34
N ASP G 201 -10.94 -4.88 -31.82
CA ASP G 201 -9.82 -5.78 -31.54
C ASP G 201 -8.51 -5.15 -32.01
N ASN G 202 -7.47 -5.29 -31.19
CA ASN G 202 -6.17 -4.76 -31.57
C ASN G 202 -5.41 -5.71 -32.49
N ARG G 203 -5.79 -6.99 -32.54
CA ARG G 203 -5.15 -7.96 -33.41
C ARG G 203 -6.19 -8.93 -33.95
N LEU G 204 -5.92 -9.43 -35.16
CA LEU G 204 -6.69 -10.47 -35.82
C LEU G 204 -5.91 -11.77 -35.74
N PRO G 205 -6.45 -12.79 -35.05
CA PRO G 205 -5.74 -14.07 -34.93
C PRO G 205 -5.68 -14.84 -36.24
N LEU G 206 -4.60 -15.59 -36.42
CA LEU G 206 -4.37 -16.38 -37.61
C LEU G 206 -3.82 -17.74 -37.20
N GLU G 207 -3.72 -18.64 -38.19
CA GLU G 207 -3.21 -19.97 -37.94
C GLU G 207 -1.80 -19.93 -37.36
N ASN G 208 -1.49 -20.93 -36.53
CA ASN G 208 -0.14 -21.16 -36.01
C ASN G 208 0.30 -20.06 -35.04
N GLY G 209 -0.64 -19.38 -34.40
CA GLY G 209 -0.28 -18.34 -33.45
C GLY G 209 0.19 -17.05 -34.07
N ARG G 210 0.11 -16.91 -35.39
CA ARG G 210 0.43 -15.64 -36.05
C ARG G 210 -0.74 -14.67 -35.88
N PHE G 211 -0.45 -13.39 -36.03
CA PHE G 211 -1.48 -12.37 -35.91
C PHE G 211 -1.18 -11.23 -36.88
N ILE G 212 -2.23 -10.52 -37.27
CA ILE G 212 -2.07 -9.26 -38.02
C ILE G 212 -2.88 -8.19 -37.30
N ALA G 213 -2.75 -6.95 -37.75
CA ALA G 213 -3.41 -5.85 -37.04
C ALA G 213 -4.92 -5.97 -37.14
N GLY G 214 -5.60 -5.59 -36.06
CA GLY G 214 -7.04 -5.69 -36.01
C GLY G 214 -7.73 -4.45 -36.56
N THR G 215 -9.03 -4.59 -36.85
CA THR G 215 -9.83 -3.46 -37.28
C THR G 215 -9.80 -2.32 -36.25
N GLY G 216 -9.53 -2.65 -34.98
CA GLY G 216 -9.49 -1.62 -33.96
C GLY G 216 -8.44 -0.56 -34.22
N CYS G 217 -7.30 -0.95 -34.79
CA CYS G 217 -6.28 0.03 -35.18
C CYS G 217 -6.86 1.08 -36.13
N LEU G 218 -7.52 0.61 -37.19
CA LEU G 218 -8.10 1.50 -38.18
C LEU G 218 -9.19 2.36 -37.57
N VAL G 219 -10.03 1.76 -36.72
CA VAL G 219 -11.11 2.50 -36.06
C VAL G 219 -10.52 3.60 -35.18
N ARG G 220 -9.48 3.29 -34.40
CA ARG G 220 -8.87 4.28 -33.53
C ARG G 220 -8.26 5.42 -34.34
N ALA G 221 -7.64 5.10 -35.49
CA ALA G 221 -7.09 6.15 -36.33
C ALA G 221 -8.18 7.11 -36.79
N VAL G 222 -9.28 6.55 -37.33
CA VAL G 222 -10.37 7.43 -37.80
C VAL G 222 -10.96 8.22 -36.63
N GLU G 223 -11.06 7.59 -35.46
CA GLU G 223 -11.63 8.26 -34.29
C GLU G 223 -10.77 9.46 -33.89
N MET G 224 -9.45 9.26 -33.79
CA MET G 224 -8.57 10.35 -33.39
C MET G 224 -8.63 11.48 -34.40
N ALA G 225 -8.55 11.16 -35.69
CA ALA G 225 -8.56 12.22 -36.69
C ALA G 225 -9.89 12.98 -36.69
N ALA G 226 -11.00 12.27 -36.47
CA ALA G 226 -12.33 12.87 -36.50
C ALA G 226 -12.76 13.42 -35.14
N GLN G 227 -11.95 13.24 -34.10
CA GLN G 227 -12.32 13.67 -32.76
C GLN G 227 -13.69 13.14 -32.37
N ARG G 228 -13.92 11.86 -32.68
CA ARG G 228 -15.18 11.18 -32.48
C ARG G 228 -14.96 9.86 -31.76
N GLN G 229 -16.05 9.30 -31.22
CA GLN G 229 -16.05 7.96 -30.66
C GLN G 229 -17.01 7.09 -31.47
N ALA G 230 -16.51 5.97 -32.00
CA ALA G 230 -17.28 5.13 -32.90
C ALA G 230 -18.22 4.20 -32.14
N ASP G 231 -19.29 3.79 -32.81
CA ASP G 231 -20.22 2.80 -32.28
C ASP G 231 -19.77 1.42 -32.76
N ILE G 232 -19.38 0.56 -31.82
CA ILE G 232 -18.77 -0.73 -32.14
C ILE G 232 -19.85 -1.80 -32.21
N ILE G 233 -19.93 -2.48 -33.35
CA ILE G 233 -20.93 -3.52 -33.55
C ILE G 233 -20.50 -4.83 -32.87
N GLY G 234 -19.23 -5.22 -33.05
CA GLY G 234 -18.81 -6.54 -32.68
C GLY G 234 -18.57 -6.70 -31.18
N LYS G 235 -18.36 -7.95 -30.78
CA LYS G 235 -18.05 -8.26 -29.39
C LYS G 235 -16.89 -7.37 -28.93
N PRO G 236 -16.90 -6.90 -27.68
CA PRO G 236 -17.82 -7.16 -26.57
C PRO G 236 -19.07 -6.29 -26.49
N SER G 237 -19.41 -5.57 -27.57
CA SER G 237 -20.55 -4.67 -27.52
C SER G 237 -21.87 -5.44 -27.48
N ARG G 238 -22.89 -4.78 -26.90
CA ARG G 238 -24.20 -5.41 -26.74
C ARG G 238 -24.85 -5.70 -28.09
N PHE G 239 -24.65 -4.81 -29.07
CA PHE G 239 -25.45 -4.88 -30.29
CA PHE G 239 -25.43 -4.86 -30.31
C PHE G 239 -25.40 -6.25 -30.93
N ILE G 240 -24.21 -6.84 -31.05
CA ILE G 240 -24.11 -8.12 -31.75
C ILE G 240 -25.07 -9.12 -31.12
N PHE G 241 -25.10 -9.21 -29.79
CA PHE G 241 -26.06 -10.08 -29.14
C PHE G 241 -27.48 -9.71 -29.55
N ASP G 242 -27.83 -8.43 -29.41
CA ASP G 242 -29.15 -7.97 -29.85
C ASP G 242 -29.43 -8.44 -31.27
N CYS G 243 -28.44 -8.27 -32.17
CA CYS G 243 -28.62 -8.71 -33.55
C CYS G 243 -29.02 -10.17 -33.57
N VAL G 244 -28.26 -11.04 -32.90
CA VAL G 244 -28.65 -12.44 -32.74
C VAL G 244 -30.07 -12.52 -32.20
N SER G 245 -30.32 -11.84 -31.07
CA SER G 245 -31.64 -11.92 -30.45
C SER G 245 -32.73 -11.48 -31.41
N GLN G 246 -32.44 -10.53 -32.30
CA GLN G 246 -33.50 -10.04 -33.17
C GLN G 246 -34.01 -11.11 -34.12
N GLU G 247 -33.20 -12.13 -34.40
CA GLU G 247 -33.64 -13.24 -35.23
C GLU G 247 -33.94 -14.50 -34.43
N TYR G 248 -33.09 -14.84 -33.45
CA TYR G 248 -33.25 -16.07 -32.70
C TYR G 248 -34.37 -16.00 -31.66
N GLY G 249 -34.66 -14.81 -31.13
CA GLY G 249 -35.55 -14.71 -30.00
C GLY G 249 -35.03 -15.55 -28.85
N ILE G 250 -33.76 -15.32 -28.49
CA ILE G 250 -33.09 -16.18 -27.52
C ILE G 250 -33.78 -16.07 -26.16
N ASN G 251 -33.69 -17.16 -25.38
CA ASN G 251 -34.04 -17.11 -23.98
C ASN G 251 -32.75 -17.01 -23.18
N PRO G 252 -32.46 -15.89 -22.53
CA PRO G 252 -31.16 -15.75 -21.84
C PRO G 252 -30.85 -16.91 -20.91
N GLU G 253 -31.88 -17.52 -20.32
CA GLU G 253 -31.65 -18.55 -19.32
C GLU G 253 -31.26 -19.89 -19.94
N ARG G 254 -31.88 -20.27 -21.06
CA ARG G 254 -31.55 -21.53 -21.72
C ARG G 254 -30.56 -21.30 -22.85
N ASP G 260 -13.54 -18.19 -26.22
CA ASP G 260 -12.11 -18.43 -26.35
C ASP G 260 -11.29 -17.24 -25.83
N ARG G 261 -11.97 -16.12 -25.54
CA ARG G 261 -11.30 -14.89 -25.14
C ARG G 261 -12.08 -14.28 -23.98
N LEU G 262 -11.37 -14.02 -22.87
CA LEU G 262 -12.03 -13.59 -21.64
C LEU G 262 -12.57 -12.16 -21.76
N ASP G 263 -11.89 -11.30 -22.49
CA ASP G 263 -12.27 -9.89 -22.55
C ASP G 263 -13.24 -9.57 -23.67
N THR G 264 -13.61 -10.54 -24.51
CA THR G 264 -14.61 -10.30 -25.55
C THR G 264 -15.84 -11.17 -25.33
N ASP G 265 -15.74 -12.48 -25.43
CA ASP G 265 -16.92 -13.34 -25.33
C ASP G 265 -17.51 -13.31 -23.92
N ILE G 266 -16.68 -13.55 -22.91
CA ILE G 266 -17.18 -13.64 -21.53
C ILE G 266 -17.75 -12.29 -21.09
N LEU G 267 -17.08 -11.19 -21.48
CA LEU G 267 -17.58 -9.86 -21.15
C LEU G 267 -18.96 -9.63 -21.77
N LEU G 268 -19.13 -10.04 -23.03
CA LEU G 268 -20.43 -9.96 -23.67
C LEU G 268 -21.47 -10.73 -22.88
N GLY G 269 -21.15 -11.96 -22.49
CA GLY G 269 -22.09 -12.75 -21.70
C GLY G 269 -22.50 -12.04 -20.42
N SER G 270 -21.52 -11.48 -19.70
CA SER G 270 -21.82 -10.79 -18.45
C SER G 270 -22.72 -9.59 -18.69
N THR G 271 -22.38 -8.76 -19.68
CA THR G 271 -23.19 -7.57 -19.95
C THR G 271 -24.54 -7.92 -20.56
N CYS G 272 -24.72 -9.13 -21.08
CA CYS G 272 -25.98 -9.57 -21.66
C CYS G 272 -26.63 -10.68 -20.85
N SER G 273 -26.18 -10.88 -19.60
CA SER G 273 -26.85 -11.75 -18.65
C SER G 273 -27.07 -13.14 -19.21
N LEU G 274 -26.00 -13.73 -19.73
CA LEU G 274 -26.02 -15.11 -20.20
C LEU G 274 -24.95 -15.91 -19.46
N LYS G 275 -25.10 -17.24 -19.50
CA LYS G 275 -24.09 -18.11 -18.92
C LYS G 275 -22.76 -17.91 -19.64
N THR G 276 -21.70 -17.78 -18.88
CA THR G 276 -20.35 -17.60 -19.41
C THR G 276 -19.59 -18.92 -19.27
N ILE G 277 -19.09 -19.43 -20.39
CA ILE G 277 -18.34 -20.69 -20.40
C ILE G 277 -17.15 -20.50 -21.33
N LEU G 278 -16.00 -21.06 -20.94
CA LEU G 278 -14.74 -20.84 -21.63
C LEU G 278 -14.17 -22.18 -22.11
N THR G 279 -13.47 -22.12 -23.24
CA THR G 279 -12.75 -23.28 -23.76
C THR G 279 -11.25 -23.00 -23.76
N LYS G 302 -15.96 -7.73 -14.45
CA LYS G 302 -17.17 -8.08 -15.18
C LYS G 302 -16.98 -9.36 -16.00
N MET G 303 -15.73 -9.75 -16.23
CA MET G 303 -15.39 -10.91 -17.05
C MET G 303 -14.92 -12.05 -16.16
N VAL G 304 -15.76 -13.06 -16.00
CA VAL G 304 -15.42 -14.27 -15.25
C VAL G 304 -16.20 -15.44 -15.85
N PRO G 305 -15.55 -16.53 -16.24
CA PRO G 305 -16.31 -17.69 -16.74
C PRO G 305 -16.84 -18.54 -15.60
N ASP G 306 -17.90 -19.29 -15.91
CA ASP G 306 -18.51 -20.19 -14.94
C ASP G 306 -18.17 -21.65 -15.19
N PHE G 307 -17.48 -21.98 -16.28
CA PHE G 307 -17.12 -23.35 -16.60
C PHE G 307 -15.92 -23.36 -17.52
N TYR G 308 -15.22 -24.50 -17.56
CA TYR G 308 -14.09 -24.69 -18.46
C TYR G 308 -14.19 -26.08 -19.08
N VAL G 309 -13.83 -26.18 -20.35
CA VAL G 309 -13.82 -27.47 -21.05
C VAL G 309 -12.50 -27.65 -21.77
N ALA H 11 2.93 33.95 -15.48
CA ALA H 11 2.17 33.68 -16.69
C ALA H 11 0.84 34.42 -16.68
N ARG H 12 0.87 35.69 -17.06
CA ARG H 12 -0.31 36.54 -17.08
C ARG H 12 -0.65 37.03 -18.48
N CYS H 13 -0.28 36.25 -19.50
CA CYS H 13 -0.44 36.68 -20.89
C CYS H 13 -0.49 38.19 -21.00
N VAL H 14 0.65 38.85 -20.79
CA VAL H 14 0.75 40.31 -20.82
C VAL H 14 1.00 40.74 -22.26
N ARG H 15 0.37 41.85 -22.68
CA ARG H 15 0.60 42.36 -24.02
C ARG H 15 1.98 43.00 -24.10
N LEU H 16 2.74 42.61 -25.12
CA LEU H 16 4.10 43.11 -25.25
C LEU H 16 4.04 44.47 -25.94
N SER H 17 4.22 45.52 -25.15
CA SER H 17 4.32 46.86 -25.69
C SER H 17 5.80 47.12 -25.98
N ALA H 18 6.06 48.13 -26.82
CA ALA H 18 7.42 48.37 -27.26
C ALA H 18 8.36 48.55 -26.07
N GLU H 19 7.89 49.22 -25.02
CA GLU H 19 8.71 49.39 -23.81
C GLU H 19 8.98 48.04 -23.14
N ARG H 20 7.91 47.24 -22.94
CA ARG H 20 8.10 45.92 -22.37
C ARG H 20 9.01 45.07 -23.26
N ALA H 21 8.85 45.20 -24.58
CA ALA H 21 9.68 44.46 -25.52
C ALA H 21 11.14 44.85 -25.38
N LYS H 22 11.42 46.14 -25.21
CA LYS H 22 12.80 46.60 -25.04
C LYS H 22 13.41 45.96 -23.79
N LEU H 23 12.66 45.95 -22.69
CA LEU H 23 13.19 45.38 -21.46
C LEU H 23 13.48 43.88 -21.63
N LEU H 24 12.51 43.14 -22.18
CA LEU H 24 12.72 41.71 -22.39
C LEU H 24 13.90 41.45 -23.33
N LEU H 25 13.97 42.17 -24.45
CA LEU H 25 15.04 41.94 -25.41
C LEU H 25 16.39 42.20 -24.77
N ALA H 26 16.48 43.21 -23.90
CA ALA H 26 17.72 43.44 -23.18
C ALA H 26 18.06 42.25 -22.29
N GLU H 27 17.03 41.60 -21.70
CA GLU H 27 17.35 40.49 -20.80
C GLU H 27 17.77 39.22 -21.53
N VAL H 28 17.38 39.04 -22.79
CA VAL H 28 17.57 37.77 -23.49
C VAL H 28 18.61 37.91 -24.60
N ASP H 29 19.44 36.88 -24.74
CA ASP H 29 20.41 36.76 -25.82
C ASP H 29 20.03 35.73 -26.88
N THR H 30 19.11 34.81 -26.59
CA THR H 30 18.69 33.79 -27.56
C THR H 30 17.18 33.73 -27.66
N LEU H 31 16.68 33.70 -28.89
CA LEU H 31 15.27 33.56 -29.22
C LEU H 31 15.05 32.32 -30.07
N LEU H 32 14.14 31.45 -29.62
CA LEU H 32 13.80 30.22 -30.30
C LEU H 32 12.38 30.36 -30.83
N PHE H 33 12.18 30.09 -32.12
CA PHE H 33 10.94 30.34 -32.83
C PHE H 33 10.32 29.05 -33.35
N ASN H 34 9.00 28.96 -33.28
CA ASN H 34 8.26 28.03 -34.11
C ASN H 34 8.06 28.67 -35.48
N CYS H 35 8.06 27.85 -36.52
CA CYS H 35 8.07 28.38 -37.88
C CYS H 35 6.67 28.61 -38.45
N ASP H 36 5.80 27.60 -38.41
CA ASP H 36 4.47 27.73 -39.00
C ASP H 36 3.53 28.45 -38.02
N GLY H 37 2.88 29.49 -38.50
CA GLY H 37 2.03 30.32 -37.67
C GLY H 37 2.74 31.46 -37.01
N VAL H 38 4.06 31.52 -37.08
CA VAL H 38 4.85 32.56 -36.44
C VAL H 38 5.62 33.34 -37.50
N LEU H 39 6.52 32.64 -38.21
CA LEU H 39 7.36 33.24 -39.24
C LEU H 39 6.70 33.18 -40.61
N TRP H 40 5.98 32.09 -40.89
CA TRP H 40 5.34 31.95 -42.18
C TRP H 40 4.06 31.13 -42.04
N ARG H 41 3.16 31.32 -43.00
CA ARG H 41 1.98 30.49 -43.15
C ARG H 41 2.12 29.85 -44.52
N GLY H 42 2.34 28.55 -44.57
CA GLY H 42 2.63 27.92 -45.84
C GLY H 42 3.96 28.41 -46.39
N GLU H 43 3.96 28.86 -47.64
CA GLU H 43 5.15 29.39 -48.29
C GLU H 43 5.19 30.92 -48.29
N THR H 44 4.25 31.57 -47.62
CA THR H 44 4.17 33.02 -47.57
C THR H 44 4.56 33.49 -46.18
N ALA H 45 5.53 34.41 -46.11
CA ALA H 45 6.02 34.87 -44.82
C ALA H 45 4.99 35.78 -44.14
N VAL H 46 4.98 35.75 -42.82
CA VAL H 46 4.11 36.67 -42.07
C VAL H 46 4.62 38.09 -42.28
N PRO H 47 3.75 39.06 -42.59
CA PRO H 47 4.24 40.41 -42.89
C PRO H 47 5.02 41.00 -41.72
N GLY H 48 6.24 41.47 -42.03
CA GLY H 48 7.10 42.08 -41.04
C GLY H 48 7.98 41.11 -40.28
N ALA H 49 7.72 39.81 -40.40
CA ALA H 49 8.54 38.85 -39.66
C ALA H 49 9.96 38.80 -40.20
N PRO H 50 10.19 38.76 -41.52
CA PRO H 50 11.59 38.74 -42.02
C PRO H 50 12.38 39.97 -41.59
N GLU H 51 11.77 41.15 -41.69
CA GLU H 51 12.46 42.35 -41.23
C GLU H 51 12.79 42.26 -39.75
N THR H 52 11.85 41.72 -38.96
CA THR H 52 12.06 41.64 -37.52
C THR H 52 13.21 40.72 -37.18
N LEU H 53 13.29 39.56 -37.84
CA LEU H 53 14.38 38.64 -37.53
C LEU H 53 15.73 39.15 -38.04
N ARG H 54 15.75 39.80 -39.21
CA ARG H 54 17.00 40.40 -39.65
C ARG H 54 17.46 41.45 -38.64
N ALA H 55 16.51 42.24 -38.11
CA ALA H 55 16.83 43.23 -37.11
C ALA H 55 17.39 42.58 -35.84
N LEU H 56 16.80 41.45 -35.42
CA LEU H 56 17.31 40.74 -34.27
C LEU H 56 18.75 40.27 -34.51
N ARG H 57 19.05 39.80 -35.72
CA ARG H 57 20.42 39.41 -36.03
C ARG H 57 21.35 40.61 -35.92
N ALA H 58 20.90 41.79 -36.35
CA ALA H 58 21.74 42.97 -36.23
C ALA H 58 22.03 43.32 -34.78
N ARG H 59 21.08 43.09 -33.88
CA ARG H 59 21.30 43.42 -32.48
C ARG H 59 22.19 42.41 -31.76
N GLY H 60 22.62 41.35 -32.45
CA GLY H 60 23.49 40.36 -31.84
C GLY H 60 22.78 39.21 -31.20
N LYS H 61 21.45 39.13 -31.35
CA LYS H 61 20.67 38.06 -30.76
C LYS H 61 20.85 36.78 -31.57
N ARG H 62 20.89 35.64 -30.88
CA ARG H 62 20.99 34.34 -31.53
C ARG H 62 19.61 33.77 -31.77
N LEU H 63 19.39 33.23 -32.97
CA LEU H 63 18.09 32.73 -33.39
C LEU H 63 18.15 31.22 -33.56
N GLY H 64 17.15 30.53 -33.01
CA GLY H 64 17.00 29.11 -33.23
C GLY H 64 15.57 28.86 -33.69
N PHE H 65 15.37 27.73 -34.38
CA PHE H 65 14.07 27.43 -34.98
C PHE H 65 13.68 25.99 -34.67
N ILE H 66 12.45 25.80 -34.19
CA ILE H 66 11.94 24.50 -33.77
C ILE H 66 10.64 24.21 -34.50
N THR H 67 10.54 23.02 -35.09
CA THR H 67 9.36 22.58 -35.82
C THR H 67 9.00 21.15 -35.44
N ASN H 68 7.69 20.86 -35.42
CA ASN H 68 7.23 19.49 -35.26
C ASN H 68 7.01 18.81 -36.62
N ASN H 69 7.27 19.51 -37.71
CA ASN H 69 7.14 18.94 -39.04
C ASN H 69 8.42 18.20 -39.41
N SER H 70 8.26 17.00 -39.94
CA SER H 70 9.37 16.11 -40.28
C SER H 70 9.62 16.04 -41.78
N SER H 71 9.10 16.99 -42.56
CA SER H 71 9.15 16.88 -44.01
C SER H 71 10.38 17.51 -44.64
N LYS H 72 11.11 18.38 -43.93
CA LYS H 72 12.28 19.04 -44.49
C LYS H 72 13.50 18.80 -43.61
N THR H 73 14.67 18.78 -44.26
CA THR H 73 15.94 18.66 -43.58
C THR H 73 16.35 20.02 -43.00
N ARG H 74 17.39 20.02 -42.16
CA ARG H 74 17.85 21.28 -41.58
C ARG H 74 18.26 22.27 -42.66
N THR H 75 19.09 21.83 -43.61
CA THR H 75 19.59 22.74 -44.62
C THR H 75 18.46 23.25 -45.51
N ALA H 76 17.46 22.39 -45.76
CA ALA H 76 16.31 22.81 -46.55
C ALA H 76 15.51 23.89 -45.84
N TYR H 77 15.28 23.73 -44.53
CA TYR H 77 14.58 24.76 -43.78
C TYR H 77 15.36 26.07 -43.81
N ALA H 78 16.70 25.97 -43.68
CA ALA H 78 17.53 27.16 -43.74
C ALA H 78 17.40 27.83 -45.10
N GLU H 79 17.31 27.03 -46.16
CA GLU H 79 17.13 27.59 -47.51
C GLU H 79 15.80 28.33 -47.61
N LYS H 80 14.74 27.77 -47.02
CA LYS H 80 13.45 28.46 -47.04
C LYS H 80 13.53 29.78 -46.28
N LEU H 81 14.21 29.78 -45.13
CA LEU H 81 14.38 31.01 -44.37
C LEU H 81 15.17 32.05 -45.18
N ARG H 82 16.24 31.63 -45.84
CA ARG H 82 17.04 32.55 -46.64
C ARG H 82 16.24 33.10 -47.80
N ARG H 83 15.45 32.24 -48.44
CA ARG H 83 14.63 32.63 -49.59
C ARG H 83 13.57 33.65 -49.20
N LEU H 84 13.00 33.49 -48.00
CA LEU H 84 11.97 34.38 -47.49
C LEU H 84 12.51 35.60 -46.73
N GLY H 85 13.83 35.76 -46.66
CA GLY H 85 14.41 36.97 -46.10
C GLY H 85 14.73 36.96 -44.62
N PHE H 86 14.63 35.81 -43.96
CA PHE H 86 14.90 35.73 -42.53
C PHE H 86 16.38 35.68 -42.19
N GLY H 87 17.25 35.50 -43.18
CA GLY H 87 18.68 35.48 -42.94
C GLY H 87 19.18 34.06 -42.77
N GLY H 88 20.48 33.96 -42.47
CA GLY H 88 21.06 32.66 -42.23
C GLY H 88 22.43 32.73 -41.58
N PRO H 89 22.94 31.56 -41.17
CA PRO H 89 24.33 31.51 -40.69
C PRO H 89 25.26 32.03 -41.78
N VAL H 90 26.21 32.86 -41.39
CA VAL H 90 27.20 33.37 -42.32
C VAL H 90 28.60 33.11 -41.75
N GLY H 91 29.49 32.63 -42.60
CA GLY H 91 30.84 32.32 -42.20
C GLY H 91 30.99 30.88 -41.76
N PRO H 92 32.23 30.38 -41.75
CA PRO H 92 32.44 28.98 -41.37
C PRO H 92 32.12 28.66 -39.92
N GLU H 93 32.28 29.63 -39.01
CA GLU H 93 32.07 29.35 -37.59
C GLU H 93 30.60 29.10 -37.28
N ALA H 94 29.70 29.87 -37.90
CA ALA H 94 28.29 29.83 -37.54
C ALA H 94 27.68 28.47 -37.83
N GLY H 95 26.82 28.00 -36.92
CA GLY H 95 26.23 26.68 -36.99
C GLY H 95 24.78 26.69 -37.43
N LEU H 96 24.26 25.50 -37.72
CA LEU H 96 22.90 25.38 -38.22
C LEU H 96 21.92 25.81 -37.13
N GLU H 97 20.82 26.44 -37.55
CA GLU H 97 19.88 27.06 -36.62
C GLU H 97 18.54 26.36 -36.49
N VAL H 98 18.23 25.40 -37.36
CA VAL H 98 16.91 24.78 -37.40
C VAL H 98 16.98 23.38 -36.80
N PHE H 99 16.05 23.11 -35.89
CA PHE H 99 15.92 21.80 -35.23
C PHE H 99 14.49 21.33 -35.45
N GLY H 100 14.30 20.45 -36.44
CA GLY H 100 13.01 19.88 -36.74
C GLY H 100 12.93 18.43 -36.30
N THR H 101 11.72 17.87 -36.38
CA THR H 101 11.51 16.51 -35.87
C THR H 101 12.30 15.46 -36.65
N ALA H 102 12.64 15.72 -37.92
CA ALA H 102 13.46 14.77 -38.66
C ALA H 102 14.85 14.69 -38.05
N TYR H 103 15.51 15.84 -37.92
CA TYR H 103 16.85 15.87 -37.34
C TYR H 103 16.86 15.34 -35.91
N CYS H 104 15.89 15.77 -35.10
CA CYS H 104 15.92 15.36 -33.70
C CYS H 104 15.54 13.89 -33.53
N SER H 105 14.70 13.36 -34.43
CA SER H 105 14.45 11.93 -34.43
C SER H 105 15.73 11.16 -34.74
N ALA H 106 16.50 11.62 -35.72
CA ALA H 106 17.77 11.01 -36.02
C ALA H 106 18.70 11.05 -34.81
N LEU H 107 18.74 12.20 -34.12
CA LEU H 107 19.63 12.33 -32.96
C LEU H 107 19.19 11.37 -31.84
N TYR H 108 17.87 11.24 -31.64
CA TYR H 108 17.35 10.30 -30.65
C TYR H 108 17.78 8.87 -30.96
N LEU H 109 17.63 8.45 -32.21
CA LEU H 109 18.04 7.08 -32.55
C LEU H 109 19.55 6.92 -32.45
N ARG H 110 20.31 7.97 -32.77
CA ARG H 110 21.75 7.93 -32.56
C ARG H 110 22.07 7.60 -31.11
N GLN H 111 21.38 8.26 -30.18
CA GLN H 111 21.67 8.06 -28.76
C GLN H 111 21.23 6.67 -28.31
N ARG H 112 20.05 6.22 -28.72
CA ARG H 112 19.48 4.96 -28.25
C ARG H 112 20.07 3.74 -28.95
N LEU H 113 20.78 3.91 -30.04
CA LEU H 113 21.44 2.83 -30.78
C LEU H 113 22.96 3.01 -30.78
N ALA H 114 23.50 3.50 -29.66
CA ALA H 114 24.91 3.89 -29.62
C ALA H 114 25.85 2.73 -29.92
N GLY H 115 25.53 1.54 -29.43
CA GLY H 115 26.40 0.39 -29.62
C GLY H 115 26.02 -0.49 -30.79
N VAL H 116 24.85 -0.27 -31.38
CA VAL H 116 24.34 -1.18 -32.40
C VAL H 116 25.18 -1.08 -33.67
N PRO H 117 25.68 -2.21 -34.19
CA PRO H 117 26.47 -2.17 -35.44
C PRO H 117 25.55 -2.02 -36.64
N ASP H 118 25.91 -1.12 -37.55
CA ASP H 118 25.15 -0.88 -38.77
C ASP H 118 23.64 -0.87 -38.50
N PRO H 119 23.15 0.10 -37.75
CA PRO H 119 21.73 0.11 -37.39
C PRO H 119 20.83 0.39 -38.58
N LYS H 120 19.69 -0.30 -38.63
CA LYS H 120 18.70 -0.14 -39.68
C LYS H 120 17.35 0.15 -39.04
N ALA H 121 16.54 0.97 -39.72
CA ALA H 121 15.24 1.37 -39.21
C ALA H 121 14.20 1.31 -40.32
N TYR H 122 13.00 0.85 -39.97
CA TYR H 122 11.86 0.87 -40.88
C TYR H 122 11.13 2.19 -40.69
N VAL H 123 11.15 3.04 -41.73
CA VAL H 123 10.69 4.42 -41.63
C VAL H 123 9.36 4.53 -42.35
N LEU H 124 8.28 4.71 -41.58
CA LEU H 124 6.99 5.14 -42.12
C LEU H 124 6.97 6.67 -42.10
N GLY H 125 7.73 7.26 -43.01
CA GLY H 125 7.94 8.68 -42.94
C GLY H 125 8.52 9.26 -44.22
N SER H 126 8.93 10.52 -44.12
CA SER H 126 9.34 11.33 -45.26
C SER H 126 10.76 11.01 -45.70
N PRO H 127 11.12 11.38 -46.93
CA PRO H 127 12.53 11.29 -47.35
C PRO H 127 13.47 12.11 -46.51
N ALA H 128 13.04 13.25 -45.98
CA ALA H 128 13.90 14.07 -45.15
C ALA H 128 14.33 13.30 -43.89
N LEU H 129 13.39 12.59 -43.28
CA LEU H 129 13.71 11.79 -42.10
C LEU H 129 14.76 10.76 -42.44
N ALA H 130 14.65 10.12 -43.61
CA ALA H 130 15.64 9.14 -44.03
C ALA H 130 17.01 9.79 -44.23
N ALA H 131 17.03 10.99 -44.81
CA ALA H 131 18.30 11.68 -45.01
C ALA H 131 18.97 12.01 -43.68
N GLU H 132 18.20 12.52 -42.72
CA GLU H 132 18.75 12.85 -41.42
C GLU H 132 19.26 11.60 -40.72
N LEU H 133 18.52 10.49 -40.84
CA LEU H 133 18.94 9.24 -40.23
C LEU H 133 20.25 8.77 -40.86
N GLU H 134 20.38 8.92 -42.18
CA GLU H 134 21.64 8.56 -42.83
C GLU H 134 22.78 9.40 -42.27
N ALA H 135 22.52 10.70 -42.05
CA ALA H 135 23.56 11.56 -41.51
C ALA H 135 24.00 11.08 -40.14
N VAL H 136 23.07 10.46 -39.37
CA VAL H 136 23.43 9.97 -38.04
C VAL H 136 23.88 8.51 -38.04
N GLY H 137 23.98 7.89 -39.22
CA GLY H 137 24.47 6.53 -39.31
C GLY H 137 23.42 5.45 -39.35
N VAL H 138 22.14 5.81 -39.47
CA VAL H 138 21.04 4.85 -39.50
C VAL H 138 20.54 4.68 -40.92
N THR H 139 20.63 3.46 -41.44
CA THR H 139 20.07 3.11 -42.74
C THR H 139 18.55 2.96 -42.62
N SER H 140 17.84 3.36 -43.68
CA SER H 140 16.38 3.37 -43.67
C SER H 140 15.81 2.41 -44.71
N VAL H 141 14.72 1.75 -44.33
CA VAL H 141 13.97 0.84 -45.18
C VAL H 141 12.51 1.23 -45.11
N GLY H 142 11.81 1.14 -46.24
CA GLY H 142 10.37 1.29 -46.24
C GLY H 142 9.83 2.67 -46.53
N VAL H 143 10.69 3.64 -46.84
CA VAL H 143 10.19 4.97 -47.18
C VAL H 143 9.48 4.89 -48.52
N GLY H 144 8.29 5.49 -48.59
CA GLY H 144 7.52 5.50 -49.82
C GLY H 144 6.33 4.54 -49.79
N PRO H 145 5.69 4.38 -50.94
CA PRO H 145 4.49 3.54 -51.02
C PRO H 145 4.79 2.06 -50.87
N ASP H 146 3.81 1.34 -50.31
CA ASP H 146 3.80 -0.13 -50.26
C ASP H 146 2.34 -0.55 -50.46
N VAL H 147 1.90 -0.58 -51.72
CA VAL H 147 0.50 -0.86 -52.04
C VAL H 147 0.18 -2.32 -51.79
N LEU H 148 -1.12 -2.60 -51.60
CA LEU H 148 -1.55 -3.95 -51.28
C LEU H 148 -1.27 -4.90 -52.43
N HIS H 149 -0.80 -6.09 -52.08
CA HIS H 149 -0.53 -7.17 -53.02
C HIS H 149 -1.09 -8.45 -52.45
N GLY H 150 -1.51 -9.36 -53.33
CA GLY H 150 -2.02 -10.63 -52.89
C GLY H 150 -3.49 -10.54 -52.52
N ASP H 151 -4.10 -11.71 -52.36
CA ASP H 151 -5.52 -11.80 -52.04
C ASP H 151 -5.79 -12.10 -50.57
N GLY H 152 -4.77 -12.42 -49.77
CA GLY H 152 -5.00 -12.80 -48.40
C GLY H 152 -3.82 -12.63 -47.45
N PRO H 153 -4.03 -12.94 -46.16
CA PRO H 153 -2.94 -12.77 -45.18
C PRO H 153 -1.69 -13.57 -45.47
N SER H 154 -1.82 -14.79 -46.00
CA SER H 154 -0.64 -15.60 -46.25
C SER H 154 0.31 -14.91 -47.21
N ASP H 155 -0.22 -14.27 -48.25
CA ASP H 155 0.64 -13.52 -49.16
C ASP H 155 1.25 -12.31 -48.48
N TRP H 156 0.49 -11.62 -47.62
CA TRP H 156 1.02 -10.42 -46.97
C TRP H 156 2.17 -10.78 -46.04
N LEU H 157 2.02 -11.89 -45.31
CA LEU H 157 3.02 -12.36 -44.36
C LEU H 157 4.16 -13.12 -45.02
N ALA H 158 4.06 -13.38 -46.33
CA ALA H 158 5.12 -14.07 -47.06
C ALA H 158 6.16 -13.09 -47.60
N VAL H 159 5.91 -11.80 -47.51
CA VAL H 159 6.86 -10.79 -47.98
C VAL H 159 8.12 -10.85 -47.14
N PRO H 160 9.30 -10.89 -47.75
CA PRO H 160 10.54 -10.93 -46.95
C PRO H 160 10.77 -9.61 -46.22
N LEU H 161 11.30 -9.70 -45.00
CA LEU H 161 11.64 -8.53 -44.21
C LEU H 161 13.15 -8.36 -44.17
N GLU H 162 13.59 -7.11 -44.04
CA GLU H 162 15.01 -6.83 -44.03
C GLU H 162 15.65 -7.25 -42.71
N PRO H 163 16.88 -7.75 -42.75
CA PRO H 163 17.55 -8.18 -41.51
C PRO H 163 18.14 -7.03 -40.72
N ASP H 164 18.28 -7.27 -39.42
CA ASP H 164 18.96 -6.34 -38.50
C ASP H 164 18.27 -4.98 -38.45
N VAL H 165 16.94 -4.99 -38.40
CA VAL H 165 16.17 -3.77 -38.20
C VAL H 165 15.96 -3.60 -36.70
N ARG H 166 16.49 -2.50 -36.15
CA ARG H 166 16.48 -2.22 -34.72
C ARG H 166 15.58 -1.06 -34.32
N ALA H 167 14.86 -0.45 -35.26
CA ALA H 167 13.94 0.62 -34.90
C ALA H 167 12.84 0.77 -35.94
N VAL H 168 11.68 1.23 -35.49
CA VAL H 168 10.57 1.63 -36.36
C VAL H 168 10.27 3.09 -36.06
N VAL H 169 10.33 3.95 -37.07
CA VAL H 169 10.08 5.37 -36.92
C VAL H 169 8.78 5.69 -37.65
N VAL H 170 7.81 6.25 -36.92
CA VAL H 170 6.54 6.66 -37.49
C VAL H 170 6.54 8.18 -37.57
N GLY H 171 6.59 8.72 -38.78
CA GLY H 171 6.49 10.15 -39.00
C GLY H 171 5.25 10.42 -39.82
N PHE H 172 5.16 11.58 -40.46
CA PHE H 172 4.02 11.84 -41.34
C PHE H 172 4.21 11.04 -42.62
N ASP H 173 3.44 9.96 -42.77
CA ASP H 173 3.53 9.11 -43.95
C ASP H 173 2.22 9.20 -44.74
N PRO H 174 2.15 10.03 -45.79
CA PRO H 174 0.95 10.03 -46.64
C PRO H 174 0.81 8.76 -47.46
N HIS H 175 1.82 7.91 -47.48
CA HIS H 175 1.78 6.61 -48.12
C HIS H 175 1.49 5.48 -47.15
N PHE H 176 1.08 5.81 -45.92
CA PHE H 176 0.74 4.80 -44.93
C PHE H 176 -0.33 3.86 -45.48
N SER H 177 -0.12 2.57 -45.26
CA SER H 177 -1.01 1.52 -45.76
C SER H 177 -1.05 0.40 -44.74
N TYR H 178 -2.00 -0.53 -44.91
CA TYR H 178 -2.03 -1.70 -44.06
C TYR H 178 -0.79 -2.56 -44.26
N MET H 179 -0.21 -2.55 -45.47
CA MET H 179 1.01 -3.31 -45.71
C MET H 179 2.16 -2.78 -44.85
N LYS H 180 2.29 -1.45 -44.77
CA LYS H 180 3.35 -0.87 -43.96
C LYS H 180 3.09 -1.09 -42.48
N LEU H 181 1.82 -1.04 -42.06
CA LEU H 181 1.48 -1.36 -40.68
C LEU H 181 1.88 -2.80 -40.34
N THR H 182 1.60 -3.72 -41.27
CA THR H 182 1.94 -5.12 -41.05
C THR H 182 3.45 -5.32 -40.95
N LYS H 183 4.22 -4.67 -41.85
CA LYS H 183 5.67 -4.79 -41.76
C LYS H 183 6.20 -4.20 -40.45
N ALA H 184 5.64 -3.06 -40.02
CA ALA H 184 6.08 -2.46 -38.76
C ALA H 184 5.79 -3.38 -37.58
N VAL H 185 4.59 -3.98 -37.55
CA VAL H 185 4.24 -4.88 -36.47
C VAL H 185 5.19 -6.08 -36.45
N ARG H 186 5.51 -6.61 -37.63
CA ARG H 186 6.41 -7.76 -37.69
C ARG H 186 7.79 -7.39 -37.18
N TYR H 187 8.31 -6.21 -37.59
CA TYR H 187 9.61 -5.78 -37.09
C TYR H 187 9.58 -5.59 -35.57
N LEU H 188 8.47 -5.07 -35.04
CA LEU H 188 8.35 -4.82 -33.61
C LEU H 188 8.11 -6.09 -32.82
N GLN H 189 7.90 -7.23 -33.47
CA GLN H 189 7.87 -8.48 -32.73
C GLN H 189 9.20 -8.78 -32.06
N GLN H 190 10.30 -8.22 -32.57
CA GLN H 190 11.59 -8.33 -31.91
C GLN H 190 11.64 -7.39 -30.71
N PRO H 191 11.93 -7.87 -29.50
CA PRO H 191 11.90 -6.97 -28.34
C PRO H 191 12.92 -5.86 -28.45
N ASP H 192 14.06 -6.14 -29.09
CA ASP H 192 15.11 -5.14 -29.22
C ASP H 192 14.66 -3.94 -30.04
N CYS H 193 13.72 -4.13 -30.95
CA CYS H 193 13.30 -3.08 -31.86
C CYS H 193 12.64 -1.92 -31.10
N LEU H 194 13.03 -0.70 -31.43
CA LEU H 194 12.45 0.50 -30.84
C LEU H 194 11.27 0.99 -31.67
N LEU H 195 10.35 1.70 -31.02
CA LEU H 195 9.26 2.39 -31.69
C LEU H 195 9.36 3.87 -31.34
N VAL H 196 9.53 4.71 -32.37
CA VAL H 196 9.71 6.15 -32.18
C VAL H 196 8.67 6.88 -33.01
N GLY H 197 8.06 7.90 -32.42
CA GLY H 197 7.11 8.76 -33.12
C GLY H 197 7.57 10.20 -33.12
N THR H 198 7.47 10.86 -34.28
CA THR H 198 7.89 12.25 -34.38
C THR H 198 6.99 13.16 -33.53
N ASN H 199 5.69 12.91 -33.55
CA ASN H 199 4.73 13.68 -32.77
C ASN H 199 3.47 12.83 -32.59
N MET H 200 2.58 13.30 -31.73
CA MET H 200 1.35 12.57 -31.40
C MET H 200 0.10 13.36 -31.78
N ASP H 201 0.23 14.41 -32.58
CA ASP H 201 -0.92 15.24 -32.92
C ASP H 201 -1.94 14.44 -33.71
N ASN H 202 -3.21 14.56 -33.31
CA ASN H 202 -4.28 13.86 -34.04
C ASN H 202 -4.56 14.55 -35.37
N ARG H 203 -4.28 15.85 -35.45
CA ARG H 203 -4.55 16.63 -36.65
C ARG H 203 -3.37 17.55 -36.93
N LEU H 204 -3.11 17.75 -38.21
CA LEU H 204 -2.10 18.66 -38.69
C LEU H 204 -2.80 19.92 -39.16
N PRO H 205 -2.51 21.08 -38.56
CA PRO H 205 -3.17 22.32 -38.96
C PRO H 205 -2.74 22.75 -40.36
N LEU H 206 -3.71 23.28 -41.10
CA LEU H 206 -3.49 23.78 -42.44
C LEU H 206 -4.02 25.21 -42.53
N GLU H 207 -3.86 25.81 -43.70
CA GLU H 207 -4.27 27.19 -43.91
C GLU H 207 -5.78 27.35 -43.84
N ASN H 208 -6.22 28.49 -43.29
CA ASN H 208 -7.63 28.88 -43.28
C ASN H 208 -8.50 27.92 -42.48
N GLY H 209 -7.94 27.31 -41.44
CA GLY H 209 -8.70 26.44 -40.58
C GLY H 209 -8.93 25.03 -41.09
N ARG H 210 -8.39 24.66 -42.24
CA ARG H 210 -8.50 23.27 -42.68
C ARG H 210 -7.45 22.44 -41.94
N PHE H 211 -7.67 21.13 -41.90
CA PHE H 211 -6.77 20.23 -41.20
C PHE H 211 -6.75 18.89 -41.90
N ILE H 212 -5.68 18.12 -41.66
CA ILE H 212 -5.65 16.73 -42.11
C ILE H 212 -5.22 15.84 -40.95
N ALA H 213 -5.34 14.53 -41.14
CA ALA H 213 -5.04 13.62 -40.04
C ALA H 213 -3.56 13.72 -39.67
N GLY H 214 -3.29 13.76 -38.36
CA GLY H 214 -1.93 13.92 -37.88
C GLY H 214 -1.20 12.60 -37.71
N THR H 215 0.12 12.73 -37.49
CA THR H 215 0.96 11.56 -37.27
C THR H 215 0.51 10.75 -36.06
N GLY H 216 -0.13 11.38 -35.09
CA GLY H 216 -0.56 10.65 -33.90
C GLY H 216 -1.48 9.49 -34.22
N CYS H 217 -2.33 9.64 -35.24
CA CYS H 217 -3.21 8.56 -35.64
C CYS H 217 -2.41 7.33 -36.07
N LEU H 218 -1.40 7.55 -36.91
CA LEU H 218 -0.55 6.46 -37.38
C LEU H 218 0.23 5.83 -36.24
N VAL H 219 0.80 6.66 -35.36
CA VAL H 219 1.58 6.15 -34.25
C VAL H 219 0.69 5.31 -33.33
N ARG H 220 -0.55 5.75 -33.12
CA ARG H 220 -1.48 5.00 -32.28
C ARG H 220 -1.84 3.66 -32.90
N ALA H 221 -2.07 3.63 -34.21
CA ALA H 221 -2.34 2.36 -34.88
C ALA H 221 -1.20 1.38 -34.65
N VAL H 222 0.05 1.84 -34.85
CA VAL H 222 1.19 0.95 -34.65
C VAL H 222 1.29 0.52 -33.19
N GLU H 223 1.06 1.45 -32.26
CA GLU H 223 1.12 1.11 -30.85
C GLU H 223 0.13 0.00 -30.52
N MET H 224 -1.10 0.12 -31.02
CA MET H 224 -2.13 -0.86 -30.70
C MET H 224 -1.79 -2.23 -31.29
N ALA H 225 -1.39 -2.27 -32.56
CA ALA H 225 -1.14 -3.57 -33.18
C ALA H 225 0.10 -4.23 -32.58
N ALA H 226 1.12 -3.45 -32.25
CA ALA H 226 2.34 -3.98 -31.65
C ALA H 226 2.25 -4.08 -30.14
N GLN H 227 1.15 -3.61 -29.54
CA GLN H 227 0.97 -3.63 -28.09
C GLN H 227 2.18 -3.01 -27.41
N ARG H 228 2.57 -1.83 -27.91
CA ARG H 228 3.74 -1.12 -27.43
C ARG H 228 3.41 0.35 -27.26
N GLN H 229 4.26 1.03 -26.48
CA GLN H 229 4.20 2.47 -26.28
C GLN H 229 5.35 3.15 -27.00
N ALA H 230 5.02 4.11 -27.87
CA ALA H 230 6.02 4.80 -28.66
C ALA H 230 6.69 5.92 -27.87
N ASP H 231 7.93 6.22 -28.23
CA ASP H 231 8.66 7.37 -27.70
C ASP H 231 8.48 8.56 -28.63
N ILE H 232 7.98 9.67 -28.09
CA ILE H 232 7.64 10.84 -28.89
C ILE H 232 8.78 11.85 -28.82
N ILE H 233 9.27 12.28 -29.98
CA ILE H 233 10.40 13.20 -30.06
C ILE H 233 9.93 14.66 -30.04
N GLY H 234 8.81 14.97 -30.70
CA GLY H 234 8.42 16.34 -30.94
C GLY H 234 7.77 17.04 -29.75
N LYS H 235 7.56 18.35 -29.92
CA LYS H 235 6.86 19.15 -28.93
C LYS H 235 5.52 18.50 -28.60
N PRO H 236 5.09 18.51 -27.33
CA PRO H 236 5.65 19.26 -26.19
C PRO H 236 6.74 18.51 -25.43
N SER H 237 7.17 17.36 -25.94
CA SER H 237 8.19 16.58 -25.26
C SER H 237 9.47 17.41 -25.13
N ARG H 238 10.13 17.30 -23.98
CA ARG H 238 11.30 18.14 -23.75
C ARG H 238 12.51 17.70 -24.56
N PHE H 239 12.51 16.51 -25.15
CA PHE H 239 13.67 16.08 -25.92
C PHE H 239 14.03 17.11 -26.99
N ILE H 240 13.04 17.70 -27.63
CA ILE H 240 13.33 18.65 -28.71
C ILE H 240 14.14 19.81 -28.16
N PHE H 241 13.82 20.28 -26.95
CA PHE H 241 14.63 21.34 -26.36
C PHE H 241 16.05 20.85 -26.14
N ASP H 242 16.19 19.61 -25.65
CA ASP H 242 17.52 19.03 -25.49
C ASP H 242 18.22 18.95 -26.83
N CYS H 243 17.49 18.53 -27.87
CA CYS H 243 18.04 18.50 -29.21
C CYS H 243 18.62 19.86 -29.58
N VAL H 244 17.92 20.93 -29.19
CA VAL H 244 18.44 22.28 -29.42
C VAL H 244 19.61 22.57 -28.50
N SER H 245 19.47 22.25 -27.21
CA SER H 245 20.47 22.70 -26.25
C SER H 245 21.83 22.06 -26.51
N GLN H 246 21.86 20.79 -26.96
CA GLN H 246 23.14 20.16 -27.24
C GLN H 246 24.01 21.00 -28.15
N GLU H 247 23.41 21.76 -29.06
CA GLU H 247 24.22 22.60 -29.93
C GLU H 247 24.32 24.03 -29.43
N TYR H 248 23.26 24.54 -28.79
CA TYR H 248 23.26 25.95 -28.41
C TYR H 248 23.80 26.17 -27.01
N GLY H 249 23.60 25.22 -26.09
CA GLY H 249 23.96 25.44 -24.71
C GLY H 249 23.06 26.52 -24.15
N ILE H 250 21.76 26.22 -24.05
CA ILE H 250 20.80 27.26 -23.72
C ILE H 250 20.88 27.62 -22.25
N ASN H 251 20.84 28.92 -21.97
CA ASN H 251 20.67 29.43 -20.62
C ASN H 251 19.21 29.85 -20.50
N PRO H 252 18.38 29.11 -19.76
CA PRO H 252 16.93 29.40 -19.78
C PRO H 252 16.61 30.83 -19.39
N GLU H 253 17.35 31.41 -18.44
CA GLU H 253 17.03 32.75 -17.97
C GLU H 253 17.21 33.79 -19.06
N ARG H 254 18.11 33.56 -20.00
CA ARG H 254 18.37 34.52 -21.07
C ARG H 254 17.86 34.04 -22.44
N THR H 255 16.83 33.18 -22.44
CA THR H 255 16.27 32.63 -23.67
C THR H 255 14.75 32.77 -23.68
N VAL H 256 14.20 33.10 -24.85
CA VAL H 256 12.77 33.29 -25.03
C VAL H 256 12.26 32.32 -26.08
N MET H 257 11.04 31.81 -25.88
CA MET H 257 10.36 30.90 -26.81
C MET H 257 9.19 31.64 -27.43
N VAL H 258 9.17 31.75 -28.76
CA VAL H 258 8.11 32.40 -29.50
C VAL H 258 7.35 31.30 -30.26
N GLY H 259 6.03 31.21 -30.02
CA GLY H 259 5.25 30.14 -30.60
C GLY H 259 3.80 30.58 -30.77
N ASP H 260 3.08 29.78 -31.56
CA ASP H 260 1.68 30.06 -31.86
C ASP H 260 0.70 29.09 -31.19
N ARG H 261 1.17 27.96 -30.68
CA ARG H 261 0.29 26.90 -30.21
C ARG H 261 0.56 26.66 -28.72
N LEU H 262 -0.50 26.76 -27.90
CA LEU H 262 -0.33 26.58 -26.46
C LEU H 262 0.02 25.14 -26.09
N ASP H 263 -0.61 24.17 -26.75
CA ASP H 263 -0.40 22.78 -26.35
C ASP H 263 1.01 22.29 -26.63
N THR H 264 1.72 22.91 -27.57
CA THR H 264 3.08 22.50 -27.92
C THR H 264 4.11 23.56 -27.55
N ASP H 265 4.09 24.73 -28.19
CA ASP H 265 5.20 25.67 -28.05
C ASP H 265 5.26 26.25 -26.63
N ILE H 266 4.14 26.82 -26.17
CA ILE H 266 4.14 27.49 -24.88
C ILE H 266 4.40 26.50 -23.76
N LEU H 267 3.85 25.28 -23.88
CA LEU H 267 4.10 24.25 -22.87
C LEU H 267 5.56 23.87 -22.81
N LEU H 268 6.22 23.71 -23.97
CA LEU H 268 7.65 23.43 -23.96
C LEU H 268 8.43 24.55 -23.28
N GLY H 269 8.08 25.81 -23.59
CA GLY H 269 8.75 26.92 -22.92
C GLY H 269 8.58 26.87 -21.42
N SER H 270 7.36 26.58 -20.95
CA SER H 270 7.09 26.55 -19.52
C SER H 270 7.85 25.41 -18.84
N THR H 271 7.84 24.22 -19.44
CA THR H 271 8.51 23.07 -18.83
C THR H 271 10.02 23.25 -18.79
N CYS H 272 10.60 23.95 -19.76
CA CYS H 272 12.04 24.14 -19.85
C CYS H 272 12.50 25.47 -19.24
N SER H 273 11.62 26.16 -18.52
CA SER H 273 11.97 27.38 -17.78
C SER H 273 12.47 28.48 -18.72
N LEU H 274 11.75 28.67 -19.83
CA LEU H 274 12.02 29.74 -20.77
C LEU H 274 10.89 30.77 -20.74
N LYS H 275 11.23 32.04 -20.98
CA LYS H 275 10.20 33.07 -21.14
C LYS H 275 9.46 32.80 -22.44
N THR H 276 8.13 32.97 -22.43
CA THR H 276 7.30 32.59 -23.56
C THR H 276 6.54 33.79 -24.13
N ILE H 277 6.52 33.89 -25.45
CA ILE H 277 5.73 34.89 -26.17
C ILE H 277 4.78 34.14 -27.11
N LEU H 278 3.50 34.50 -27.06
CA LEU H 278 2.49 33.91 -27.92
C LEU H 278 2.16 34.86 -29.06
N THR H 279 2.21 34.33 -30.29
CA THR H 279 1.84 35.09 -31.48
C THR H 279 0.46 34.62 -31.94
N LEU H 280 -0.41 35.57 -32.23
CA LEU H 280 -1.79 35.27 -32.60
C LEU H 280 -1.96 35.07 -34.09
N THR H 281 -0.85 34.98 -34.83
CA THR H 281 -0.86 34.69 -36.25
C THR H 281 -1.15 33.22 -36.54
N GLY H 282 -1.27 32.38 -35.50
CA GLY H 282 -1.48 30.96 -35.69
C GLY H 282 -2.72 30.39 -35.05
N VAL H 283 -2.61 29.13 -34.60
CA VAL H 283 -3.79 28.37 -34.18
C VAL H 283 -4.43 28.99 -32.93
N SER H 284 -3.63 29.28 -31.90
CA SER H 284 -4.18 29.65 -30.61
C SER H 284 -4.62 31.11 -30.59
N SER H 285 -5.54 31.40 -29.66
CA SER H 285 -6.15 32.72 -29.53
C SER H 285 -6.13 33.14 -28.06
N LEU H 286 -6.40 34.43 -27.84
CA LEU H 286 -6.48 34.93 -26.47
C LEU H 286 -7.65 34.29 -25.73
N GLU H 287 -8.72 33.93 -26.44
CA GLU H 287 -9.83 33.22 -25.82
C GLU H 287 -9.39 31.86 -25.29
N ASP H 288 -8.57 31.15 -26.07
CA ASP H 288 -8.03 29.88 -25.60
C ASP H 288 -7.16 30.07 -24.38
N VAL H 289 -6.35 31.14 -24.37
CA VAL H 289 -5.51 31.41 -23.21
C VAL H 289 -6.39 31.68 -22.00
N LYS H 290 -7.51 32.38 -22.21
CA LYS H 290 -8.46 32.66 -21.13
C LYS H 290 -9.05 31.37 -20.58
N SER H 291 -9.47 30.46 -21.48
CA SER H 291 -9.99 29.18 -21.03
C SER H 291 -8.95 28.43 -20.21
N ASN H 292 -7.68 28.44 -20.65
CA ASN H 292 -6.63 27.79 -19.87
C ASN H 292 -6.39 28.49 -18.55
N GLN H 293 -6.61 29.81 -18.51
CA GLN H 293 -6.38 30.61 -17.32
C GLN H 293 -7.37 30.28 -16.21
N GLU H 294 -8.50 29.66 -16.55
CA GLU H 294 -9.50 29.28 -15.58
C GLU H 294 -9.01 28.10 -14.76
N SER H 295 -9.62 27.91 -13.58
CA SER H 295 -9.18 26.85 -12.66
C SER H 295 -9.94 25.56 -12.97
N ASP H 296 -9.31 24.73 -13.80
CA ASP H 296 -9.77 23.37 -14.06
C ASP H 296 -8.65 22.35 -13.94
N SER H 297 -7.44 22.68 -14.40
CA SER H 297 -6.33 21.74 -14.36
C SER H 297 -5.03 22.53 -14.32
N MET H 298 -4.03 21.97 -13.64
CA MET H 298 -2.71 22.58 -13.59
C MET H 298 -2.02 22.54 -14.96
N PHE H 299 -2.23 21.48 -15.73
CA PHE H 299 -1.67 21.41 -17.07
C PHE H 299 -2.10 22.62 -17.90
N LYS H 300 -3.36 23.02 -17.79
CA LYS H 300 -3.86 24.14 -18.58
C LYS H 300 -3.17 25.44 -18.16
N LYS H 301 -2.88 25.58 -16.86
CA LYS H 301 -2.18 26.76 -16.39
C LYS H 301 -0.76 26.83 -16.93
N LYS H 302 -0.09 25.68 -17.05
CA LYS H 302 1.24 25.71 -17.67
C LYS H 302 1.17 26.19 -19.11
N MET H 303 0.03 25.96 -19.77
CA MET H 303 -0.19 26.37 -21.16
C MET H 303 -0.75 27.79 -21.24
N VAL H 304 -0.09 28.73 -20.55
CA VAL H 304 -0.46 30.14 -20.60
C VAL H 304 0.80 30.95 -20.88
N PRO H 305 0.79 31.85 -21.86
CA PRO H 305 2.03 32.58 -22.19
C PRO H 305 2.36 33.67 -21.18
N ASP H 306 3.66 33.92 -21.03
CA ASP H 306 4.11 35.04 -20.22
C ASP H 306 3.78 36.37 -20.89
N PHE H 307 3.93 36.44 -22.21
CA PHE H 307 3.62 37.62 -23.00
C PHE H 307 2.85 37.18 -24.23
N TYR H 308 2.11 38.11 -24.84
CA TYR H 308 1.38 37.82 -26.06
C TYR H 308 1.58 38.96 -27.04
N VAL H 309 1.56 38.62 -28.32
CA VAL H 309 1.75 39.59 -29.40
C VAL H 309 0.81 39.24 -30.55
N ASP H 310 0.33 40.28 -31.24
CA ASP H 310 -0.51 40.04 -32.42
C ASP H 310 0.30 39.43 -33.56
N SER H 311 1.51 39.92 -33.77
CA SER H 311 2.43 39.38 -34.76
C SER H 311 3.84 39.65 -34.25
N ILE H 312 4.81 38.88 -34.75
CA ILE H 312 6.17 39.11 -34.29
C ILE H 312 6.70 40.46 -34.81
N ALA H 313 6.09 40.98 -35.88
CA ALA H 313 6.50 42.27 -36.39
C ALA H 313 6.37 43.37 -35.35
N ASP H 314 5.54 43.16 -34.34
CA ASP H 314 5.36 44.12 -33.26
C ASP H 314 6.62 44.34 -32.45
N LEU H 315 7.62 43.48 -32.58
CA LEU H 315 8.92 43.68 -31.93
C LEU H 315 9.85 44.58 -32.72
N LEU H 316 9.51 44.92 -33.97
CA LEU H 316 10.41 45.73 -34.78
C LEU H 316 10.66 47.11 -34.18
N PRO H 317 9.67 47.80 -33.58
CA PRO H 317 9.96 49.10 -32.97
C PRO H 317 11.04 49.07 -31.89
N ALA H 318 11.10 47.99 -31.09
CA ALA H 318 12.08 47.93 -30.03
C ALA H 318 13.48 47.62 -30.56
N LEU H 319 13.57 47.15 -31.80
CA LEU H 319 14.85 46.85 -32.44
C LEU H 319 15.30 47.99 -33.34
N GLN H 320 14.38 48.90 -33.69
CA GLN H 320 14.66 50.02 -34.59
C GLN H 320 15.33 49.53 -35.88
N GLY H 321 14.78 48.46 -36.44
CA GLY H 321 15.32 47.87 -37.66
C GLY H 321 14.27 47.46 -38.66
C ACT I . 46.00 -2.95 -4.74
O ACT I . 46.37 -1.93 -5.40
OXT ACT I . 44.83 -3.32 -4.45
CH3 ACT I . 47.14 -3.87 -4.21
H1 ACT I . 47.00 -4.77 -4.53
H2 ACT I . 47.14 -3.87 -3.24
H3 ACT I . 48.00 -3.54 -4.54
S SO4 J . 60.09 18.40 -30.28
O1 SO4 J . 59.53 18.19 -31.60
O2 SO4 J . 61.02 19.53 -30.32
O3 SO4 J . 59.03 18.69 -29.32
O4 SO4 J . 60.81 17.19 -29.86
C1 GOL K . 21.31 -30.28 -4.48
O1 GOL K . 21.28 -29.48 -3.33
C2 GOL K . 21.86 -29.40 -5.62
O2 GOL K . 23.17 -29.04 -5.40
C3 GOL K . 21.70 -30.23 -6.90
O3 GOL K . 22.67 -31.22 -6.85
H11 GOL K . 20.43 -30.62 -4.72
H12 GOL K . 21.87 -31.06 -4.37
HO1 GOL K . 21.80 -28.82 -3.48
H2 GOL K . 21.35 -28.58 -5.68
HO2 GOL K . 23.19 -28.22 -5.15
H31 GOL K . 21.78 -29.65 -7.67
H32 GOL K . 20.80 -30.59 -6.93
HO3 GOL K . 22.68 -31.60 -7.62
C ACT L . 13.27 -14.49 -9.95
O ACT L . 14.48 -14.14 -9.77
OXT ACT L . 12.82 -15.62 -10.28
CH3 ACT L . 12.23 -13.37 -9.70
H1 ACT L . 11.36 -13.67 -10.00
H2 ACT L . 12.49 -12.58 -10.20
H3 ACT L . 12.20 -13.16 -8.76
C1 GOL M . 22.02 -23.35 -2.85
O1 GOL M . 22.55 -22.27 -2.15
C2 GOL M . 23.21 -24.26 -3.25
O2 GOL M . 22.79 -25.50 -3.70
C3 GOL M . 23.98 -23.46 -4.33
O3 GOL M . 24.93 -24.32 -4.88
H11 GOL M . 21.54 -23.10 -3.64
H12 GOL M . 21.39 -23.87 -2.32
HO1 GOL M . 21.88 -21.79 -1.92
H2 GOL M . 23.78 -24.43 -2.48
HO2 GOL M . 23.31 -25.74 -4.34
H31 GOL M . 24.36 -22.67 -3.92
H32 GOL M . 23.34 -23.12 -4.98
HO3 GOL M . 25.48 -24.50 -4.26
S SO4 N . 9.50 -43.30 -32.61
O1 SO4 N . 8.50 -42.73 -33.51
O2 SO4 N . 10.06 -44.50 -33.21
O3 SO4 N . 10.57 -42.32 -32.38
O4 SO4 N . 8.88 -43.63 -31.33
C1 GOL O . 6.93 10.28 46.17
O1 GOL O . 5.91 11.13 46.60
C2 GOL O . 6.56 9.88 44.73
O2 GOL O . 5.24 9.52 44.60
C3 GOL O . 6.91 11.12 43.87
O3 GOL O . 6.74 10.75 42.55
H11 GOL O . 7.00 9.48 46.71
H12 GOL O . 7.81 10.70 46.18
HO1 GOL O . 5.81 10.97 47.43
H2 GOL O . 7.09 9.11 44.44
HO2 GOL O . 4.86 9.66 45.35
H31 GOL O . 7.82 11.40 44.09
H32 GOL O . 6.35 11.85 44.16
HO3 GOL O . 6.89 11.44 42.08
C ACT P . 16.07 -4.79 44.16
O ACT P . 16.49 -3.59 44.23
OXT ACT P . 15.02 -5.24 43.58
CH3 ACT P . 16.96 -5.86 44.86
H1 ACT P . 17.85 -5.84 44.47
H2 ACT P . 17.01 -5.65 45.80
H3 ACT P . 16.57 -6.74 44.74
C1 GOL Q . -2.99 -7.41 22.72
O1 GOL Q . -3.44 -6.30 23.47
C2 GOL Q . -1.78 -8.00 23.48
O2 GOL Q . -2.04 -8.12 24.84
C3 GOL Q . -1.53 -9.37 22.81
O3 GOL Q . -0.30 -9.85 23.28
H11 GOL Q . -2.71 -7.16 21.82
H12 GOL Q . -3.67 -8.09 22.62
HO1 GOL Q . -3.09 -6.39 24.24
H2 GOL Q . -1.01 -7.43 23.41
HO2 GOL Q . -1.57 -8.75 25.14
H31 GOL Q . -1.54 -9.25 21.84
H32 GOL Q . -2.27 -9.96 22.99
HO3 GOL Q . -0.16 -10.59 22.90
C1 GOL R . 19.80 -1.81 36.16
O1 GOL R . 19.16 -2.04 34.93
C2 GOL R . 19.37 -2.94 37.13
O2 GOL R . 19.95 -2.75 38.39
C3 GOL R . 19.83 -4.27 36.50
O3 GOL R . 18.71 -4.81 35.86
H11 GOL R . 19.57 -0.95 36.54
H12 GOL R . 20.77 -1.82 36.06
HO1 GOL R . 18.59 -2.65 35.07
H2 GOL R . 18.41 -2.93 37.25
HO2 GOL R . 19.39 -2.33 38.88
H31 GOL R . 20.19 -4.85 37.19
H32 GOL R . 20.57 -4.09 35.89
HO3 GOL R . 18.98 -5.45 35.38
S SO4 S . 29.66 24.69 27.22
O1 SO4 S . 29.44 24.49 25.79
O2 SO4 S . 31.07 25.01 27.45
O3 SO4 S . 28.82 25.78 27.71
O4 SO4 S . 29.31 23.47 27.94
C1 GOL T . -4.99 -28.62 26.69
O1 GOL T . -5.54 -29.90 26.54
C2 GOL T . -4.28 -28.28 25.35
O2 GOL T . -4.05 -29.43 24.60
C3 GOL T . -2.97 -27.55 25.76
O3 GOL T . -2.26 -27.27 24.59
H11 GOL T . -4.35 -28.57 27.42
H12 GOL T . -5.65 -27.94 26.88
HO1 GOL T . -5.96 -30.06 27.27
H2 GOL T . -4.82 -27.70 24.80
HO2 GOL T . -4.54 -30.05 24.93
H31 GOL T . -2.48 -28.12 26.38
H32 GOL T . -3.20 -26.75 26.26
HO3 GOL T . -2.49 -27.85 24.01
C ACT U . -14.55 -15.69 31.69
O ACT U . -14.72 -16.70 30.94
OXT ACT U . -13.52 -15.34 32.34
CH3 ACT U . -15.76 -14.74 31.85
H1 ACT U . -16.29 -14.75 31.04
H2 ACT U . -15.44 -13.84 32.02
H3 ACT U . -16.30 -15.05 32.60
C1 GOL V . -5.69 -26.49 34.90
O1 GOL V . -4.39 -26.10 34.56
C2 GOL V . -6.19 -25.51 35.98
O2 GOL V . -7.57 -25.51 36.09
C3 GOL V . -5.50 -25.96 37.29
O3 GOL V . -5.99 -25.15 38.31
H11 GOL V . -5.73 -27.39 35.24
H12 GOL V . -6.30 -26.47 34.14
HO1 GOL V . -4.45 -25.63 33.86
H2 GOL V . -5.94 -24.59 35.76
HO2 GOL V . -7.78 -25.19 36.85
H31 GOL V . -4.54 -25.89 37.17
H32 GOL V . -5.68 -26.90 37.43
HO3 GOL V . -5.62 -25.41 39.03
S SO4 W . -7.94 -29.30 -4.27
O1 SO4 W . -8.46 -30.50 -4.91
O2 SO4 W . -6.76 -28.84 -5.00
O3 SO4 W . -7.58 -29.59 -2.89
O4 SO4 W . -8.95 -28.25 -4.31
C ACT X . -37.70 26.52 6.20
O ACT X . -37.20 27.57 6.72
OXT ACT X . -37.28 25.33 6.23
CH3 ACT X . -39.02 26.77 5.42
H1 ACT X . -39.69 27.14 6.02
H2 ACT X . -39.35 25.93 5.06
H3 ACT X . -38.86 27.39 4.70
C1 GOL Y . -23.33 -6.08 13.89
O1 GOL Y . -23.60 -7.19 13.08
C2 GOL Y . -22.20 -5.28 13.18
O2 GOL Y . -22.45 -5.10 11.84
C3 GOL Y . -22.11 -3.94 13.95
O3 GOL Y . -21.40 -3.05 13.14
H11 GOL Y . -23.03 -6.32 14.78
H12 GOL Y . -24.09 -5.50 14.01
HO1 GOL Y . -23.54 -6.92 12.28
H2 GOL Y . -21.36 -5.76 13.24
HO2 GOL Y . -22.13 -4.35 11.60
H31 GOL Y . -21.69 -4.10 14.82
H32 GOL Y . -23.01 -3.64 14.16
HO3 GOL Y . -21.06 -2.47 13.65
S SO4 Z . -36.20 38.90 44.22
O1 SO4 Z . -35.70 37.53 44.34
O2 SO4 Z . -35.69 39.48 42.99
O3 SO4 Z . -35.74 39.69 45.35
O4 SO4 Z . -37.65 38.90 44.20
C1 GOL AA . -37.29 -9.19 -1.09
O1 GOL AA . -38.26 -8.77 -0.17
C2 GOL AA . -37.64 -8.58 -2.43
O2 GOL AA . -37.91 -7.23 -2.35
C3 GOL AA . -36.43 -8.89 -3.33
O3 GOL AA . -36.81 -8.58 -4.64
H11 GOL AA . -37.26 -10.16 -1.17
H12 GOL AA . -36.40 -8.91 -0.83
H2 GOL AA . -38.45 -8.99 -2.80
HO2 GOL AA . -37.34 -6.81 -2.83
H31 GOL AA . -36.17 -9.82 -3.21
H32 GOL AA . -35.67 -8.37 -3.02
HO3 GOL AA . -37.41 -7.99 -4.58
C ACT BA . -21.38 -3.75 4.60
O ACT BA . -21.83 -2.57 4.41
OXT ACT BA . -22.01 -4.85 4.68
CH3 ACT BA . -19.82 -3.83 4.73
H1 ACT BA . -19.52 -3.14 5.33
H2 ACT BA . -19.58 -4.70 5.07
H3 ACT BA . -19.43 -3.71 3.86
C1 GOL CA . -39.69 -34.60 10.29
O1 GOL CA . -40.80 -35.12 9.64
C2 GOL CA . -39.55 -35.35 11.63
O2 GOL CA . -38.47 -34.88 12.36
C3 GOL CA . -40.89 -35.13 12.34
O3 GOL CA . -40.69 -35.44 13.70
H11 GOL CA . -39.77 -33.65 10.46
H12 GOL CA . -38.87 -34.71 9.76
HO1 GOL CA . -40.84 -34.76 8.87
H2 GOL CA . -39.39 -36.29 11.48
HO2 GOL CA . -38.61 -35.07 13.19
H31 GOL CA . -41.57 -35.68 11.92
H32 GOL CA . -41.18 -34.21 12.20
HO3 GOL CA . -41.44 -35.35 14.08
S SO4 DA . -34.30 8.17 19.22
O1 SO4 DA . -34.28 6.79 18.74
O2 SO4 DA . -33.78 9.05 18.18
O3 SO4 DA . -33.48 8.28 20.43
O4 SO4 DA . -35.68 8.55 19.55
S SO4 EA . -40.19 -32.01 20.09
O1 SO4 EA . -40.87 -32.89 19.15
O2 SO4 EA . -39.30 -31.12 19.36
O3 SO4 EA . -39.41 -32.81 21.04
O4 SO4 EA . -41.18 -31.23 20.83
C ACT FA . 3.39 -11.74 -37.00
O ACT FA . 3.14 -10.50 -36.93
OXT ACT FA . 2.57 -12.70 -37.03
CH3 ACT FA . 4.88 -12.13 -37.08
H1 ACT FA . 5.11 -12.69 -36.31
H2 ACT FA . 5.05 -12.64 -37.90
H3 ACT FA . 5.43 -11.34 -37.08
C1 GOL GA . -12.74 -16.06 -38.56
O1 GOL GA . -14.05 -15.68 -38.87
C2 GOL GA . -12.67 -16.27 -37.01
O2 GOL GA . -11.39 -16.63 -36.62
C3 GOL GA . -13.11 -14.93 -36.38
O3 GOL GA . -13.57 -15.22 -35.09
H11 GOL GA . -12.08 -15.39 -38.82
H12 GOL GA . -12.47 -16.88 -38.99
HO1 GOL GA . -14.02 -15.36 -39.66
H2 GOL GA . -13.27 -16.98 -36.75
HO2 GOL GA . -11.33 -16.51 -35.78
H31 GOL GA . -13.77 -14.50 -36.95
H32 GOL GA . -12.35 -14.32 -36.38
HO3 GOL GA . -13.82 -14.49 -34.74
C ACT HA . -11.29 19.69 -43.79
O ACT HA . -10.41 20.53 -43.47
OXT ACT HA . -11.58 18.58 -43.27
CH3 ACT HA . -12.16 20.10 -45.03
H1 ACT HA . -11.58 20.23 -45.80
H2 ACT HA . -12.64 20.91 -44.84
H3 ACT HA . -12.80 19.39 -45.22
C1 GOL IA . 2.07 50.27 -28.78
O1 GOL IA . 0.74 49.87 -28.96
C2 GOL IA . 2.39 50.09 -27.29
O2 GOL IA . 3.71 50.45 -27.00
C3 GOL IA . 1.38 50.98 -26.54
O3 GOL IA . 1.79 51.01 -25.20
H11 GOL IA . 2.22 51.19 -29.03
H12 GOL IA . 2.68 49.74 -29.31
HO1 GOL IA . 0.57 49.94 -29.79
H2 GOL IA . 2.30 49.16 -27.03
HO2 GOL IA . 3.72 50.72 -26.19
H31 GOL IA . 0.49 50.61 -26.66
H32 GOL IA . 1.35 51.85 -26.96
HO3 GOL IA . 1.23 51.50 -24.79
C1 GOL JA . 21.12 26.98 -47.58
O1 GOL JA . 21.06 28.37 -47.39
C2 GOL JA . 21.91 26.38 -46.40
O2 GOL JA . 22.16 25.03 -46.59
C3 GOL JA . 23.20 27.22 -46.29
O3 GOL JA . 24.00 26.60 -45.31
H11 GOL JA . 21.57 26.76 -48.42
H12 GOL JA . 20.25 26.58 -47.63
HO1 GOL JA . 20.53 28.68 -47.99
H2 GOL JA . 21.39 26.46 -45.58
HO2 GOL JA . 22.89 24.84 -46.19
H31 GOL JA . 22.97 28.13 -46.07
H32 GOL JA . 23.63 27.26 -47.16
HO3 GOL JA . 23.57 26.66 -44.58
C1 GOL KA . 6.30 23.64 -44.11
O1 GOL KA . 7.36 23.64 -45.01
C2 GOL KA . 6.92 23.72 -42.69
O2 GOL KA . 7.95 24.64 -42.63
C3 GOL KA . 5.74 24.09 -41.76
O3 GOL KA . 6.19 23.97 -40.44
H11 GOL KA . 5.74 22.85 -44.17
H12 GOL KA . 5.71 24.40 -44.23
HO1 GOL KA . 7.67 24.42 -45.03
H2 GOL KA . 7.31 22.87 -42.43
HO2 GOL KA . 8.55 24.40 -43.18
H31 GOL KA . 4.98 23.51 -41.96
H32 GOL KA . 5.43 24.99 -41.98
HO3 GOL KA . 7.03 24.13 -40.46
C1 GOL LA . 19.51 23.95 -18.10
O1 GOL LA . 19.80 23.48 -16.82
C2 GOL LA . 18.57 22.91 -18.76
O2 GOL LA . 19.12 21.64 -18.79
C3 GOL LA . 17.27 22.98 -17.92
O3 GOL LA . 16.33 22.15 -18.54
H11 GOL LA . 20.30 24.04 -18.66
H12 GOL LA . 19.09 24.81 -18.10
HO1 GOL LA . 19.79 22.63 -16.86
H2 GOL LA . 18.39 23.15 -19.68
HO2 GOL LA . 18.57 21.12 -19.16
H31 GOL LA . 16.99 23.90 -17.84
H32 GOL LA . 17.47 22.70 -17.01
HO3 GOL LA . 15.56 22.44 -18.33
CA CA MA . 5.89 14.83 -38.40
S SO4 NA . -1.91 47.08 -21.38
O1 SO4 NA . -1.15 48.34 -21.34
O2 SO4 NA . -1.20 46.10 -22.19
O3 SO4 NA . -3.22 47.35 -21.96
O4 SO4 NA . -2.08 46.58 -20.02
#